data_7YEA
#
_entry.id   7YEA
#
_cell.length_a   1.00
_cell.length_b   1.00
_cell.length_c   1.00
_cell.angle_alpha   90.00
_cell.angle_beta   90.00
_cell.angle_gamma   90.00
#
_symmetry.space_group_name_H-M   'P 1'
#
_entity_poly.entity_id   1
_entity_poly.type   'polypeptide(L)'
_entity_poly.pdbx_seq_one_letter_code
;MASSVGNVADSTEPTKRMLSFQGPMELAHREYQAGDFEAAERHCMQLWRQEPDNTGVLLLLSSIHFECRRLDRSAHFSTL
AIKQNPLLAEAYSNLGNVYKERGQLQEAIEHYRHALRLKPDFIDGYINLAAALVAAGDMEGAVQAYVSALQYNPDLYCVR
SDLGNLLKALGRLEEAKACYLKAIETQPNFAVAWSNLGCVFNAQGEIWLAIHHFEKAVTLDPNFLDAYINLGNVLKEARI
FDRAVAAYLRALSLSPNHAVVHGNLACVYYEQGLIDLAIDTYRRAIELQPHFPDAYCNLANALKEKGSVAEAEDCYNTAL
RLCPTHADSLNNLANIKREQGNIEEAVRLYRKALEVFPEFAAAHSNLASVLQQQGKLQEALMHYKEAIRISPTFADAYSN
MGNTLKEMQDVQGALQCYTRAIQINPAFADAHSNLASIHKDSGNIPEAIASYRTALKLKPDFPDAYCNLAHCLQIVCDWT
DYDERMKKLVSIVADQLEKNRLPSVHPHHSMLYPLSHGFRKAIAERHGNLCLDKINVLHKPPYEHPKDLKLSDGRLRVGY
VSSDFGNHPTSHLMQSIPGMHNPDKFEVFCYALSPDDGTNFRVKVMAEANHFIDLSQIPCNGKAADRIHQDGIHILVNMN
GYTKGARNELFALRPAPIQAMWLGYPGTSGALFMDYIITDQETSPAEVAEQYSEKLAYMPHTFFIGDHANMFPHLKKKAV
IDFKSNGHIYDNRIVLNGIDLKAFLDSLPDVKIVKMKCPDGGDNADSSNTALNMPVIPMNTIAEAVIEMINRGQIQITIN
GFSISNGLATTQINNKAATGEEVPRTIIVTTRSQYGLPEDAIVYCNFNQLYKIDPSTLQMWANILKRVPNSVLWLLRFPA
VGEPNIQQYAQNMGLPQNRIIFSPVAPKEEHVRRGQLADVCLDTPLCNGHTTGMDVLWAGTPMVTMPGETLASRVAASQL
TCLGCLELIAKNRQEYEDIAVKLGTDLEYLKKVRGKVWKQRISSPLFNTKQYTMELERLYLQMWEHYAAGNKPDHMIKPV
EVTESAHHHHHH
;
_entity_poly.pdbx_strand_id   A,B
#
# COMPACT_ATOMS: atom_id res chain seq x y z
N GLY A 23 2.63 -80.52 10.05
CA GLY A 23 2.47 -80.66 11.49
C GLY A 23 3.04 -79.48 12.25
N PRO A 24 4.08 -79.74 13.06
CA PRO A 24 4.72 -78.64 13.78
C PRO A 24 5.52 -77.76 12.84
N MET A 25 4.95 -76.61 12.51
CA MET A 25 5.46 -75.77 11.43
C MET A 25 4.76 -74.42 11.50
N GLU A 26 5.54 -73.35 11.34
CA GLU A 26 5.02 -72.00 11.52
C GLU A 26 4.75 -71.29 10.20
N LEU A 27 4.73 -72.01 9.08
CA LEU A 27 4.30 -71.36 7.84
C LEU A 27 2.84 -70.92 7.94
N ALA A 28 2.10 -71.50 8.88
CA ALA A 28 0.83 -70.91 9.29
C ALA A 28 1.04 -69.53 9.89
N HIS A 29 2.03 -69.41 10.78
CA HIS A 29 2.40 -68.09 11.28
C HIS A 29 2.94 -67.22 10.17
N ARG A 30 3.48 -67.82 9.10
CA ARG A 30 3.91 -67.04 7.96
C ARG A 30 2.72 -66.55 7.15
N GLU A 31 1.64 -67.33 7.11
CA GLU A 31 0.40 -66.82 6.51
C GLU A 31 -0.17 -65.69 7.35
N TYR A 32 -0.06 -65.81 8.67
CA TYR A 32 -0.32 -64.66 9.53
C TYR A 32 0.56 -63.48 9.16
N GLN A 33 1.83 -63.76 8.84
CA GLN A 33 2.71 -62.70 8.41
C GLN A 33 2.18 -62.05 7.14
N ALA A 34 1.65 -62.87 6.21
CA ALA A 34 0.93 -62.34 5.07
C ALA A 34 -0.38 -61.69 5.49
N GLY A 35 -1.09 -62.30 6.44
CA GLY A 35 -2.33 -61.73 6.94
C GLY A 35 -3.55 -62.56 6.66
N ASP A 36 -3.36 -63.79 6.18
CA ASP A 36 -4.46 -64.69 5.89
C ASP A 36 -4.47 -65.83 6.89
N PHE A 37 -5.49 -66.69 6.80
CA PHE A 37 -5.64 -67.76 7.78
C PHE A 37 -5.95 -69.10 7.13
N GLU A 38 -6.42 -69.08 5.88
CA GLU A 38 -7.01 -70.25 5.26
C GLU A 38 -6.13 -71.49 5.42
N ALA A 39 -4.93 -71.46 4.84
CA ALA A 39 -4.00 -72.57 5.04
C ALA A 39 -3.64 -72.71 6.50
N ALA A 40 -3.43 -71.59 7.19
CA ALA A 40 -3.12 -71.64 8.62
C ALA A 40 -4.24 -72.28 9.43
N GLU A 41 -5.49 -71.87 9.18
CA GLU A 41 -6.58 -72.40 9.98
C GLU A 41 -6.81 -73.87 9.68
N ARG A 42 -6.71 -74.28 8.41
CA ARG A 42 -6.88 -75.69 8.08
C ARG A 42 -5.76 -76.53 8.66
N HIS A 43 -4.52 -76.04 8.56
CA HIS A 43 -3.38 -76.80 9.08
C HIS A 43 -3.41 -76.87 10.59
N CYS A 44 -3.85 -75.80 11.26
CA CYS A 44 -3.95 -75.84 12.71
C CYS A 44 -5.15 -76.66 13.16
N MET A 45 -6.20 -76.72 12.35
CA MET A 45 -7.27 -77.68 12.58
C MET A 45 -6.75 -79.09 12.49
N GLN A 46 -5.89 -79.36 11.50
CA GLN A 46 -5.22 -80.65 11.40
C GLN A 46 -4.35 -80.90 12.62
N LEU A 47 -3.65 -79.86 13.09
CA LEU A 47 -2.82 -79.99 14.28
C LEU A 47 -3.66 -80.35 15.49
N TRP A 48 -4.78 -79.66 15.67
CA TRP A 48 -5.66 -79.97 16.80
C TRP A 48 -6.13 -81.41 16.71
N ARG A 49 -6.52 -81.85 15.52
CA ARG A 49 -6.98 -83.23 15.34
C ARG A 49 -5.84 -84.24 15.40
N GLN A 50 -4.59 -83.80 15.40
CA GLN A 50 -3.45 -84.70 15.58
C GLN A 50 -2.66 -84.43 16.85
N GLU A 51 -2.39 -83.17 17.18
CA GLU A 51 -1.57 -82.81 18.33
C GLU A 51 -2.25 -81.69 19.08
N PRO A 52 -3.34 -81.99 19.78
CA PRO A 52 -4.07 -80.93 20.49
C PRO A 52 -3.27 -80.39 21.66
N ASP A 53 -2.26 -79.56 21.35
CA ASP A 53 -1.50 -78.86 22.38
C ASP A 53 -1.32 -77.38 22.11
N ASN A 54 -1.35 -76.94 20.85
CA ASN A 54 -1.26 -75.53 20.53
C ASN A 54 -2.66 -75.05 20.14
N THR A 55 -3.39 -74.62 21.16
CA THR A 55 -4.53 -73.73 20.91
C THR A 55 -4.07 -72.29 20.87
N GLY A 56 -2.84 -72.00 21.31
CA GLY A 56 -2.31 -70.66 21.20
C GLY A 56 -2.22 -70.20 19.76
N VAL A 57 -1.99 -71.13 18.85
CA VAL A 57 -2.09 -70.79 17.43
C VAL A 57 -3.53 -70.45 17.09
N LEU A 58 -4.49 -71.09 17.75
CA LEU A 58 -5.89 -70.71 17.55
C LEU A 58 -6.16 -69.33 18.12
N LEU A 59 -5.38 -68.92 19.12
CA LEU A 59 -5.50 -67.55 19.61
C LEU A 59 -4.81 -66.57 18.67
N LEU A 60 -3.79 -67.02 17.94
CA LEU A 60 -3.29 -66.24 16.82
C LEU A 60 -4.38 -66.10 15.76
N LEU A 61 -5.08 -67.19 15.46
CA LEU A 61 -6.29 -67.10 14.66
C LEU A 61 -7.26 -66.11 15.28
N SER A 62 -7.38 -66.12 16.60
CA SER A 62 -8.20 -65.15 17.28
C SER A 62 -7.68 -63.73 17.06
N SER A 63 -6.37 -63.58 16.84
CA SER A 63 -5.85 -62.26 16.50
C SER A 63 -6.40 -61.81 15.16
N ILE A 64 -6.41 -62.72 14.19
CA ILE A 64 -7.16 -62.44 12.96
C ILE A 64 -8.59 -62.08 13.31
N HIS A 65 -9.16 -62.77 14.30
CA HIS A 65 -10.54 -62.54 14.69
C HIS A 65 -10.73 -61.13 15.26
N PHE A 66 -9.78 -60.67 16.08
CA PHE A 66 -9.82 -59.29 16.54
C PHE A 66 -9.85 -58.33 15.36
N GLU A 67 -9.01 -58.60 14.36
CA GLU A 67 -9.01 -57.74 13.18
C GLU A 67 -10.29 -57.92 12.36
N CYS A 68 -10.93 -59.08 12.44
CA CYS A 68 -12.09 -59.41 11.63
C CYS A 68 -13.34 -59.63 12.48
N ARG A 69 -13.36 -59.05 13.67
CA ARG A 69 -14.50 -59.03 14.59
C ARG A 69 -15.01 -60.42 14.97
N ARG A 70 -14.29 -61.49 14.66
CA ARG A 70 -14.75 -62.82 15.07
C ARG A 70 -14.27 -63.13 16.49
N LEU A 71 -14.50 -62.14 17.36
CA LEU A 71 -14.05 -62.23 18.75
C LEU A 71 -14.85 -63.24 19.55
N ASP A 72 -16.05 -63.61 19.09
CA ASP A 72 -16.77 -64.70 19.71
C ASP A 72 -15.98 -66.00 19.59
N ARG A 73 -15.47 -66.28 18.39
CA ARG A 73 -14.61 -67.43 18.22
C ARG A 73 -13.26 -67.23 18.89
N SER A 74 -12.86 -65.97 19.11
CA SER A 74 -11.69 -65.73 19.94
C SER A 74 -11.95 -66.22 21.36
N ALA A 75 -13.12 -65.92 21.91
CA ALA A 75 -13.50 -66.45 23.22
C ALA A 75 -13.57 -67.96 23.19
N HIS A 76 -14.07 -68.51 22.08
CA HIS A 76 -14.10 -69.96 21.91
C HIS A 76 -12.69 -70.56 21.99
N PHE A 77 -11.77 -70.03 21.19
CA PHE A 77 -10.41 -70.55 21.18
C PHE A 77 -9.73 -70.36 22.52
N SER A 78 -9.95 -69.21 23.16
CA SER A 78 -9.41 -68.98 24.49
C SER A 78 -9.96 -70.00 25.47
N THR A 79 -11.24 -70.31 25.36
CA THR A 79 -11.84 -71.31 26.23
C THR A 79 -11.15 -72.65 26.05
N LEU A 80 -10.90 -73.03 24.79
CA LEU A 80 -10.18 -74.26 24.51
C LEU A 80 -8.79 -74.24 25.15
N ALA A 81 -8.06 -73.14 24.94
CA ALA A 81 -6.69 -73.06 25.41
C ALA A 81 -6.63 -73.15 26.94
N ILE A 82 -7.47 -72.36 27.61
CA ILE A 82 -7.46 -72.37 29.07
C ILE A 82 -7.90 -73.73 29.59
N LYS A 83 -8.83 -74.38 28.89
CA LYS A 83 -9.29 -75.69 29.31
C LYS A 83 -8.16 -76.72 29.26
N GLN A 84 -7.49 -76.82 28.11
CA GLN A 84 -6.38 -77.75 28.02
C GLN A 84 -5.16 -77.23 28.76
N ASN A 85 -4.85 -75.95 28.56
CA ASN A 85 -3.65 -75.35 29.14
C ASN A 85 -4.08 -74.21 30.06
N PRO A 86 -4.29 -74.47 31.34
CA PRO A 86 -4.71 -73.40 32.25
C PRO A 86 -3.54 -72.59 32.79
N LEU A 87 -2.39 -72.62 32.12
CA LEU A 87 -1.19 -71.98 32.66
C LEU A 87 -0.43 -71.21 31.57
N LEU A 88 -1.14 -70.47 30.73
CA LEU A 88 -0.54 -69.62 29.70
C LEU A 88 -1.21 -68.25 29.74
N ALA A 89 -0.42 -67.22 30.04
CA ALA A 89 -0.99 -65.88 30.21
C ALA A 89 -1.62 -65.36 28.92
N GLU A 90 -1.09 -65.81 27.77
CA GLU A 90 -1.45 -65.20 26.50
C GLU A 90 -2.93 -65.36 26.20
N ALA A 91 -3.50 -66.50 26.60
CA ALA A 91 -4.95 -66.65 26.48
C ALA A 91 -5.67 -65.57 27.25
N TYR A 92 -5.22 -65.29 28.46
CA TYR A 92 -5.81 -64.20 29.23
C TYR A 92 -5.58 -62.87 28.55
N SER A 93 -4.46 -62.72 27.85
CA SER A 93 -4.19 -61.47 27.16
C SER A 93 -5.23 -61.22 26.08
N ASN A 94 -5.42 -62.21 25.21
CA ASN A 94 -6.46 -62.09 24.19
C ASN A 94 -7.82 -61.93 24.83
N LEU A 95 -8.02 -62.61 25.95
CA LEU A 95 -9.25 -62.48 26.72
C LEU A 95 -9.45 -61.04 27.16
N GLY A 96 -8.38 -60.39 27.60
CA GLY A 96 -8.49 -59.00 28.00
C GLY A 96 -8.80 -58.09 26.84
N ASN A 97 -8.18 -58.36 25.68
CA ASN A 97 -8.45 -57.51 24.53
C ASN A 97 -9.92 -57.56 24.16
N VAL A 98 -10.47 -58.76 24.00
CA VAL A 98 -11.88 -58.89 23.65
C VAL A 98 -12.76 -58.34 24.77
N TYR A 99 -12.34 -58.49 26.03
CA TYR A 99 -13.14 -57.99 27.13
C TYR A 99 -13.18 -56.47 27.14
N LYS A 100 -12.06 -55.83 26.80
CA LYS A 100 -12.07 -54.37 26.67
C LYS A 100 -13.00 -53.97 25.55
N GLU A 101 -13.03 -54.72 24.46
CA GLU A 101 -14.03 -54.48 23.43
C GLU A 101 -15.43 -54.64 24.00
N ARG A 102 -15.60 -55.62 24.89
CA ARG A 102 -16.90 -55.94 25.47
C ARG A 102 -17.16 -55.22 26.78
N GLY A 103 -16.19 -54.45 27.28
CA GLY A 103 -16.47 -53.56 28.40
C GLY A 103 -15.83 -53.93 29.72
N GLN A 104 -15.78 -55.22 30.06
CA GLN A 104 -15.32 -55.60 31.40
C GLN A 104 -13.83 -55.31 31.53
N LEU A 105 -13.50 -54.04 31.63
CA LEU A 105 -12.13 -53.58 31.67
C LEU A 105 -11.48 -53.80 33.02
N GLN A 106 -12.25 -53.67 34.11
CA GLN A 106 -11.71 -53.99 35.42
C GLN A 106 -11.41 -55.49 35.52
N GLU A 107 -12.25 -56.32 34.92
CA GLU A 107 -11.95 -57.73 34.84
C GLU A 107 -10.79 -58.00 33.88
N ALA A 108 -10.68 -57.18 32.83
CA ALA A 108 -9.50 -57.26 31.97
C ALA A 108 -8.23 -57.03 32.78
N ILE A 109 -8.25 -56.01 33.63
CA ILE A 109 -7.15 -55.80 34.55
C ILE A 109 -7.03 -56.97 35.51
N GLU A 110 -8.16 -57.54 35.90
CA GLU A 110 -8.16 -58.67 36.82
C GLU A 110 -7.27 -59.79 36.32
N HIS A 111 -7.48 -60.22 35.08
CA HIS A 111 -6.65 -61.33 34.61
C HIS A 111 -5.35 -60.87 33.97
N TYR A 112 -5.23 -59.60 33.59
CA TYR A 112 -3.92 -59.06 33.25
C TYR A 112 -2.98 -59.10 34.44
N ARG A 113 -3.47 -58.69 35.61
CA ARG A 113 -2.69 -58.81 36.83
C ARG A 113 -2.65 -60.26 37.29
N HIS A 114 -3.68 -61.03 36.98
CA HIS A 114 -3.57 -62.47 37.10
C HIS A 114 -2.51 -62.99 36.14
N ALA A 115 -2.49 -62.44 34.93
CA ALA A 115 -1.32 -62.62 34.08
C ALA A 115 -0.15 -61.86 34.69
N LEU A 116 1.00 -61.97 34.01
CA LEU A 116 2.21 -61.28 34.44
C LEU A 116 2.71 -61.84 35.76
N ARG A 117 1.97 -62.81 36.31
CA ARG A 117 2.40 -63.50 37.52
C ARG A 117 3.23 -64.72 37.17
N LEU A 118 2.64 -65.66 36.43
CA LEU A 118 3.37 -66.81 35.96
C LEU A 118 4.46 -66.40 34.96
N LYS A 119 4.25 -65.29 34.26
CA LYS A 119 5.22 -64.76 33.30
C LYS A 119 5.53 -63.34 33.70
N PRO A 120 6.39 -63.15 34.71
CA PRO A 120 6.69 -61.79 35.18
C PRO A 120 7.39 -60.94 34.14
N ASP A 121 8.04 -61.53 33.14
CA ASP A 121 8.80 -60.78 32.16
C ASP A 121 8.02 -60.55 30.87
N PHE A 122 6.73 -60.87 30.86
CA PHE A 122 5.94 -60.62 29.66
C PHE A 122 5.93 -59.14 29.32
N ILE A 123 6.04 -58.83 28.03
CA ILE A 123 6.20 -57.44 27.60
C ILE A 123 4.85 -56.84 27.28
N ASP A 124 4.19 -57.37 26.26
CA ASP A 124 2.98 -56.72 25.75
C ASP A 124 1.91 -56.59 26.81
N GLY A 125 1.97 -57.43 27.84
CA GLY A 125 1.02 -57.30 28.93
C GLY A 125 1.10 -55.95 29.62
N TYR A 126 2.31 -55.50 29.93
CA TYR A 126 2.46 -54.20 30.56
C TYR A 126 1.90 -53.10 29.67
N ILE A 127 2.23 -53.15 28.38
CA ILE A 127 1.79 -52.11 27.46
C ILE A 127 0.27 -52.02 27.45
N ASN A 128 -0.38 -53.08 26.99
CA ASN A 128 -1.83 -52.98 26.86
C ASN A 128 -2.52 -52.88 28.21
N LEU A 129 -1.86 -53.29 29.29
CA LEU A 129 -2.40 -52.99 30.61
C LEU A 129 -2.52 -51.49 30.83
N ALA A 130 -1.46 -50.77 30.50
CA ALA A 130 -1.51 -49.32 30.64
C ALA A 130 -2.54 -48.73 29.71
N ALA A 131 -2.66 -49.32 28.52
CA ALA A 131 -3.73 -48.88 27.63
C ALA A 131 -5.09 -49.06 28.28
N ALA A 132 -5.25 -50.14 29.03
CA ALA A 132 -6.52 -50.39 29.70
C ALA A 132 -6.78 -49.36 30.79
N LEU A 133 -5.80 -49.16 31.67
CA LEU A 133 -6.01 -48.29 32.81
C LEU A 133 -6.26 -46.86 32.36
N VAL A 134 -5.49 -46.40 31.37
CA VAL A 134 -5.70 -45.04 30.88
C VAL A 134 -7.08 -44.92 30.26
N ALA A 135 -7.60 -46.01 29.72
CA ALA A 135 -8.98 -46.00 29.28
C ALA A 135 -9.94 -45.99 30.45
N ALA A 136 -9.45 -46.18 31.67
CA ALA A 136 -10.29 -46.16 32.85
C ALA A 136 -10.12 -44.90 33.70
N GLY A 137 -9.22 -44.01 33.33
CA GLY A 137 -9.03 -42.78 34.06
C GLY A 137 -8.01 -42.84 35.19
N ASP A 138 -7.43 -44.01 35.45
CA ASP A 138 -6.45 -44.17 36.52
C ASP A 138 -5.04 -43.96 35.97
N MET A 139 -4.72 -42.69 35.71
CA MET A 139 -3.41 -42.33 35.18
C MET A 139 -2.27 -42.92 35.98
N GLU A 140 -2.31 -42.73 37.29
CA GLU A 140 -1.16 -43.06 38.11
C GLU A 140 -0.71 -44.50 37.90
N GLY A 141 -1.64 -45.45 37.98
CA GLY A 141 -1.26 -46.84 37.76
C GLY A 141 -0.65 -47.05 36.38
N ALA A 142 -1.22 -46.40 35.37
CA ALA A 142 -0.71 -46.54 34.02
C ALA A 142 0.76 -46.15 33.96
N VAL A 143 1.13 -45.06 34.63
CA VAL A 143 2.51 -44.59 34.55
C VAL A 143 3.45 -45.66 35.09
N GLN A 144 3.10 -46.27 36.22
CA GLN A 144 3.94 -47.33 36.76
C GLN A 144 4.01 -48.52 35.81
N ALA A 145 2.93 -48.78 35.10
CA ALA A 145 2.93 -49.87 34.12
C ALA A 145 3.99 -49.64 33.06
N TYR A 146 3.95 -48.47 32.40
CA TYR A 146 5.01 -48.15 31.44
C TYR A 146 6.39 -48.19 32.06
N VAL A 147 6.56 -47.55 33.20
CA VAL A 147 7.91 -47.45 33.75
C VAL A 147 8.45 -48.83 34.06
N SER A 148 7.59 -49.74 34.49
CA SER A 148 7.99 -51.14 34.64
C SER A 148 8.44 -51.71 33.30
N ALA A 149 7.68 -51.46 32.24
CA ALA A 149 8.05 -51.99 30.93
C ALA A 149 9.43 -51.51 30.53
N LEU A 150 9.68 -50.21 30.69
CA LEU A 150 11.01 -49.67 30.40
C LEU A 150 12.06 -50.31 31.28
N GLN A 151 11.74 -50.52 32.55
CA GLN A 151 12.70 -51.11 33.46
C GLN A 151 13.17 -52.46 32.95
N TYR A 152 12.27 -53.24 32.36
CA TYR A 152 12.72 -54.46 31.72
C TYR A 152 13.50 -54.20 30.43
N ASN A 153 12.99 -53.35 29.56
CA ASN A 153 13.59 -53.16 28.24
C ASN A 153 13.84 -51.67 28.02
N PRO A 154 15.09 -51.26 27.78
CA PRO A 154 15.37 -49.85 27.49
C PRO A 154 15.32 -49.46 26.02
N ASP A 155 14.73 -50.29 25.17
CA ASP A 155 14.87 -50.11 23.73
C ASP A 155 13.58 -49.71 23.05
N LEU A 156 12.47 -49.66 23.77
CA LEU A 156 11.19 -49.40 23.15
C LEU A 156 11.09 -47.94 22.72
N TYR A 157 11.75 -47.62 21.62
CA TYR A 157 11.86 -46.23 21.20
C TYR A 157 10.52 -45.64 20.86
N CYS A 158 9.47 -46.47 20.80
CA CYS A 158 8.13 -45.95 20.55
C CYS A 158 7.21 -46.17 21.73
N VAL A 159 7.77 -46.44 22.91
CA VAL A 159 7.00 -46.41 24.13
C VAL A 159 7.32 -45.18 24.96
N ARG A 160 8.58 -44.75 24.94
CA ARG A 160 8.94 -43.51 25.60
C ARG A 160 8.02 -42.40 25.17
N SER A 161 7.89 -42.23 23.86
CA SER A 161 7.06 -41.16 23.37
C SER A 161 5.65 -41.26 23.93
N ASP A 162 5.26 -42.44 24.42
CA ASP A 162 3.94 -42.54 25.01
C ASP A 162 3.91 -42.07 26.46
N LEU A 163 4.98 -42.30 27.23
CA LEU A 163 5.07 -41.56 28.48
C LEU A 163 5.10 -40.06 28.23
N GLY A 164 5.69 -39.64 27.14
CA GLY A 164 5.65 -38.23 26.85
C GLY A 164 4.21 -37.83 26.76
N ASN A 165 3.49 -38.48 25.85
CA ASN A 165 2.10 -38.10 25.63
C ASN A 165 1.29 -38.17 26.91
N LEU A 166 1.71 -38.99 27.86
CA LEU A 166 0.98 -39.15 29.12
C LEU A 166 1.36 -38.08 30.14
N LEU A 167 2.63 -38.05 30.53
CA LEU A 167 3.05 -37.12 31.57
C LEU A 167 2.74 -35.69 31.18
N LYS A 168 3.05 -35.30 29.95
CA LYS A 168 2.72 -33.94 29.55
C LYS A 168 1.24 -33.68 29.69
N ALA A 169 0.41 -34.71 29.62
CA ALA A 169 -1.00 -34.52 29.89
C ALA A 169 -1.27 -34.38 31.38
N LEU A 170 -0.51 -35.09 32.21
CA LEU A 170 -0.70 -34.95 33.65
C LEU A 170 -0.33 -33.55 34.12
N GLY A 171 0.72 -32.98 33.55
CA GLY A 171 1.12 -31.65 33.93
C GLY A 171 2.55 -31.57 34.45
N ARG A 172 3.17 -32.71 34.69
CA ARG A 172 4.55 -32.74 35.14
C ARG A 172 5.46 -32.55 33.94
N LEU A 173 5.50 -31.32 33.42
CA LEU A 173 6.19 -31.04 32.18
C LEU A 173 7.66 -31.41 32.26
N GLU A 174 8.36 -30.87 33.26
CA GLU A 174 9.81 -31.00 33.27
C GLU A 174 10.27 -32.42 33.51
N GLU A 175 9.39 -33.29 33.97
CA GLU A 175 9.73 -34.71 34.00
C GLU A 175 9.43 -35.40 32.68
N ALA A 176 8.59 -34.79 31.84
CA ALA A 176 8.32 -35.34 30.53
C ALA A 176 9.51 -35.17 29.61
N LYS A 177 10.06 -33.97 29.58
CA LYS A 177 11.06 -33.61 28.60
C LYS A 177 12.30 -34.45 28.73
N ALA A 178 12.37 -35.30 29.74
CA ALA A 178 13.47 -36.22 29.86
C ALA A 178 13.17 -37.59 29.29
N CYS A 179 11.93 -37.85 28.85
CA CYS A 179 11.59 -39.11 28.21
C CYS A 179 11.71 -39.00 26.70
N TYR A 180 11.18 -37.92 26.14
CA TYR A 180 11.37 -37.69 24.72
C TYR A 180 12.84 -37.77 24.37
N LEU A 181 13.69 -37.06 25.11
CA LEU A 181 15.08 -36.89 24.71
C LEU A 181 15.80 -38.23 24.63
N LYS A 182 15.53 -39.12 25.58
CA LYS A 182 16.05 -40.46 25.44
C LYS A 182 15.54 -41.11 24.17
N ALA A 183 14.26 -40.97 23.86
CA ALA A 183 13.77 -41.60 22.64
C ALA A 183 14.48 -41.06 21.42
N ILE A 184 14.60 -39.75 21.31
CA ILE A 184 15.20 -39.16 20.12
C ILE A 184 16.60 -39.68 19.92
N GLU A 185 17.42 -39.66 20.97
CA GLU A 185 18.78 -40.10 20.76
C GLU A 185 18.86 -41.59 20.52
N THR A 186 17.83 -42.36 20.88
CA THR A 186 17.82 -43.78 20.56
C THR A 186 17.63 -44.02 19.07
N GLN A 187 16.64 -43.36 18.47
CA GLN A 187 16.27 -43.58 17.07
C GLN A 187 16.15 -42.23 16.38
N PRO A 188 17.27 -41.63 15.97
CA PRO A 188 17.27 -40.22 15.57
C PRO A 188 16.47 -39.91 14.33
N ASN A 189 15.96 -40.90 13.61
CA ASN A 189 15.04 -40.56 12.53
C ASN A 189 13.61 -40.42 13.01
N PHE A 190 13.35 -40.66 14.29
CA PHE A 190 11.98 -40.70 14.78
C PHE A 190 11.41 -39.30 14.72
N ALA A 191 10.31 -39.14 13.99
CA ALA A 191 9.79 -37.82 13.68
C ALA A 191 8.51 -37.51 14.43
N VAL A 192 8.21 -38.27 15.47
CA VAL A 192 7.10 -37.99 16.36
C VAL A 192 7.59 -37.68 17.76
N ALA A 193 8.87 -37.86 18.01
CA ALA A 193 9.43 -37.39 19.26
C ALA A 193 10.16 -36.09 19.03
N TRP A 194 10.09 -35.51 17.84
CA TRP A 194 10.48 -34.12 17.73
C TRP A 194 9.27 -33.22 17.86
N SER A 195 8.19 -33.53 17.16
CA SER A 195 7.06 -32.64 17.21
C SER A 195 6.47 -32.54 18.61
N ASN A 196 6.37 -33.65 19.33
CA ASN A 196 5.85 -33.56 20.70
C ASN A 196 6.76 -32.70 21.56
N LEU A 197 8.06 -32.91 21.44
CA LEU A 197 8.99 -32.11 22.23
C LEU A 197 8.84 -30.65 21.88
N GLY A 198 8.52 -30.36 20.64
CA GLY A 198 8.17 -29.00 20.31
C GLY A 198 7.00 -28.50 21.11
N CYS A 199 6.00 -29.36 21.32
CA CYS A 199 4.85 -28.92 22.12
C CYS A 199 5.26 -28.58 23.54
N VAL A 200 6.20 -29.32 24.12
CA VAL A 200 6.60 -29.00 25.48
C VAL A 200 7.26 -27.62 25.53
N PHE A 201 8.29 -27.40 24.72
CA PHE A 201 8.89 -26.06 24.72
C PHE A 201 7.91 -24.96 24.38
N ASN A 202 6.86 -25.26 23.62
CA ASN A 202 5.87 -24.23 23.40
C ASN A 202 5.11 -23.93 24.67
N ALA A 203 4.93 -24.92 25.54
CA ALA A 203 4.23 -24.64 26.78
C ALA A 203 5.08 -23.82 27.73
N GLN A 204 6.35 -24.17 27.89
CA GLN A 204 7.16 -23.42 28.85
C GLN A 204 7.37 -21.96 28.47
N GLY A 205 7.08 -21.59 27.24
CA GLY A 205 7.08 -20.19 26.84
C GLY A 205 8.19 -19.76 25.92
N GLU A 206 9.12 -20.65 25.55
CA GLU A 206 10.30 -20.26 24.78
C GLU A 206 10.08 -20.59 23.31
N ILE A 207 9.53 -19.66 22.55
CA ILE A 207 9.14 -20.02 21.19
C ILE A 207 10.36 -20.30 20.32
N TRP A 208 11.45 -19.58 20.50
CA TRP A 208 12.51 -19.69 19.50
C TRP A 208 13.11 -21.07 19.41
N LEU A 209 12.87 -21.93 20.40
CA LEU A 209 13.19 -23.33 20.25
C LEU A 209 12.03 -24.14 19.72
N ALA A 210 10.79 -23.74 20.00
CA ALA A 210 9.67 -24.51 19.53
C ALA A 210 9.62 -24.53 18.02
N ILE A 211 9.80 -23.38 17.37
CA ILE A 211 9.72 -23.43 15.91
C ILE A 211 10.92 -24.12 15.32
N HIS A 212 12.03 -24.17 16.04
CA HIS A 212 13.14 -25.01 15.61
C HIS A 212 12.73 -26.47 15.56
N HIS A 213 12.36 -27.03 16.70
CA HIS A 213 12.07 -28.46 16.73
C HIS A 213 11.01 -28.85 15.72
N PHE A 214 10.00 -28.01 15.50
CA PHE A 214 9.04 -28.37 14.45
C PHE A 214 9.71 -28.42 13.10
N GLU A 215 10.58 -27.46 12.79
CA GLU A 215 11.16 -27.49 11.44
C GLU A 215 12.02 -28.72 11.24
N LYS A 216 12.68 -29.18 12.29
CA LYS A 216 13.37 -30.46 12.17
C LYS A 216 12.39 -31.58 11.87
N ALA A 217 11.21 -31.55 12.47
CA ALA A 217 10.26 -32.64 12.30
C ALA A 217 9.36 -32.49 11.10
N VAL A 218 9.59 -31.54 10.21
CA VAL A 218 9.01 -31.72 8.89
C VAL A 218 10.12 -32.00 7.89
N THR A 219 11.34 -31.56 8.18
CA THR A 219 12.45 -31.96 7.32
C THR A 219 12.63 -33.46 7.33
N LEU A 220 12.44 -34.10 8.48
CA LEU A 220 12.61 -35.54 8.50
C LEU A 220 11.45 -36.31 7.88
N ASP A 221 10.31 -35.66 7.60
CA ASP A 221 9.13 -36.41 7.19
C ASP A 221 8.07 -35.54 6.54
N PRO A 222 8.20 -35.17 5.27
CA PRO A 222 7.38 -34.08 4.73
C PRO A 222 5.96 -34.47 4.40
N ASN A 223 5.48 -35.58 4.92
CA ASN A 223 4.08 -35.94 4.74
C ASN A 223 3.41 -36.10 6.09
N PHE A 224 3.65 -35.14 6.97
CA PHE A 224 3.25 -35.19 8.36
C PHE A 224 2.46 -33.92 8.61
N LEU A 225 1.27 -34.04 9.16
CA LEU A 225 0.32 -32.93 9.18
C LEU A 225 0.35 -32.13 10.47
N ASP A 226 0.45 -32.80 11.61
CA ASP A 226 0.42 -32.12 12.88
C ASP A 226 1.57 -31.12 13.00
N ALA A 227 2.75 -31.50 12.54
CA ALA A 227 3.85 -30.55 12.60
C ALA A 227 3.53 -29.33 11.77
N TYR A 228 2.89 -29.51 10.63
CA TYR A 228 2.61 -28.35 9.79
C TYR A 228 1.64 -27.40 10.46
N ILE A 229 0.58 -27.91 11.08
CA ILE A 229 -0.29 -26.99 11.80
C ILE A 229 0.48 -26.33 12.93
N ASN A 230 0.99 -27.13 13.87
CA ASN A 230 1.59 -26.53 15.05
C ASN A 230 2.63 -25.50 14.68
N LEU A 231 3.35 -25.71 13.59
CA LEU A 231 4.27 -24.67 13.15
C LEU A 231 3.51 -23.45 12.71
N GLY A 232 2.36 -23.62 12.09
CA GLY A 232 1.56 -22.45 11.73
C GLY A 232 1.14 -21.66 12.95
N ASN A 233 0.62 -22.34 13.96
CA ASN A 233 0.15 -21.63 15.14
C ASN A 233 1.28 -20.86 15.78
N VAL A 234 2.38 -21.52 16.17
CA VAL A 234 3.42 -20.79 16.86
C VAL A 234 4.16 -19.82 15.97
N LEU A 235 3.93 -19.84 14.67
CA LEU A 235 4.49 -18.75 13.89
C LEU A 235 3.56 -17.57 13.76
N LYS A 236 2.27 -17.74 14.01
CA LYS A 236 1.43 -16.53 14.06
C LYS A 236 1.26 -15.99 15.46
N GLU A 237 1.91 -16.57 16.45
CA GLU A 237 2.01 -15.88 17.73
C GLU A 237 3.21 -14.96 17.73
N ALA A 238 4.35 -15.46 17.28
CA ALA A 238 5.54 -14.63 17.23
C ALA A 238 5.43 -13.56 16.17
N ARG A 239 4.30 -13.46 15.50
CA ARG A 239 4.06 -12.41 14.52
C ARG A 239 5.07 -12.42 13.39
N ILE A 240 5.61 -13.56 13.07
CA ILE A 240 6.07 -13.79 11.71
C ILE A 240 4.81 -14.08 10.93
N PHE A 241 4.73 -13.64 9.68
CA PHE A 241 3.50 -13.87 8.93
C PHE A 241 3.73 -14.67 7.66
N ASP A 242 4.63 -14.22 6.78
CA ASP A 242 4.84 -14.91 5.52
C ASP A 242 5.11 -16.39 5.71
N ARG A 243 5.96 -16.72 6.68
CA ARG A 243 6.24 -18.13 6.91
C ARG A 243 5.02 -18.85 7.46
N ALA A 244 4.18 -18.17 8.22
CA ALA A 244 2.96 -18.79 8.69
C ALA A 244 2.06 -19.13 7.51
N VAL A 245 1.95 -18.24 6.54
CA VAL A 245 1.13 -18.53 5.37
C VAL A 245 1.64 -19.77 4.67
N ALA A 246 2.96 -19.86 4.46
CA ALA A 246 3.46 -21.04 3.76
C ALA A 246 3.18 -22.32 4.54
N ALA A 247 3.34 -22.29 5.87
CA ALA A 247 3.10 -23.50 6.64
C ALA A 247 1.66 -23.96 6.54
N TYR A 248 0.71 -23.03 6.63
CA TYR A 248 -0.69 -23.40 6.39
C TYR A 248 -0.93 -23.91 4.98
N LEU A 249 -0.42 -23.22 3.97
CA LEU A 249 -0.79 -23.61 2.62
C LEU A 249 -0.40 -25.06 2.38
N ARG A 250 0.80 -25.45 2.79
CA ARG A 250 1.14 -26.86 2.70
C ARG A 250 0.27 -27.71 3.60
N ALA A 251 -0.14 -27.18 4.75
CA ALA A 251 -0.91 -27.99 5.68
C ALA A 251 -2.20 -28.45 5.05
N LEU A 252 -2.87 -27.58 4.30
CA LEU A 252 -4.11 -27.97 3.68
C LEU A 252 -3.92 -28.68 2.34
N SER A 253 -2.85 -28.38 1.60
CA SER A 253 -2.62 -29.25 0.45
C SER A 253 -2.22 -30.65 0.84
N LEU A 254 -2.13 -30.97 2.13
CA LEU A 254 -2.20 -32.37 2.54
C LEU A 254 -3.60 -32.80 2.94
N SER A 255 -4.49 -31.85 3.23
CA SER A 255 -5.88 -32.14 3.60
C SER A 255 -6.74 -30.92 3.32
N PRO A 256 -7.48 -30.89 2.22
CA PRO A 256 -7.95 -29.62 1.65
C PRO A 256 -9.27 -29.09 2.20
N ASN A 257 -9.82 -29.66 3.25
CA ASN A 257 -11.12 -29.24 3.75
C ASN A 257 -11.12 -29.21 5.28
N HIS A 258 -10.14 -28.53 5.86
CA HIS A 258 -9.91 -28.77 7.28
C HIS A 258 -10.78 -27.91 8.19
N ALA A 259 -11.15 -26.72 7.73
CA ALA A 259 -12.15 -25.89 8.41
C ALA A 259 -11.66 -25.28 9.72
N VAL A 260 -10.48 -25.65 10.18
CA VAL A 260 -9.83 -24.97 11.29
C VAL A 260 -8.58 -24.24 10.85
N VAL A 261 -7.83 -24.84 9.92
CA VAL A 261 -6.86 -24.08 9.17
C VAL A 261 -7.51 -22.90 8.50
N HIS A 262 -8.70 -23.10 7.97
CA HIS A 262 -9.34 -22.06 7.17
C HIS A 262 -9.74 -20.85 7.99
N GLY A 263 -9.74 -20.95 9.30
CA GLY A 263 -9.99 -19.78 10.11
C GLY A 263 -8.72 -19.01 10.35
N ASN A 264 -7.69 -19.71 10.84
CA ASN A 264 -6.44 -19.04 11.12
C ASN A 264 -5.88 -18.39 9.86
N LEU A 265 -5.97 -19.10 8.75
CA LEU A 265 -5.43 -18.55 7.51
C LEU A 265 -6.10 -17.24 7.19
N ALA A 266 -7.39 -17.13 7.49
CA ALA A 266 -8.05 -15.85 7.30
C ALA A 266 -7.47 -14.80 8.22
N CYS A 267 -7.25 -15.14 9.50
CA CYS A 267 -6.73 -14.14 10.42
C CYS A 267 -5.39 -13.59 9.95
N VAL A 268 -4.52 -14.47 9.46
CA VAL A 268 -3.23 -14.01 8.96
C VAL A 268 -3.41 -13.13 7.73
N TYR A 269 -4.28 -13.52 6.80
CA TYR A 269 -4.54 -12.65 5.66
C TYR A 269 -5.07 -11.30 6.09
N TYR A 270 -5.95 -11.28 7.09
CA TYR A 270 -6.50 -10.02 7.55
C TYR A 270 -5.42 -9.16 8.18
N GLU A 271 -4.45 -9.78 8.85
CA GLU A 271 -3.40 -9.01 9.50
C GLU A 271 -2.34 -8.53 8.53
N GLN A 272 -2.10 -9.24 7.43
CA GLN A 272 -1.17 -8.72 6.44
C GLN A 272 -1.72 -7.51 5.72
N GLY A 273 -3.04 -7.32 5.74
CA GLY A 273 -3.68 -6.26 4.99
C GLY A 273 -4.39 -6.69 3.73
N LEU A 274 -4.49 -7.99 3.48
CA LEU A 274 -5.14 -8.50 2.26
C LEU A 274 -6.58 -8.90 2.57
N ILE A 275 -7.43 -7.89 2.69
CA ILE A 275 -8.76 -8.10 3.29
C ILE A 275 -9.58 -9.09 2.48
N ASP A 276 -9.57 -8.93 1.15
CA ASP A 276 -10.50 -9.68 0.31
C ASP A 276 -10.27 -11.18 0.44
N LEU A 277 -9.01 -11.60 0.51
CA LEU A 277 -8.72 -13.01 0.70
C LEU A 277 -9.28 -13.49 2.03
N ALA A 278 -9.27 -12.64 3.04
CA ALA A 278 -9.88 -13.00 4.30
C ALA A 278 -11.37 -13.20 4.13
N ILE A 279 -12.03 -12.31 3.39
CA ILE A 279 -13.47 -12.45 3.18
C ILE A 279 -13.77 -13.79 2.54
N ASP A 280 -13.07 -14.09 1.46
CA ASP A 280 -13.33 -15.33 0.73
C ASP A 280 -13.08 -16.55 1.60
N THR A 281 -11.94 -16.59 2.30
CA THR A 281 -11.63 -17.76 3.09
C THR A 281 -12.61 -17.93 4.23
N TYR A 282 -13.08 -16.85 4.83
CA TYR A 282 -14.08 -17.00 5.88
C TYR A 282 -15.35 -17.62 5.32
N ARG A 283 -15.76 -17.20 4.11
CA ARG A 283 -16.88 -17.86 3.47
C ARG A 283 -16.60 -19.35 3.32
N ARG A 284 -15.39 -19.69 2.93
CA ARG A 284 -15.05 -21.09 2.73
C ARG A 284 -15.12 -21.87 4.04
N ALA A 285 -14.67 -21.25 5.13
CA ALA A 285 -14.70 -21.94 6.41
C ALA A 285 -16.12 -22.20 6.87
N ILE A 286 -16.96 -21.17 6.83
CA ILE A 286 -18.33 -21.35 7.28
C ILE A 286 -19.04 -22.35 6.39
N GLU A 287 -18.70 -22.39 5.10
CA GLU A 287 -19.21 -23.44 4.24
C GLU A 287 -18.82 -24.81 4.74
N LEU A 288 -17.52 -25.03 4.99
CA LEU A 288 -17.07 -26.37 5.37
C LEU A 288 -17.67 -26.80 6.69
N GLN A 289 -17.78 -25.89 7.64
CA GLN A 289 -18.39 -26.29 8.89
C GLN A 289 -19.34 -25.20 9.35
N PRO A 290 -20.59 -25.52 9.61
CA PRO A 290 -21.60 -24.49 9.85
C PRO A 290 -21.61 -23.97 11.27
N HIS A 291 -21.36 -24.83 12.24
CA HIS A 291 -21.51 -24.47 13.65
C HIS A 291 -20.18 -23.93 14.15
N PHE A 292 -20.04 -22.61 14.17
CA PHE A 292 -18.71 -22.02 14.26
C PHE A 292 -18.78 -20.56 14.67
N PRO A 293 -19.09 -20.26 15.93
CA PRO A 293 -19.35 -18.86 16.29
C PRO A 293 -18.18 -17.93 16.05
N ASP A 294 -16.96 -18.39 16.29
CA ASP A 294 -15.82 -17.49 16.24
C ASP A 294 -15.65 -16.89 14.85
N ALA A 295 -15.75 -17.71 13.81
CA ALA A 295 -15.58 -17.17 12.48
C ALA A 295 -16.70 -16.20 12.15
N TYR A 296 -17.89 -16.43 12.68
CA TYR A 296 -18.95 -15.46 12.48
C TYR A 296 -18.55 -14.11 13.06
N CYS A 297 -18.14 -14.10 14.32
CA CYS A 297 -17.77 -12.84 14.96
C CYS A 297 -16.63 -12.17 14.23
N ASN A 298 -15.60 -12.94 13.88
CA ASN A 298 -14.44 -12.37 13.22
C ASN A 298 -14.77 -11.91 11.82
N LEU A 299 -15.63 -12.65 11.11
CA LEU A 299 -16.12 -12.21 9.82
C LEU A 299 -16.87 -10.91 9.95
N ALA A 300 -17.62 -10.75 11.03
CA ALA A 300 -18.33 -9.50 11.25
C ALA A 300 -17.36 -8.34 11.34
N ASN A 301 -16.26 -8.52 12.07
CA ASN A 301 -15.25 -7.47 12.12
C ASN A 301 -14.68 -7.21 10.74
N ALA A 302 -14.42 -8.27 9.98
CA ALA A 302 -13.88 -8.11 8.64
C ALA A 302 -14.80 -7.28 7.78
N LEU A 303 -16.12 -7.53 7.86
CA LEU A 303 -17.07 -6.73 7.09
C LEU A 303 -17.12 -5.30 7.60
N LYS A 304 -17.25 -5.14 8.92
CA LYS A 304 -17.46 -3.82 9.50
C LYS A 304 -16.36 -2.86 9.11
N GLU A 305 -15.14 -3.36 8.95
CA GLU A 305 -14.08 -2.47 8.50
C GLU A 305 -14.09 -2.24 7.00
N LYS A 306 -15.02 -2.85 6.27
CA LYS A 306 -15.10 -2.68 4.83
C LYS A 306 -16.34 -1.91 4.38
N GLY A 307 -17.21 -1.51 5.30
CA GLY A 307 -18.32 -0.65 5.00
C GLY A 307 -19.69 -1.30 5.12
N SER A 308 -19.82 -2.55 4.72
CA SER A 308 -21.13 -3.20 4.70
C SER A 308 -21.61 -3.51 6.10
N VAL A 309 -21.96 -2.48 6.86
CA VAL A 309 -22.26 -2.64 8.28
C VAL A 309 -23.51 -3.49 8.48
N ALA A 310 -24.46 -3.40 7.55
CA ALA A 310 -25.71 -4.13 7.72
C ALA A 310 -25.47 -5.63 7.85
N GLU A 311 -24.63 -6.18 6.98
CA GLU A 311 -24.27 -7.59 7.11
C GLU A 311 -23.59 -7.84 8.44
N ALA A 312 -22.81 -6.87 8.92
CA ALA A 312 -22.09 -7.06 10.17
C ALA A 312 -23.06 -7.30 11.31
N GLU A 313 -24.08 -6.46 11.41
CA GLU A 313 -25.06 -6.63 12.48
C GLU A 313 -25.73 -8.00 12.36
N ASP A 314 -26.11 -8.39 11.15
CA ASP A 314 -26.77 -9.67 10.96
C ASP A 314 -25.85 -10.82 11.34
N CYS A 315 -24.58 -10.72 10.98
CA CYS A 315 -23.64 -11.79 11.30
C CYS A 315 -23.44 -11.90 12.80
N TYR A 316 -23.33 -10.77 13.49
CA TYR A 316 -23.28 -10.82 14.95
C TYR A 316 -24.52 -11.48 15.51
N ASN A 317 -25.68 -11.20 14.92
CA ASN A 317 -26.91 -11.84 15.35
C ASN A 317 -26.79 -13.34 15.24
N THR A 318 -26.32 -13.83 14.09
CA THR A 318 -26.14 -15.26 13.91
C THR A 318 -25.22 -15.83 14.96
N ALA A 319 -24.10 -15.14 15.22
CA ALA A 319 -23.13 -15.65 16.15
C ALA A 319 -23.73 -15.83 17.53
N LEU A 320 -24.36 -14.79 18.06
CA LEU A 320 -24.95 -14.94 19.38
C LEU A 320 -26.16 -15.86 19.34
N ARG A 321 -26.71 -16.13 18.15
CA ARG A 321 -27.72 -17.16 18.03
C ARG A 321 -27.15 -18.52 18.36
N LEU A 322 -26.01 -18.85 17.76
CA LEU A 322 -25.40 -20.15 18.03
C LEU A 322 -24.91 -20.25 19.46
N CYS A 323 -24.55 -19.15 20.10
CA CYS A 323 -24.26 -19.12 21.52
C CYS A 323 -24.49 -17.72 22.09
N PRO A 324 -25.41 -17.57 23.03
CA PRO A 324 -25.68 -16.24 23.59
C PRO A 324 -24.64 -15.77 24.59
N THR A 325 -23.54 -16.50 24.75
CA THR A 325 -22.56 -16.20 25.78
C THR A 325 -21.23 -15.76 25.20
N HIS A 326 -21.08 -15.78 23.88
CA HIS A 326 -19.81 -15.47 23.24
C HIS A 326 -19.53 -13.98 23.41
N ALA A 327 -18.63 -13.66 24.33
CA ALA A 327 -18.51 -12.29 24.83
C ALA A 327 -18.08 -11.31 23.74
N ASP A 328 -17.14 -11.72 22.89
CA ASP A 328 -16.58 -10.80 21.91
C ASP A 328 -17.66 -10.22 21.02
N SER A 329 -18.57 -11.08 20.56
CA SER A 329 -19.67 -10.60 19.73
C SER A 329 -20.54 -9.62 20.50
N LEU A 330 -20.78 -9.89 21.78
CA LEU A 330 -21.58 -8.96 22.57
C LEU A 330 -20.96 -7.58 22.55
N ASN A 331 -19.67 -7.49 22.86
CA ASN A 331 -19.01 -6.20 22.87
C ASN A 331 -19.15 -5.52 21.51
N ASN A 332 -18.80 -6.23 20.46
CA ASN A 332 -18.74 -5.59 19.15
C ASN A 332 -20.12 -5.14 18.68
N LEU A 333 -21.13 -5.98 18.85
CA LEU A 333 -22.47 -5.58 18.45
C LEU A 333 -22.94 -4.38 19.26
N ALA A 334 -22.68 -4.38 20.56
CA ALA A 334 -23.07 -3.25 21.38
C ALA A 334 -22.43 -1.98 20.87
N ASN A 335 -21.15 -2.05 20.51
CA ASN A 335 -20.49 -0.90 19.91
C ASN A 335 -21.21 -0.45 18.65
N ILE A 336 -21.57 -1.41 17.79
CA ILE A 336 -22.23 -1.05 16.53
C ILE A 336 -23.53 -0.32 16.81
N LYS A 337 -24.32 -0.80 17.75
CA LYS A 337 -25.55 -0.10 18.09
C LYS A 337 -25.26 1.29 18.63
N ARG A 338 -24.23 1.41 19.46
CA ARG A 338 -23.93 2.69 20.08
C ARG A 338 -23.54 3.75 19.06
N GLU A 339 -23.10 3.36 17.87
CA GLU A 339 -23.00 4.42 16.87
C GLU A 339 -24.37 4.93 16.42
N GLN A 340 -25.46 4.28 16.79
CA GLN A 340 -26.79 4.77 16.48
C GLN A 340 -27.52 5.27 17.73
N GLY A 341 -26.77 5.65 18.76
CA GLY A 341 -27.32 6.31 19.92
C GLY A 341 -28.25 5.45 20.74
N ASN A 342 -28.39 4.19 20.36
CA ASN A 342 -29.33 3.29 21.01
C ASN A 342 -28.70 2.87 22.33
N ILE A 343 -28.77 3.78 23.31
CA ILE A 343 -27.92 3.67 24.48
C ILE A 343 -28.26 2.43 25.29
N GLU A 344 -29.50 2.32 25.75
CA GLU A 344 -29.83 1.28 26.72
C GLU A 344 -29.53 -0.11 26.18
N GLU A 345 -29.74 -0.32 24.88
CA GLU A 345 -29.41 -1.61 24.28
C GLU A 345 -27.95 -1.94 24.53
N ALA A 346 -27.06 -1.02 24.17
CA ALA A 346 -25.64 -1.25 24.40
C ALA A 346 -25.36 -1.38 25.90
N VAL A 347 -26.05 -0.59 26.72
CA VAL A 347 -25.81 -0.62 28.16
C VAL A 347 -26.00 -2.04 28.69
N ARG A 348 -27.22 -2.55 28.55
CA ARG A 348 -27.50 -3.89 29.05
C ARG A 348 -26.59 -4.93 28.41
N LEU A 349 -26.24 -4.75 27.14
CA LEU A 349 -25.40 -5.74 26.48
C LEU A 349 -24.01 -5.76 27.08
N TYR A 350 -23.42 -4.59 27.29
CA TYR A 350 -22.12 -4.52 27.96
C TYR A 350 -22.22 -5.12 29.35
N ARG A 351 -23.34 -4.87 30.03
CA ARG A 351 -23.55 -5.48 31.34
C ARG A 351 -23.47 -6.99 31.23
N LYS A 352 -24.15 -7.56 30.23
CA LYS A 352 -24.15 -9.00 30.06
C LYS A 352 -22.74 -9.52 29.82
N ALA A 353 -22.00 -8.87 28.93
CA ALA A 353 -20.66 -9.35 28.62
C ALA A 353 -19.77 -9.27 29.85
N LEU A 354 -19.84 -8.17 30.59
CA LEU A 354 -18.99 -8.03 31.76
C LEU A 354 -19.32 -9.08 32.81
N GLU A 355 -20.60 -9.33 33.04
CA GLU A 355 -20.96 -10.31 34.06
C GLU A 355 -20.60 -11.72 33.63
N VAL A 356 -20.63 -12.03 32.34
CA VAL A 356 -20.09 -13.30 31.88
C VAL A 356 -18.59 -13.34 32.07
N PHE A 357 -17.90 -12.31 31.61
CA PHE A 357 -16.45 -12.28 31.67
C PHE A 357 -16.03 -11.12 32.55
N PRO A 358 -15.73 -11.37 33.81
CA PRO A 358 -15.49 -10.25 34.75
C PRO A 358 -14.10 -9.67 34.65
N GLU A 359 -13.41 -9.89 33.53
CA GLU A 359 -12.03 -9.42 33.39
C GLU A 359 -11.79 -8.64 32.10
N PHE A 360 -12.83 -8.42 31.31
CA PHE A 360 -12.66 -7.98 29.93
C PHE A 360 -12.50 -6.47 29.94
N ALA A 361 -11.25 -6.01 29.83
CA ALA A 361 -10.97 -4.59 30.02
C ALA A 361 -11.67 -3.73 28.97
N ALA A 362 -11.72 -4.22 27.74
CA ALA A 362 -12.31 -3.41 26.66
C ALA A 362 -13.76 -3.09 26.95
N ALA A 363 -14.52 -4.07 27.46
CA ALA A 363 -15.89 -3.79 27.85
C ALA A 363 -15.95 -2.76 28.95
N HIS A 364 -15.03 -2.84 29.91
CA HIS A 364 -14.97 -1.83 30.95
C HIS A 364 -14.84 -0.45 30.33
N SER A 365 -13.88 -0.29 29.43
CA SER A 365 -13.66 1.01 28.82
C SER A 365 -14.91 1.50 28.09
N ASN A 366 -15.48 0.65 27.25
CA ASN A 366 -16.64 1.08 26.47
C ASN A 366 -17.79 1.46 27.38
N LEU A 367 -18.06 0.63 28.39
CA LEU A 367 -19.15 0.91 29.29
C LEU A 367 -18.92 2.22 30.02
N ALA A 368 -17.71 2.46 30.48
CA ALA A 368 -17.43 3.69 31.19
C ALA A 368 -17.61 4.90 30.30
N SER A 369 -17.18 4.81 29.04
CA SER A 369 -17.33 5.95 28.15
C SER A 369 -18.80 6.27 27.89
N VAL A 370 -19.61 5.26 27.66
CA VAL A 370 -21.03 5.56 27.48
C VAL A 370 -21.61 6.08 28.80
N LEU A 371 -21.05 5.68 29.93
CA LEU A 371 -21.49 6.26 31.20
C LEU A 371 -21.13 7.73 31.27
N GLN A 372 -19.95 8.08 30.76
CA GLN A 372 -19.59 9.49 30.64
C GLN A 372 -20.62 10.24 29.83
N GLN A 373 -21.12 9.61 28.77
CA GLN A 373 -22.25 10.19 28.05
C GLN A 373 -23.47 10.31 28.96
N GLN A 374 -23.66 9.33 29.83
CA GLN A 374 -24.80 9.34 30.76
C GLN A 374 -24.65 10.37 31.86
N GLY A 375 -23.48 10.97 32.01
CA GLY A 375 -23.27 11.95 33.07
C GLY A 375 -22.78 11.37 34.38
N LYS A 376 -23.48 10.34 34.88
CA LYS A 376 -23.00 9.62 36.05
C LYS A 376 -21.61 9.10 35.77
N LEU A 377 -20.68 9.34 36.67
CA LEU A 377 -19.28 9.10 36.35
C LEU A 377 -18.48 8.40 37.44
N GLN A 378 -18.84 8.54 38.71
CA GLN A 378 -18.05 7.93 39.77
C GLN A 378 -17.96 6.43 39.60
N GLU A 379 -19.07 5.80 39.24
CA GLU A 379 -19.03 4.40 38.85
C GLU A 379 -18.29 4.22 37.54
N ALA A 380 -18.41 5.15 36.61
CA ALA A 380 -17.55 5.09 35.43
C ALA A 380 -16.10 5.24 35.82
N LEU A 381 -15.82 6.07 36.83
CA LEU A 381 -14.46 6.20 37.31
C LEU A 381 -13.93 4.87 37.81
N MET A 382 -14.72 4.16 38.61
CA MET A 382 -14.21 2.89 39.12
C MET A 382 -14.10 1.86 37.99
N HIS A 383 -14.93 1.96 36.96
CA HIS A 383 -14.71 1.11 35.79
C HIS A 383 -13.37 1.41 35.14
N TYR A 384 -13.03 2.69 35.00
CA TYR A 384 -11.73 3.01 34.43
C TYR A 384 -10.61 2.47 35.31
N LYS A 385 -10.77 2.62 36.63
CA LYS A 385 -9.78 2.11 37.56
C LYS A 385 -9.56 0.62 37.36
N GLU A 386 -10.65 -0.15 37.38
CA GLU A 386 -10.54 -1.59 37.29
C GLU A 386 -10.03 -2.03 35.92
N ALA A 387 -10.38 -1.28 34.88
CA ALA A 387 -9.86 -1.60 33.56
C ALA A 387 -8.34 -1.49 33.56
N ILE A 388 -7.81 -0.44 34.16
CA ILE A 388 -6.36 -0.36 34.31
C ILE A 388 -5.85 -1.47 35.20
N ARG A 389 -6.60 -1.79 36.26
CA ARG A 389 -6.14 -2.76 37.22
C ARG A 389 -5.89 -4.10 36.56
N ILE A 390 -6.82 -4.54 35.71
CA ILE A 390 -6.65 -5.81 35.02
C ILE A 390 -5.57 -5.70 33.96
N SER A 391 -5.59 -4.63 33.17
CA SER A 391 -4.63 -4.42 32.09
C SER A 391 -3.87 -3.14 32.38
N PRO A 392 -2.66 -3.23 32.94
CA PRO A 392 -1.91 -2.02 33.31
C PRO A 392 -1.22 -1.33 32.14
N THR A 393 -1.57 -1.65 30.90
CA THR A 393 -0.90 -1.10 29.72
C THR A 393 -1.92 -0.60 28.71
N PHE A 394 -2.89 0.17 29.19
CA PHE A 394 -3.99 0.66 28.36
C PHE A 394 -4.05 2.18 28.47
N ALA A 395 -3.28 2.86 27.61
CA ALA A 395 -3.16 4.31 27.71
C ALA A 395 -4.49 4.99 27.44
N ASP A 396 -5.27 4.45 26.51
CA ASP A 396 -6.51 5.09 26.10
C ASP A 396 -7.41 5.34 27.31
N ALA A 397 -7.54 4.34 28.17
CA ALA A 397 -8.38 4.50 29.34
C ALA A 397 -7.83 5.58 30.26
N TYR A 398 -6.51 5.68 30.37
CA TYR A 398 -5.94 6.78 31.14
C TYR A 398 -6.42 8.12 30.61
N SER A 399 -6.31 8.30 29.30
CA SER A 399 -6.73 9.57 28.71
C SER A 399 -8.18 9.85 29.02
N ASN A 400 -9.03 8.85 28.81
CA ASN A 400 -10.46 9.07 29.01
C ASN A 400 -10.77 9.36 30.47
N MET A 401 -10.18 8.60 31.39
CA MET A 401 -10.45 8.85 32.80
C MET A 401 -9.93 10.21 33.21
N GLY A 402 -8.86 10.68 32.58
CA GLY A 402 -8.42 12.04 32.82
C GLY A 402 -9.49 13.05 32.41
N ASN A 403 -10.12 12.82 31.25
CA ASN A 403 -11.23 13.66 30.85
C ASN A 403 -12.31 13.64 31.92
N THR A 404 -12.59 12.46 32.47
CA THR A 404 -13.61 12.34 33.50
C THR A 404 -13.25 13.16 34.73
N LEU A 405 -12.04 12.94 35.26
CA LEU A 405 -11.64 13.64 36.47
C LEU A 405 -11.69 15.15 36.26
N LYS A 406 -11.10 15.62 35.17
CA LYS A 406 -11.13 17.04 34.87
C LYS A 406 -12.56 17.54 34.79
N GLU A 407 -13.48 16.70 34.32
CA GLU A 407 -14.86 17.12 34.34
C GLU A 407 -15.42 17.24 35.75
N MET A 408 -15.14 16.28 36.62
CA MET A 408 -15.81 16.25 37.92
C MET A 408 -15.11 17.06 38.99
N GLN A 409 -13.78 17.13 38.96
CA GLN A 409 -13.05 18.07 39.81
C GLN A 409 -11.88 18.54 38.94
N ASP A 410 -10.82 19.04 39.56
CA ASP A 410 -9.62 19.52 38.90
C ASP A 410 -8.39 18.82 39.45
N VAL A 411 -8.44 17.49 39.51
CA VAL A 411 -7.31 16.73 40.03
C VAL A 411 -6.12 16.95 39.10
N GLN A 412 -5.00 17.40 39.68
CA GLN A 412 -3.75 17.41 38.94
C GLN A 412 -3.07 16.05 38.95
N GLY A 413 -3.48 15.14 39.83
CA GLY A 413 -3.16 13.75 39.64
C GLY A 413 -3.74 13.21 38.36
N ALA A 414 -4.88 13.76 37.94
CA ALA A 414 -5.40 13.44 36.61
C ALA A 414 -4.44 13.93 35.54
N LEU A 415 -3.86 15.11 35.73
CA LEU A 415 -2.77 15.53 34.87
C LEU A 415 -1.67 14.48 34.85
N GLN A 416 -1.33 13.97 36.03
CA GLN A 416 -0.37 12.88 36.09
C GLN A 416 -0.86 11.66 35.31
N CYS A 417 -2.17 11.43 35.31
CA CYS A 417 -2.71 10.30 34.56
C CYS A 417 -2.42 10.47 33.08
N TYR A 418 -2.63 11.68 32.56
CA TYR A 418 -2.21 11.98 31.20
C TYR A 418 -0.73 11.65 31.04
N THR A 419 0.10 12.16 31.96
CA THR A 419 1.53 11.95 31.86
C THR A 419 1.86 10.47 31.80
N ARG A 420 1.16 9.67 32.60
CA ARG A 420 1.32 8.23 32.56
C ARG A 420 1.00 7.70 31.17
N ALA A 421 -0.03 8.26 30.53
CA ALA A 421 -0.37 7.82 29.19
C ALA A 421 0.78 8.05 28.22
N ILE A 422 1.40 9.24 28.29
CA ILE A 422 2.56 9.49 27.44
C ILE A 422 3.70 8.54 27.81
N GLN A 423 3.93 8.34 29.10
CA GLN A 423 4.98 7.42 29.53
C GLN A 423 4.74 6.02 29.01
N ILE A 424 3.49 5.68 28.69
CA ILE A 424 3.21 4.42 28.02
C ILE A 424 3.36 4.58 26.51
N ASN A 425 2.82 5.66 25.96
CA ASN A 425 2.98 5.93 24.53
C ASN A 425 2.99 7.43 24.27
N PRO A 426 4.09 7.97 23.81
CA PRO A 426 4.16 9.41 23.54
C PRO A 426 3.67 9.78 22.15
N ALA A 427 2.96 8.88 21.49
CA ALA A 427 2.43 9.14 20.16
C ALA A 427 1.03 9.74 20.19
N PHE A 428 0.56 10.18 21.34
CA PHE A 428 -0.78 10.74 21.47
C PHE A 428 -0.72 12.26 21.35
N ALA A 429 -1.10 12.77 20.18
CA ALA A 429 -1.28 14.21 20.05
C ALA A 429 -2.39 14.69 20.95
N ASP A 430 -3.49 13.93 21.02
CA ASP A 430 -4.64 14.33 21.81
C ASP A 430 -4.30 14.44 23.29
N ALA A 431 -3.55 13.47 23.82
CA ALA A 431 -3.20 13.51 25.23
C ALA A 431 -2.33 14.73 25.53
N HIS A 432 -1.37 15.01 24.66
CA HIS A 432 -0.56 16.21 24.83
C HIS A 432 -1.45 17.45 24.82
N SER A 433 -2.42 17.48 23.92
CA SER A 433 -3.35 18.60 23.87
C SER A 433 -4.09 18.76 25.19
N ASN A 434 -4.51 17.64 25.78
CA ASN A 434 -5.16 17.68 27.08
C ASN A 434 -4.26 18.36 28.10
N LEU A 435 -3.11 17.74 28.39
CA LEU A 435 -2.26 18.27 29.44
C LEU A 435 -1.89 19.72 29.17
N ALA A 436 -1.75 20.08 27.90
CA ALA A 436 -1.53 21.48 27.57
C ALA A 436 -2.72 22.31 27.98
N SER A 437 -3.94 21.79 27.82
CA SER A 437 -5.10 22.52 28.26
C SER A 437 -5.03 22.78 29.76
N ILE A 438 -4.63 21.75 30.53
CA ILE A 438 -4.46 21.96 31.97
C ILE A 438 -3.42 23.03 32.23
N HIS A 439 -2.33 23.00 31.47
CA HIS A 439 -1.26 23.99 31.67
C HIS A 439 -1.78 25.39 31.40
N LYS A 440 -2.55 25.56 30.32
CA LYS A 440 -3.08 26.88 30.01
C LYS A 440 -4.05 27.34 31.08
N ASP A 441 -4.88 26.43 31.58
CA ASP A 441 -5.80 26.79 32.65
C ASP A 441 -5.05 27.24 33.88
N SER A 442 -3.98 26.53 34.22
CA SER A 442 -3.23 26.78 35.44
C SER A 442 -2.39 28.04 35.35
N GLY A 443 -1.66 28.22 34.26
CA GLY A 443 -0.74 29.33 34.14
C GLY A 443 0.63 28.86 33.68
N ASN A 444 0.69 27.60 33.27
CA ASN A 444 1.92 27.01 32.75
C ASN A 444 2.00 27.19 31.23
N ILE A 445 2.12 28.45 30.82
CA ILE A 445 2.05 28.78 29.40
C ILE A 445 3.12 28.07 28.58
N PRO A 446 4.41 28.13 28.94
CA PRO A 446 5.41 27.50 28.06
C PRO A 446 5.18 26.03 27.83
N GLU A 447 4.76 25.30 28.87
CA GLU A 447 4.51 23.88 28.71
C GLU A 447 3.38 23.65 27.71
N ALA A 448 2.32 24.43 27.81
CA ALA A 448 1.22 24.30 26.86
C ALA A 448 1.70 24.57 25.44
N ILE A 449 2.52 25.61 25.26
CA ILE A 449 3.05 25.88 23.94
C ILE A 449 3.79 24.68 23.41
N ALA A 450 4.70 24.13 24.22
CA ALA A 450 5.50 23.00 23.77
C ALA A 450 4.62 21.82 23.41
N SER A 451 3.62 21.55 24.25
CA SER A 451 2.77 20.40 24.00
C SER A 451 1.95 20.57 22.73
N TYR A 452 1.40 21.76 22.52
CA TYR A 452 0.60 21.98 21.32
C TYR A 452 1.45 21.83 20.07
N ARG A 453 2.67 22.39 20.10
CA ARG A 453 3.56 22.19 18.97
C ARG A 453 3.85 20.72 18.77
N THR A 454 4.04 20.00 19.87
CA THR A 454 4.28 18.56 19.80
C THR A 454 3.13 17.88 19.08
N ALA A 455 1.90 18.15 19.52
CA ALA A 455 0.73 17.49 18.93
C ALA A 455 0.58 17.86 17.47
N LEU A 456 0.75 19.14 17.14
CA LEU A 456 0.59 19.57 15.77
C LEU A 456 1.62 18.92 14.87
N LYS A 457 2.86 18.82 15.34
CA LYS A 457 3.89 18.12 14.57
C LYS A 457 3.56 16.64 14.45
N LEU A 458 2.80 16.09 15.39
CA LEU A 458 2.35 14.71 15.25
C LEU A 458 1.02 14.63 14.52
N LYS A 459 0.18 15.65 14.67
CA LYS A 459 -1.13 15.68 14.00
C LYS A 459 -1.21 16.92 13.13
N PRO A 460 -0.87 16.80 11.85
CA PRO A 460 -1.06 17.96 10.95
C PRO A 460 -2.51 18.39 10.82
N ASP A 461 -3.45 17.46 10.92
CA ASP A 461 -4.84 17.72 10.58
C ASP A 461 -5.67 18.26 11.74
N PHE A 462 -5.11 18.36 12.93
CA PHE A 462 -5.94 18.65 14.08
C PHE A 462 -6.26 20.13 14.17
N PRO A 463 -7.53 20.52 14.05
CA PRO A 463 -7.86 21.95 14.09
C PRO A 463 -7.91 22.52 15.50
N ASP A 464 -8.45 21.75 16.45
CA ASP A 464 -8.66 22.29 17.79
C ASP A 464 -7.34 22.66 18.44
N ALA A 465 -6.33 21.82 18.30
CA ALA A 465 -5.00 22.16 18.79
C ALA A 465 -4.52 23.44 18.12
N TYR A 466 -4.77 23.58 16.82
CA TYR A 466 -4.37 24.80 16.14
C TYR A 466 -5.02 26.01 16.77
N CYS A 467 -6.32 25.93 17.07
CA CYS A 467 -7.02 27.09 17.60
C CYS A 467 -6.48 27.47 18.98
N ASN A 468 -6.40 26.51 19.89
CA ASN A 468 -5.91 26.84 21.22
C ASN A 468 -4.47 27.34 21.15
N LEU A 469 -3.64 26.70 20.33
CA LEU A 469 -2.27 27.16 20.18
C LEU A 469 -2.24 28.59 19.68
N ALA A 470 -3.15 28.92 18.76
CA ALA A 470 -3.22 30.28 18.26
C ALA A 470 -3.52 31.26 19.37
N HIS A 471 -4.50 30.94 20.21
CA HIS A 471 -4.81 31.85 21.30
C HIS A 471 -3.63 31.99 22.24
N CYS A 472 -2.94 30.89 22.53
CA CYS A 472 -1.79 30.98 23.43
C CYS A 472 -0.72 31.88 22.84
N LEU A 473 -0.43 31.71 21.56
CA LEU A 473 0.54 32.58 20.92
C LEU A 473 0.12 34.04 21.04
N GLN A 474 -1.15 34.31 20.83
CA GLN A 474 -1.61 35.68 20.98
C GLN A 474 -1.44 36.18 22.40
N ILE A 475 -1.49 35.30 23.39
CA ILE A 475 -1.16 35.73 24.74
C ILE A 475 0.30 36.16 24.83
N VAL A 476 1.19 35.43 24.16
CA VAL A 476 2.62 35.64 24.32
C VAL A 476 3.20 36.54 23.20
N CYS A 477 2.36 37.26 22.48
CA CYS A 477 2.81 38.29 21.55
C CYS A 477 3.72 37.80 20.43
N ASP A 478 3.97 36.50 20.35
CA ASP A 478 4.78 35.99 19.26
C ASP A 478 3.96 36.02 17.96
N TRP A 479 4.13 37.08 17.17
CA TRP A 479 3.32 37.30 15.99
C TRP A 479 3.95 36.76 14.71
N THR A 480 4.78 35.74 14.83
CA THR A 480 5.33 35.10 13.64
C THR A 480 4.20 34.60 12.75
N ASP A 481 4.30 34.89 11.46
CA ASP A 481 3.33 34.43 10.47
C ASP A 481 1.92 34.90 10.83
N TYR A 482 1.82 36.15 11.27
CA TYR A 482 0.62 36.64 11.93
C TYR A 482 -0.62 36.52 11.04
N ASP A 483 -0.66 37.30 9.96
CA ASP A 483 -1.83 37.29 9.08
C ASP A 483 -2.07 35.90 8.50
N GLU A 484 -1.00 35.16 8.27
CA GLU A 484 -1.12 33.78 7.81
C GLU A 484 -1.93 32.95 8.79
N ARG A 485 -1.63 33.09 10.08
CA ARG A 485 -2.39 32.36 11.08
C ARG A 485 -3.86 32.76 11.04
N MET A 486 -4.15 34.07 11.00
CA MET A 486 -5.56 34.45 11.01
C MET A 486 -6.28 33.93 9.78
N LYS A 487 -5.67 34.02 8.60
CA LYS A 487 -6.40 33.58 7.41
C LYS A 487 -6.67 32.08 7.47
N LYS A 488 -5.67 31.29 7.88
CA LYS A 488 -5.90 29.85 7.96
C LYS A 488 -7.00 29.52 8.97
N LEU A 489 -6.96 30.15 10.15
CA LEU A 489 -7.96 29.81 11.16
C LEU A 489 -9.33 30.36 10.79
N VAL A 490 -9.39 31.47 10.06
CA VAL A 490 -10.68 31.94 9.56
C VAL A 490 -11.27 30.90 8.62
N SER A 491 -10.44 30.33 7.76
CA SER A 491 -10.90 29.23 6.92
C SER A 491 -11.39 28.07 7.79
N ILE A 492 -10.64 27.74 8.84
CA ILE A 492 -10.98 26.58 9.65
C ILE A 492 -12.31 26.79 10.35
N VAL A 493 -12.55 27.99 10.89
CA VAL A 493 -13.80 28.21 11.60
C VAL A 493 -14.99 28.18 10.63
N ALA A 494 -14.82 28.76 9.44
CA ALA A 494 -15.88 28.68 8.45
C ALA A 494 -16.17 27.23 8.09
N ASP A 495 -15.13 26.47 7.80
CA ASP A 495 -15.28 25.06 7.44
C ASP A 495 -15.91 24.26 8.58
N GLN A 496 -15.43 24.48 9.81
CA GLN A 496 -15.96 23.76 10.95
C GLN A 496 -17.44 24.06 11.13
N LEU A 497 -17.81 25.34 10.99
CA LEU A 497 -19.19 25.73 11.18
C LEU A 497 -20.09 25.08 10.13
N GLU A 498 -19.62 24.95 8.90
CA GLU A 498 -20.41 24.27 7.90
C GLU A 498 -20.59 22.80 8.25
N LYS A 499 -19.64 22.21 8.97
CA LYS A 499 -19.76 20.81 9.36
C LYS A 499 -20.78 20.62 10.47
N ASN A 500 -21.51 21.68 10.81
CA ASN A 500 -22.55 21.64 11.83
C ASN A 500 -22.03 21.17 13.17
N ARG A 501 -20.87 21.66 13.58
CA ARG A 501 -20.27 21.34 14.86
C ARG A 501 -19.97 22.62 15.61
N LEU A 502 -19.78 22.51 16.92
CA LEU A 502 -19.43 23.69 17.70
C LEU A 502 -18.03 24.14 17.29
N PRO A 503 -17.81 25.44 17.13
CA PRO A 503 -16.51 25.93 16.68
C PRO A 503 -15.45 25.67 17.73
N SER A 504 -14.22 25.51 17.27
CA SER A 504 -13.11 25.33 18.20
C SER A 504 -12.87 26.62 18.99
N VAL A 505 -13.02 27.76 18.33
CA VAL A 505 -12.73 29.03 18.98
C VAL A 505 -13.73 29.29 20.09
N HIS A 506 -13.24 29.61 21.26
CA HIS A 506 -14.09 29.97 22.37
C HIS A 506 -14.84 31.27 22.05
N PRO A 507 -16.09 31.40 22.50
CA PRO A 507 -16.85 32.62 22.22
C PRO A 507 -16.19 33.87 22.70
N HIS A 508 -15.53 33.82 23.86
CA HIS A 508 -14.86 35.01 24.37
C HIS A 508 -13.66 35.37 23.52
N HIS A 509 -12.93 34.36 23.04
CA HIS A 509 -11.72 34.61 22.27
C HIS A 509 -11.99 35.26 20.93
N SER A 510 -13.24 35.29 20.49
CA SER A 510 -13.51 35.73 19.13
C SER A 510 -13.07 37.16 18.92
N MET A 511 -13.40 38.05 19.85
CA MET A 511 -13.21 39.47 19.64
C MET A 511 -11.74 39.85 19.52
N LEU A 512 -10.84 38.87 19.60
CA LEU A 512 -9.45 39.10 19.24
C LEU A 512 -9.22 38.87 17.75
N TYR A 513 -9.65 37.83 17.26
CA TYR A 513 -9.45 37.64 15.84
C TYR A 513 -10.41 38.53 15.05
N PRO A 514 -10.01 39.00 13.88
CA PRO A 514 -10.93 39.76 13.02
C PRO A 514 -11.81 38.83 12.21
N LEU A 515 -13.09 38.78 12.55
CA LEU A 515 -14.07 37.94 11.85
C LEU A 515 -15.28 38.77 11.48
N SER A 516 -16.09 38.22 10.57
CA SER A 516 -17.33 38.86 10.18
C SER A 516 -18.33 38.83 11.33
N HIS A 517 -19.23 39.82 11.33
CA HIS A 517 -20.30 39.84 12.32
C HIS A 517 -21.11 38.54 12.25
N GLY A 518 -21.34 38.03 11.05
CA GLY A 518 -22.09 36.79 10.92
C GLY A 518 -21.41 35.64 11.64
N PHE A 519 -20.10 35.51 11.48
CA PHE A 519 -19.39 34.42 12.13
C PHE A 519 -19.49 34.51 13.63
N ARG A 520 -19.23 35.70 14.19
CA ARG A 520 -19.24 35.84 15.64
C ARG A 520 -20.62 35.55 16.19
N LYS A 521 -21.66 36.09 15.55
CA LYS A 521 -23.00 35.73 15.95
C LYS A 521 -23.17 34.23 15.93
N ALA A 522 -22.85 33.61 14.79
CA ALA A 522 -23.13 32.18 14.60
C ALA A 522 -22.48 31.36 15.69
N ILE A 523 -21.24 31.67 16.06
CA ILE A 523 -20.58 30.96 17.15
C ILE A 523 -21.33 31.18 18.45
N ALA A 524 -21.80 32.41 18.68
CA ALA A 524 -22.57 32.67 19.90
C ALA A 524 -23.80 31.78 19.96
N GLU A 525 -24.59 31.72 18.88
CA GLU A 525 -25.73 30.82 18.90
C GLU A 525 -25.31 29.36 18.99
N ARG A 526 -24.15 28.98 18.45
CA ARG A 526 -23.73 27.59 18.58
C ARG A 526 -23.59 27.21 20.05
N HIS A 527 -22.89 28.04 20.82
CA HIS A 527 -22.75 27.74 22.24
C HIS A 527 -24.07 27.87 22.97
N GLY A 528 -24.89 28.87 22.60
CA GLY A 528 -26.16 29.05 23.28
C GLY A 528 -27.11 27.89 23.06
N ASN A 529 -27.24 27.46 21.81
CA ASN A 529 -28.08 26.29 21.54
C ASN A 529 -27.49 25.05 22.17
N LEU A 530 -26.17 24.99 22.31
CA LEU A 530 -25.56 23.91 23.05
C LEU A 530 -26.09 23.87 24.48
N CYS A 531 -26.09 25.02 25.15
CA CYS A 531 -26.58 25.09 26.52
C CYS A 531 -28.03 24.62 26.60
N LEU A 532 -28.88 25.15 25.73
CA LEU A 532 -30.28 24.75 25.77
C LEU A 532 -30.44 23.28 25.36
N ASP A 533 -29.48 22.73 24.62
CA ASP A 533 -29.51 21.30 24.33
C ASP A 533 -29.36 20.48 25.60
N LYS A 534 -28.46 20.88 26.50
CA LYS A 534 -28.41 20.18 27.78
C LYS A 534 -29.71 20.34 28.54
N ILE A 535 -30.25 21.56 28.57
CA ILE A 535 -31.41 21.79 29.44
C ILE A 535 -32.64 21.08 28.91
N ASN A 536 -32.72 20.88 27.59
CA ASN A 536 -33.96 20.38 26.98
C ASN A 536 -34.27 18.96 27.41
N VAL A 537 -33.26 18.09 27.46
CA VAL A 537 -33.50 16.66 27.65
C VAL A 537 -34.10 16.38 29.02
N LEU A 538 -33.92 17.28 29.98
CA LEU A 538 -34.40 17.02 31.33
C LEU A 538 -35.92 17.05 31.40
N HIS A 539 -36.58 17.68 30.44
CA HIS A 539 -38.04 17.79 30.40
C HIS A 539 -38.62 18.36 31.69
N LYS A 540 -37.92 19.33 32.27
CA LYS A 540 -38.45 19.97 33.45
C LYS A 540 -39.68 20.79 33.09
N PRO A 541 -40.73 20.75 33.91
CA PRO A 541 -41.98 21.45 33.57
C PRO A 541 -41.77 22.94 33.47
N PRO A 542 -42.40 23.59 32.49
CA PRO A 542 -42.27 25.05 32.37
C PRO A 542 -42.94 25.78 33.52
N TYR A 543 -42.49 27.01 33.74
CA TYR A 543 -43.03 27.84 34.80
C TYR A 543 -44.14 28.75 34.27
N GLU A 544 -45.24 28.80 35.02
CA GLU A 544 -46.31 29.76 34.75
C GLU A 544 -46.14 30.96 35.68
N HIS A 545 -45.04 31.66 35.48
CA HIS A 545 -44.65 32.84 36.22
C HIS A 545 -45.34 34.14 35.82
N PRO A 546 -45.57 34.40 34.53
CA PRO A 546 -45.67 35.80 34.07
C PRO A 546 -46.92 36.50 34.57
N LYS A 547 -46.93 37.81 34.31
CA LYS A 547 -48.06 38.69 34.63
C LYS A 547 -48.37 38.67 36.12
N ASP A 548 -47.38 39.08 36.90
CA ASP A 548 -47.52 39.25 38.35
C ASP A 548 -47.08 40.67 38.72
N LEU A 549 -48.00 41.62 38.54
CA LEU A 549 -47.77 43.00 38.91
C LEU A 549 -48.86 43.54 39.85
N LYS A 550 -49.93 42.77 40.06
CA LYS A 550 -51.04 43.17 40.92
C LYS A 550 -50.78 42.75 42.36
N LEU A 551 -50.58 41.46 42.57
CA LEU A 551 -50.16 40.97 43.89
C LEU A 551 -48.80 41.53 44.26
N SER A 552 -48.00 41.92 43.27
CA SER A 552 -46.74 42.61 43.54
C SER A 552 -46.96 43.95 44.20
N ASP A 553 -48.19 44.48 44.16
CA ASP A 553 -48.55 45.71 44.85
C ASP A 553 -47.72 46.89 44.34
N GLY A 554 -47.39 46.86 43.06
CA GLY A 554 -46.72 47.97 42.42
C GLY A 554 -45.22 48.02 42.58
N ARG A 555 -44.63 47.09 43.33
CA ARG A 555 -43.19 47.02 43.48
C ARG A 555 -42.65 45.88 42.61
N LEU A 556 -41.62 46.18 41.83
CA LEU A 556 -41.07 45.19 40.93
C LEU A 556 -39.98 44.39 41.64
N ARG A 557 -39.55 43.31 40.99
CA ARG A 557 -38.52 42.44 41.51
C ARG A 557 -37.41 42.32 40.49
N VAL A 558 -36.17 42.52 40.92
CA VAL A 558 -35.01 42.49 40.05
C VAL A 558 -34.03 41.46 40.59
N GLY A 559 -33.45 40.69 39.70
CA GLY A 559 -32.52 39.63 40.08
C GLY A 559 -31.19 39.77 39.38
N TYR A 560 -30.12 39.58 40.13
CA TYR A 560 -28.75 39.60 39.62
C TYR A 560 -28.06 38.29 39.98
N VAL A 561 -27.35 37.72 39.03
CA VAL A 561 -26.53 36.55 39.29
C VAL A 561 -25.10 36.88 38.94
N SER A 562 -24.17 36.27 39.67
CA SER A 562 -22.76 36.57 39.48
C SER A 562 -21.93 35.51 40.17
N SER A 563 -21.06 34.86 39.42
CA SER A 563 -19.97 34.12 40.02
C SER A 563 -18.81 35.04 40.37
N ASP A 564 -19.06 36.33 40.53
CA ASP A 564 -18.03 37.31 40.83
C ASP A 564 -18.47 38.36 41.85
N PHE A 565 -19.50 38.07 42.63
CA PHE A 565 -19.68 38.81 43.89
C PHE A 565 -18.49 38.56 44.79
N GLY A 566 -17.75 39.62 45.10
CA GLY A 566 -16.58 39.50 45.94
C GLY A 566 -15.45 40.39 45.47
N ASN A 567 -14.23 39.86 45.44
CA ASN A 567 -13.09 40.62 44.96
C ASN A 567 -12.91 40.32 43.47
N HIS A 568 -13.57 41.11 42.63
CA HIS A 568 -13.45 40.95 41.19
C HIS A 568 -13.80 42.27 40.52
N PRO A 569 -13.17 42.58 39.39
CA PRO A 569 -13.42 43.87 38.73
C PRO A 569 -14.89 44.17 38.52
N THR A 570 -15.68 43.16 38.14
CA THR A 570 -17.11 43.36 38.00
C THR A 570 -17.71 43.87 39.30
N SER A 571 -17.39 43.20 40.41
CA SER A 571 -17.81 43.69 41.71
C SER A 571 -17.24 45.07 41.97
N HIS A 572 -15.96 45.25 41.66
CA HIS A 572 -15.31 46.55 41.81
C HIS A 572 -16.01 47.64 41.02
N LEU A 573 -16.96 47.26 40.19
CA LEU A 573 -17.61 48.19 39.27
C LEU A 573 -19.07 48.41 39.61
N MET A 574 -19.78 47.38 40.06
CA MET A 574 -21.21 47.49 40.33
C MET A 574 -21.53 47.47 41.83
N GLN A 575 -20.51 47.51 42.68
CA GLN A 575 -20.71 47.14 44.07
C GLN A 575 -21.77 48.00 44.75
N SER A 576 -21.82 49.28 44.44
CA SER A 576 -22.70 50.18 45.19
C SER A 576 -24.10 50.28 44.62
N ILE A 577 -24.38 49.61 43.50
CA ILE A 577 -25.68 49.77 42.85
C ILE A 577 -26.85 49.42 43.77
N PRO A 578 -26.83 48.33 44.52
CA PRO A 578 -27.96 48.05 45.42
C PRO A 578 -28.18 49.12 46.47
N GLY A 579 -27.18 49.97 46.72
CA GLY A 579 -27.27 50.94 47.79
C GLY A 579 -28.40 51.94 47.64
N MET A 580 -28.73 52.34 46.42
CA MET A 580 -29.76 53.35 46.21
C MET A 580 -30.92 52.86 45.35
N HIS A 581 -31.12 51.55 45.28
CA HIS A 581 -32.28 51.02 44.58
C HIS A 581 -33.55 51.43 45.33
N ASN A 582 -34.58 51.83 44.57
CA ASN A 582 -35.81 52.29 45.17
C ASN A 582 -36.63 51.11 45.68
N PRO A 583 -36.92 51.02 46.97
CA PRO A 583 -37.74 49.91 47.46
C PRO A 583 -39.20 50.04 47.13
N ASP A 584 -39.66 51.25 46.78
CA ASP A 584 -41.09 51.50 46.63
C ASP A 584 -41.68 50.70 45.49
N LYS A 585 -41.08 50.80 44.30
CA LYS A 585 -41.58 50.11 43.12
C LYS A 585 -40.63 49.03 42.64
N PHE A 586 -39.61 48.70 43.43
CA PHE A 586 -38.64 47.68 43.05
C PHE A 586 -38.13 47.01 44.31
N GLU A 587 -37.91 45.70 44.24
CA GLU A 587 -37.24 44.99 45.32
C GLU A 587 -36.13 44.15 44.72
N VAL A 588 -34.95 44.20 45.34
CA VAL A 588 -33.74 43.62 44.76
C VAL A 588 -33.47 42.28 45.41
N PHE A 589 -32.92 41.35 44.61
CA PHE A 589 -32.58 40.02 45.10
C PHE A 589 -31.18 39.69 44.60
N CYS A 590 -30.28 39.36 45.50
CA CYS A 590 -28.93 38.97 45.14
C CYS A 590 -28.79 37.45 45.12
N TYR A 591 -27.96 36.96 44.20
CA TYR A 591 -27.78 35.53 44.01
C TYR A 591 -26.32 35.26 43.71
N ALA A 592 -25.53 34.97 44.73
CA ALA A 592 -24.11 34.73 44.58
C ALA A 592 -23.91 33.29 44.13
N LEU A 593 -23.53 33.11 42.87
CA LEU A 593 -23.25 31.77 42.36
C LEU A 593 -22.05 31.16 43.08
N SER A 594 -21.00 31.93 43.27
CA SER A 594 -19.78 31.41 43.84
C SER A 594 -19.89 31.29 45.36
N PRO A 595 -19.12 30.39 45.96
CA PRO A 595 -19.06 30.33 47.42
C PRO A 595 -18.45 31.60 47.98
N ASP A 596 -18.83 31.92 49.21
CA ASP A 596 -18.36 33.14 49.83
C ASP A 596 -16.86 33.08 50.08
N ASP A 597 -16.23 34.25 50.08
CA ASP A 597 -14.83 34.34 50.46
C ASP A 597 -14.60 35.47 51.46
N GLY A 598 -15.65 35.96 52.10
CA GLY A 598 -15.49 36.94 53.16
C GLY A 598 -14.89 38.25 52.70
N THR A 599 -15.16 38.66 51.47
CA THR A 599 -14.69 39.96 51.01
C THR A 599 -15.55 41.06 51.62
N ASN A 600 -14.92 42.17 51.97
CA ASN A 600 -15.67 43.35 52.39
C ASN A 600 -16.67 43.76 51.32
N PHE A 601 -16.32 43.55 50.05
CA PHE A 601 -17.29 43.71 48.98
C PHE A 601 -18.55 42.91 49.27
N ARG A 602 -18.40 41.59 49.39
CA ARG A 602 -19.54 40.74 49.69
C ARG A 602 -20.21 41.16 50.99
N VAL A 603 -19.43 41.62 51.96
CA VAL A 603 -19.98 42.12 53.21
C VAL A 603 -20.98 43.21 52.92
N LYS A 604 -20.60 44.19 52.11
CA LYS A 604 -21.52 45.24 51.72
C LYS A 604 -22.69 44.65 50.93
N VAL A 605 -22.41 43.63 50.11
CA VAL A 605 -23.43 43.07 49.24
C VAL A 605 -24.64 42.62 50.05
N MET A 606 -24.40 41.81 51.08
CA MET A 606 -25.58 41.47 51.87
C MET A 606 -25.90 42.54 52.90
N ALA A 607 -25.02 43.53 53.09
CA ALA A 607 -25.32 44.60 54.02
C ALA A 607 -26.53 45.40 53.58
N GLU A 608 -26.54 45.85 52.31
CA GLU A 608 -27.65 46.65 51.82
C GLU A 608 -28.60 45.85 50.92
N ALA A 609 -28.46 44.53 50.87
CA ALA A 609 -29.34 43.73 50.03
C ALA A 609 -30.74 43.67 50.63
N ASN A 610 -31.75 43.86 49.77
CA ASN A 610 -33.11 43.54 50.18
C ASN A 610 -33.26 42.05 50.43
N HIS A 611 -32.67 41.22 49.56
CA HIS A 611 -32.70 39.78 49.71
C HIS A 611 -31.41 39.22 49.16
N PHE A 612 -30.50 38.83 50.05
CA PHE A 612 -29.30 38.14 49.63
C PHE A 612 -29.56 36.64 49.66
N ILE A 613 -29.24 35.96 48.56
CA ILE A 613 -29.50 34.53 48.42
C ILE A 613 -28.23 33.86 47.93
N ASP A 614 -27.83 32.80 48.61
CA ASP A 614 -26.67 32.03 48.18
C ASP A 614 -27.13 30.85 47.35
N LEU A 615 -26.26 30.43 46.42
CA LEU A 615 -26.55 29.29 45.57
C LEU A 615 -25.42 28.29 45.52
N SER A 616 -24.28 28.58 46.16
CA SER A 616 -23.19 27.62 46.21
C SER A 616 -23.59 26.33 46.93
N GLN A 617 -24.64 26.40 47.75
CA GLN A 617 -25.21 25.22 48.37
C GLN A 617 -26.17 24.48 47.44
N ILE A 618 -26.45 25.04 46.27
CA ILE A 618 -27.43 24.48 45.36
C ILE A 618 -26.74 24.06 44.07
N PRO A 619 -26.28 22.81 43.96
CA PRO A 619 -25.84 22.31 42.65
C PRO A 619 -27.01 22.03 41.72
N CYS A 620 -28.20 21.86 42.28
CA CYS A 620 -29.36 21.54 41.46
C CYS A 620 -29.76 22.74 40.62
N ASN A 621 -29.74 22.55 39.30
CA ASN A 621 -30.32 23.55 38.42
C ASN A 621 -31.82 23.67 38.67
N GLY A 622 -32.49 22.54 38.90
CA GLY A 622 -33.93 22.55 39.06
C GLY A 622 -34.38 23.43 40.20
N LYS A 623 -34.06 23.04 41.43
CA LYS A 623 -34.62 23.74 42.59
C LYS A 623 -34.18 25.19 42.62
N ALA A 624 -33.02 25.50 42.04
CA ALA A 624 -32.62 26.90 41.93
C ALA A 624 -33.57 27.66 41.02
N ALA A 625 -33.83 27.11 39.81
CA ALA A 625 -34.76 27.76 38.90
C ALA A 625 -36.17 27.83 39.51
N ASP A 626 -36.59 26.76 40.17
CA ASP A 626 -37.88 26.78 40.84
C ASP A 626 -37.91 27.86 41.90
N ARG A 627 -36.86 27.96 42.71
CA ARG A 627 -36.79 28.99 43.73
C ARG A 627 -36.98 30.37 43.12
N ILE A 628 -36.36 30.60 41.97
CA ILE A 628 -36.60 31.83 41.23
C ILE A 628 -38.08 31.93 40.87
N HIS A 629 -38.68 30.82 40.47
CA HIS A 629 -40.09 30.85 40.07
C HIS A 629 -40.99 31.28 41.23
N GLN A 630 -40.76 30.74 42.43
CA GLN A 630 -41.57 31.20 43.56
C GLN A 630 -41.24 32.65 43.89
N ASP A 631 -39.98 33.05 43.74
CA ASP A 631 -39.65 34.45 43.95
C ASP A 631 -40.37 35.35 42.96
N GLY A 632 -40.71 34.82 41.79
CA GLY A 632 -41.50 35.58 40.83
C GLY A 632 -40.85 36.87 40.39
N ILE A 633 -39.54 36.85 40.19
CA ILE A 633 -38.81 38.06 39.86
C ILE A 633 -39.20 38.53 38.46
N HIS A 634 -39.65 39.78 38.37
CA HIS A 634 -40.09 40.32 37.08
C HIS A 634 -38.90 40.50 36.13
N ILE A 635 -37.81 41.08 36.61
CA ILE A 635 -36.66 41.40 35.77
C ILE A 635 -35.45 40.63 36.29
N LEU A 636 -34.80 39.90 35.40
CA LEU A 636 -33.62 39.13 35.73
C LEU A 636 -32.46 39.59 34.87
N VAL A 637 -31.35 39.88 35.52
CA VAL A 637 -30.19 40.50 34.87
C VAL A 637 -28.96 39.64 35.14
N ASN A 638 -28.16 39.44 34.11
CA ASN A 638 -26.95 38.63 34.20
C ASN A 638 -25.71 39.51 34.22
N MET A 639 -24.71 39.06 34.96
CA MET A 639 -23.38 39.61 34.87
C MET A 639 -22.40 38.72 34.13
N ASN A 640 -22.58 37.40 34.17
CA ASN A 640 -21.51 36.51 33.71
C ASN A 640 -21.50 36.36 32.19
N GLY A 641 -22.55 35.79 31.63
CA GLY A 641 -22.44 35.39 30.24
C GLY A 641 -21.36 34.33 30.10
N TYR A 642 -20.99 34.07 28.85
CA TYR A 642 -19.94 33.11 28.61
C TYR A 642 -18.63 33.67 29.12
N THR A 643 -18.23 33.23 30.32
CA THR A 643 -16.94 33.57 30.89
C THR A 643 -16.47 32.34 31.64
N LYS A 644 -15.30 32.46 32.27
CA LYS A 644 -14.85 31.41 33.17
C LYS A 644 -15.73 31.40 34.41
N GLY A 645 -16.22 30.22 34.77
CA GLY A 645 -17.00 30.09 35.98
C GLY A 645 -18.36 30.74 35.91
N ALA A 646 -19.27 30.16 35.13
CA ALA A 646 -20.65 30.61 35.09
C ALA A 646 -21.54 29.42 34.74
N ARG A 647 -22.82 29.56 35.06
CA ARG A 647 -23.80 28.52 34.73
C ARG A 647 -25.02 29.21 34.11
N ASN A 648 -24.97 29.37 32.80
CA ASN A 648 -26.00 30.11 32.09
C ASN A 648 -27.27 29.31 31.88
N GLU A 649 -27.20 27.97 31.97
CA GLU A 649 -28.39 27.16 31.80
C GLU A 649 -29.49 27.58 32.75
N LEU A 650 -29.11 28.08 33.93
CA LEU A 650 -30.06 28.64 34.87
C LEU A 650 -30.91 29.70 34.19
N PHE A 651 -30.31 30.45 33.27
CA PHE A 651 -31.10 31.37 32.47
C PHE A 651 -31.69 30.70 31.24
N ALA A 652 -31.09 29.60 30.77
CA ALA A 652 -31.62 28.93 29.59
C ALA A 652 -33.02 28.40 29.83
N LEU A 653 -33.35 28.06 31.08
CA LEU A 653 -34.70 27.61 31.38
C LEU A 653 -35.71 28.76 31.39
N ARG A 654 -35.24 30.00 31.24
CA ARG A 654 -36.04 31.22 31.30
C ARG A 654 -37.16 31.15 32.34
N PRO A 655 -36.83 31.01 33.62
CA PRO A 655 -37.87 31.05 34.66
C PRO A 655 -38.56 32.40 34.71
N ALA A 656 -37.79 33.47 34.91
CA ALA A 656 -38.37 34.80 35.02
C ALA A 656 -38.91 35.26 33.66
N PRO A 657 -39.89 36.17 33.66
CA PRO A 657 -40.44 36.63 32.38
C PRO A 657 -39.42 37.34 31.49
N ILE A 658 -38.48 38.08 32.06
CA ILE A 658 -37.53 38.86 31.27
C ILE A 658 -36.12 38.62 31.78
N GLN A 659 -35.20 38.33 30.85
CA GLN A 659 -33.80 38.08 31.16
C GLN A 659 -32.92 38.92 30.23
N ALA A 660 -31.93 39.59 30.79
CA ALA A 660 -31.17 40.59 30.06
C ALA A 660 -29.67 40.42 30.28
N MET A 661 -28.90 40.83 29.27
CA MET A 661 -27.45 41.00 29.38
C MET A 661 -27.12 42.42 29.82
N TRP A 662 -26.13 42.54 30.68
CA TRP A 662 -25.72 43.86 31.14
C TRP A 662 -24.37 43.80 31.84
N LEU A 663 -23.50 44.76 31.51
CA LEU A 663 -22.23 44.95 32.20
C LEU A 663 -21.38 43.68 32.15
N GLY A 664 -21.46 42.99 31.03
CA GLY A 664 -20.66 41.80 30.83
C GLY A 664 -19.85 41.95 29.56
N TYR A 665 -19.19 40.88 29.15
CA TYR A 665 -18.45 40.96 27.91
C TYR A 665 -19.38 41.30 26.77
N PRO A 666 -18.95 42.16 25.88
CA PRO A 666 -19.75 42.51 24.71
C PRO A 666 -19.85 41.32 23.77
N GLY A 667 -20.84 41.38 22.88
CA GLY A 667 -21.13 40.29 21.98
C GLY A 667 -22.28 39.48 22.53
N THR A 668 -23.46 39.68 21.96
CA THR A 668 -24.64 39.01 22.49
C THR A 668 -24.52 37.51 22.37
N SER A 669 -25.08 36.81 23.37
CA SER A 669 -24.92 35.36 23.43
C SER A 669 -25.58 34.66 22.27
N GLY A 670 -26.50 35.33 21.58
CA GLY A 670 -27.30 34.65 20.58
C GLY A 670 -28.17 33.57 21.20
N ALA A 671 -28.62 33.78 22.43
CA ALA A 671 -29.42 32.77 23.10
C ALA A 671 -30.84 32.70 22.60
N LEU A 672 -31.37 33.80 22.07
CA LEU A 672 -32.73 33.89 21.54
C LEU A 672 -33.76 33.89 22.66
N PHE A 673 -33.32 33.65 23.89
CA PHE A 673 -34.15 33.87 25.05
C PHE A 673 -33.65 35.01 25.92
N MET A 674 -32.50 35.58 25.58
CA MET A 674 -32.15 36.88 26.13
C MET A 674 -33.04 37.94 25.51
N ASP A 675 -33.22 39.03 26.24
CA ASP A 675 -34.25 39.99 25.89
C ASP A 675 -33.70 41.37 25.56
N TYR A 676 -32.88 41.95 26.43
CA TYR A 676 -32.44 43.34 26.26
C TYR A 676 -30.96 43.46 26.59
N ILE A 677 -30.18 43.92 25.61
CA ILE A 677 -28.84 44.43 25.88
C ILE A 677 -28.97 45.81 26.52
N ILE A 678 -27.85 46.36 26.96
CA ILE A 678 -27.81 47.72 27.45
C ILE A 678 -26.75 48.47 26.67
N THR A 679 -27.08 49.67 26.22
CA THR A 679 -26.14 50.52 25.48
C THR A 679 -26.68 51.95 25.49
N ASP A 680 -26.10 52.80 24.67
CA ASP A 680 -26.54 54.17 24.51
C ASP A 680 -26.97 54.42 23.07
N GLN A 681 -27.23 55.68 22.75
CA GLN A 681 -27.59 56.05 21.39
C GLN A 681 -26.44 55.78 20.43
N GLU A 682 -25.20 56.03 20.84
CA GLU A 682 -24.11 56.07 19.86
C GLU A 682 -23.25 54.82 19.84
N THR A 683 -23.01 54.18 20.98
CA THR A 683 -22.09 53.04 21.01
C THR A 683 -22.60 51.91 20.12
N SER A 684 -23.91 51.64 20.19
CA SER A 684 -24.53 50.57 19.43
C SER A 684 -25.67 51.18 18.64
N PRO A 685 -25.36 51.84 17.51
CA PRO A 685 -26.42 52.37 16.66
C PRO A 685 -27.12 51.24 15.91
N ALA A 686 -28.27 51.59 15.33
CA ALA A 686 -29.16 50.59 14.75
C ALA A 686 -28.56 49.88 13.55
N GLU A 687 -27.46 50.40 12.99
CA GLU A 687 -26.90 49.80 11.79
C GLU A 687 -26.46 48.37 12.05
N VAL A 688 -25.82 48.12 13.20
CA VAL A 688 -25.25 46.82 13.51
C VAL A 688 -26.26 45.91 14.19
N ALA A 689 -27.53 46.32 14.26
CA ALA A 689 -28.51 45.51 14.96
C ALA A 689 -28.80 44.19 14.25
N GLU A 690 -28.17 43.93 13.12
CA GLU A 690 -28.37 42.68 12.40
C GLU A 690 -27.63 41.51 13.05
N GLN A 691 -26.59 41.76 13.85
CA GLN A 691 -25.77 40.68 14.37
C GLN A 691 -26.01 40.41 15.84
N TYR A 692 -27.04 41.00 16.43
CA TYR A 692 -27.37 40.78 17.84
C TYR A 692 -28.73 40.11 17.90
N SER A 693 -28.76 38.91 18.47
CA SER A 693 -29.99 38.11 18.44
C SER A 693 -31.12 38.82 19.15
N GLU A 694 -30.81 39.54 20.21
CA GLU A 694 -31.81 40.16 21.06
C GLU A 694 -31.76 41.68 20.94
N LYS A 695 -32.64 42.33 21.70
CA LYS A 695 -32.99 43.73 21.47
C LYS A 695 -31.98 44.69 22.10
N LEU A 696 -32.34 45.97 22.07
CA LEU A 696 -31.47 47.08 22.46
C LEU A 696 -32.15 47.92 23.51
N ALA A 697 -31.35 48.51 24.39
CA ALA A 697 -31.81 49.47 25.39
C ALA A 697 -30.81 50.61 25.43
N TYR A 698 -31.31 51.84 25.36
CA TYR A 698 -30.44 53.00 25.20
C TYR A 698 -30.33 53.80 26.49
N MET A 699 -29.13 54.14 26.85
CA MET A 699 -28.83 55.02 27.96
C MET A 699 -28.79 56.47 27.50
N PRO A 700 -29.10 57.40 28.40
CA PRO A 700 -28.92 58.82 28.05
C PRO A 700 -27.49 59.15 27.66
N HIS A 701 -26.51 58.55 28.35
CA HIS A 701 -25.12 58.82 28.07
C HIS A 701 -24.34 57.57 27.68
N THR A 702 -24.36 56.53 28.51
CA THR A 702 -23.56 55.34 28.24
C THR A 702 -24.03 54.23 29.16
N PHE A 703 -23.71 52.99 28.78
CA PHE A 703 -24.10 51.86 29.59
C PHE A 703 -23.04 51.47 30.60
N PHE A 704 -21.88 52.11 30.56
CA PHE A 704 -20.75 51.70 31.39
C PHE A 704 -20.63 52.73 32.50
N ILE A 705 -20.92 52.32 33.72
CA ILE A 705 -21.10 53.23 34.85
C ILE A 705 -19.87 53.22 35.73
N GLY A 706 -19.44 54.40 36.16
CA GLY A 706 -18.28 54.50 37.02
C GLY A 706 -18.56 54.05 38.44
N ASP A 707 -17.48 53.66 39.11
CA ASP A 707 -17.56 53.17 40.49
C ASP A 707 -16.49 53.73 41.41
N HIS A 708 -15.45 54.39 40.89
CA HIS A 708 -14.27 54.71 41.68
C HIS A 708 -14.57 55.72 42.79
N ALA A 709 -15.39 56.73 42.47
CA ALA A 709 -15.65 57.80 43.43
C ALA A 709 -16.20 57.26 44.74
N ASN A 710 -16.95 56.16 44.69
CA ASN A 710 -17.43 55.55 45.92
C ASN A 710 -16.27 55.01 46.74
N MET A 711 -15.38 54.26 46.11
CA MET A 711 -14.31 53.59 46.85
C MET A 711 -13.05 54.44 46.98
N PHE A 712 -12.81 55.36 46.06
CA PHE A 712 -11.66 56.26 46.15
C PHE A 712 -12.09 57.70 45.90
N PRO A 713 -12.82 58.29 46.85
CA PRO A 713 -13.01 59.74 46.80
C PRO A 713 -11.85 60.52 47.39
N HIS A 714 -10.85 59.83 47.93
CA HIS A 714 -9.71 60.53 48.52
C HIS A 714 -8.89 61.24 47.46
N LEU A 715 -8.84 60.71 46.25
CA LEU A 715 -8.08 61.38 45.21
C LEU A 715 -8.80 62.55 44.63
N LYS A 716 -9.87 63.01 45.27
CA LYS A 716 -10.56 64.21 44.82
C LYS A 716 -9.64 65.43 44.84
N LYS A 717 -8.59 65.40 45.65
CA LYS A 717 -7.64 66.49 45.73
C LYS A 717 -6.24 65.90 45.75
N LYS A 718 -5.27 66.70 45.30
CA LYS A 718 -3.91 66.23 45.11
C LYS A 718 -2.94 67.27 45.65
N ALA A 719 -1.65 66.99 45.47
CA ALA A 719 -0.59 67.93 45.78
C ALA A 719 0.66 67.50 45.03
N VAL A 720 1.44 68.48 44.58
CA VAL A 720 2.62 68.23 43.76
C VAL A 720 3.81 68.95 44.38
N ILE A 721 4.97 68.29 44.38
CA ILE A 721 6.19 68.88 44.90
C ILE A 721 6.87 69.69 43.79
N ASP A 722 7.81 70.54 44.17
CA ASP A 722 8.57 71.29 43.18
C ASP A 722 9.47 70.35 42.38
N PHE A 723 9.65 70.69 41.11
CA PHE A 723 10.51 69.94 40.19
C PHE A 723 11.97 70.33 40.42
N LYS A 724 12.87 69.64 39.70
CA LYS A 724 14.28 70.03 39.74
C LYS A 724 14.45 71.46 39.26
N SER A 725 13.77 71.83 38.19
CA SER A 725 13.77 73.21 37.71
C SER A 725 12.59 73.97 38.34
N ASN A 726 12.71 75.29 38.32
CA ASN A 726 11.73 76.17 38.91
C ASN A 726 11.25 77.17 37.86
N GLY A 727 10.15 77.85 38.18
CA GLY A 727 9.52 78.80 37.28
C GLY A 727 8.45 78.16 36.42
N HIS A 728 8.75 77.01 35.82
CA HIS A 728 7.80 76.25 35.04
C HIS A 728 7.09 75.24 35.94
N ILE A 729 5.90 74.82 35.50
CA ILE A 729 5.04 73.93 36.27
C ILE A 729 5.29 72.49 35.82
N TYR A 730 5.45 71.60 36.80
CA TYR A 730 5.71 70.19 36.50
C TYR A 730 4.90 69.36 37.52
N ASP A 731 3.64 69.08 37.16
CA ASP A 731 2.78 68.35 38.07
C ASP A 731 3.08 66.86 38.06
N ASN A 732 3.50 66.34 36.92
CA ASN A 732 3.49 64.90 36.65
C ASN A 732 4.86 64.25 36.84
N ARG A 733 5.65 64.69 37.81
CA ARG A 733 6.88 64.00 38.15
C ARG A 733 6.85 63.41 39.57
N ILE A 734 6.59 64.24 40.57
CA ILE A 734 6.45 63.80 41.95
C ILE A 734 5.28 64.55 42.57
N VAL A 735 4.34 63.80 43.15
CA VAL A 735 3.11 64.38 43.66
C VAL A 735 2.91 63.93 45.09
N LEU A 736 1.88 64.52 45.72
CA LEU A 736 1.47 64.17 47.08
C LEU A 736 -0.03 63.93 47.09
N ASN A 737 -0.43 62.87 47.79
CA ASN A 737 -1.84 62.56 48.01
C ASN A 737 -2.01 62.02 49.43
N GLY A 738 -3.27 61.89 49.83
CA GLY A 738 -3.60 61.44 51.17
C GLY A 738 -4.97 61.91 51.60
N ILE A 739 -5.67 61.09 52.39
CA ILE A 739 -7.01 61.46 52.84
C ILE A 739 -6.96 62.74 53.67
N ASP A 740 -5.80 63.05 54.23
CA ASP A 740 -5.61 64.23 55.06
C ASP A 740 -4.60 65.20 54.48
N LEU A 741 -4.40 65.18 53.16
CA LEU A 741 -3.44 66.11 52.57
C LEU A 741 -3.88 67.55 52.77
N LYS A 742 -5.19 67.81 52.69
CA LYS A 742 -5.71 69.14 52.96
C LYS A 742 -5.49 69.51 54.42
N ALA A 743 -5.64 68.54 55.32
CA ALA A 743 -5.37 68.76 56.74
C ALA A 743 -3.88 68.94 56.99
N PHE A 744 -3.07 68.60 55.99
CA PHE A 744 -1.64 68.85 56.04
C PHE A 744 -1.25 70.19 55.42
N LEU A 745 -2.07 70.72 54.52
CA LEU A 745 -1.72 71.96 53.83
C LEU A 745 -1.59 73.11 54.83
N ASP A 746 -2.52 73.20 55.78
CA ASP A 746 -2.46 74.27 56.77
C ASP A 746 -1.18 74.19 57.60
N SER A 747 -0.70 72.97 57.85
CA SER A 747 0.55 72.80 58.58
C SER A 747 1.75 73.39 57.85
N LEU A 748 1.67 73.51 56.53
CA LEU A 748 2.77 74.08 55.78
C LEU A 748 2.94 75.55 56.12
N PRO A 749 4.15 76.02 56.38
CA PRO A 749 4.36 77.44 56.67
C PRO A 749 3.96 78.34 55.51
N ASP A 750 4.55 78.08 54.34
CA ASP A 750 4.24 78.88 53.16
C ASP A 750 4.67 78.09 51.93
N VAL A 751 3.69 77.69 51.10
CA VAL A 751 3.96 77.04 49.83
C VAL A 751 3.09 77.72 48.77
N LYS A 752 3.51 77.55 47.52
CA LYS A 752 2.81 78.18 46.41
C LYS A 752 1.59 77.37 46.01
N ILE A 753 0.49 78.06 45.76
CA ILE A 753 -0.75 77.44 45.30
C ILE A 753 -1.15 78.15 44.02
N VAL A 754 -0.77 77.59 42.88
CA VAL A 754 -1.05 78.18 41.58
C VAL A 754 -2.37 77.64 41.07
N LYS A 755 -3.18 78.52 40.47
CA LYS A 755 -4.43 78.10 39.86
C LYS A 755 -4.16 77.37 38.55
N MET A 756 -3.97 76.05 38.61
CA MET A 756 -3.83 75.27 37.38
C MET A 756 -5.09 75.42 36.54
N LYS A 757 -4.91 75.68 35.25
CA LYS A 757 -6.02 76.03 34.39
C LYS A 757 -6.14 75.06 33.22
N CYS A 758 -7.34 74.54 33.03
CA CYS A 758 -7.77 73.96 31.77
C CYS A 758 -8.04 75.13 30.83
N PRO A 759 -8.48 74.87 29.58
CA PRO A 759 -8.92 76.01 28.76
C PRO A 759 -10.12 76.66 29.43
N ASP A 760 -9.90 77.85 30.00
CA ASP A 760 -10.91 78.54 30.78
C ASP A 760 -11.33 79.85 30.15
N GLY A 761 -10.39 80.78 29.93
CA GLY A 761 -10.74 82.09 29.44
C GLY A 761 -11.21 83.06 30.50
N GLY A 762 -11.32 82.62 31.75
CA GLY A 762 -11.70 83.50 32.85
C GLY A 762 -13.09 83.33 33.40
N ASP A 763 -13.85 82.34 32.93
CA ASP A 763 -15.20 82.09 33.44
C ASP A 763 -15.24 80.74 34.15
N ASN A 764 -15.99 80.69 35.25
CA ASN A 764 -16.21 79.52 36.09
C ASN A 764 -14.93 79.07 36.80
N ALA A 765 -13.79 79.73 36.56
CA ALA A 765 -12.58 79.43 37.29
C ALA A 765 -12.43 80.29 38.54
N ASP A 766 -13.34 81.25 38.72
CA ASP A 766 -13.30 82.15 39.88
C ASP A 766 -14.14 81.61 41.03
N SER A 767 -13.91 80.35 41.37
CA SER A 767 -14.53 79.71 42.52
C SER A 767 -13.51 79.65 43.65
N SER A 768 -13.85 78.94 44.73
CA SER A 768 -12.86 78.68 45.77
C SER A 768 -11.68 77.91 45.20
N ASN A 769 -11.93 77.07 44.18
CA ASN A 769 -10.88 76.40 43.41
C ASN A 769 -9.97 75.57 44.31
N THR A 770 -10.56 74.92 45.30
CA THR A 770 -9.78 74.02 46.16
C THR A 770 -9.20 72.87 45.33
N ALA A 771 -10.02 72.24 44.49
CA ALA A 771 -9.53 71.21 43.59
C ALA A 771 -9.06 71.76 42.26
N LEU A 772 -9.16 73.08 42.04
CA LEU A 772 -8.73 73.70 40.80
C LEU A 772 -7.42 74.45 40.91
N ASN A 773 -6.84 74.55 42.10
CA ASN A 773 -5.54 75.18 42.30
C ASN A 773 -4.54 74.10 42.65
N MET A 774 -3.51 73.97 41.84
CA MET A 774 -2.49 72.96 42.05
C MET A 774 -1.57 73.37 43.19
N PRO A 775 -1.45 72.57 44.25
CA PRO A 775 -0.54 72.92 45.35
C PRO A 775 0.89 72.54 44.98
N VAL A 776 1.69 73.55 44.64
CA VAL A 776 3.08 73.33 44.28
C VAL A 776 3.95 73.76 45.47
N ILE A 777 4.59 72.80 46.10
CA ILE A 777 5.44 73.10 47.26
C ILE A 777 6.84 73.41 46.77
N PRO A 778 7.29 74.66 46.89
CA PRO A 778 8.66 74.99 46.48
C PRO A 778 9.68 74.42 47.46
N MET A 779 10.95 74.78 47.32
CA MET A 779 11.93 74.32 48.29
C MET A 779 11.50 74.74 49.68
N ASN A 780 11.07 73.77 50.49
CA ASN A 780 10.66 74.03 51.86
C ASN A 780 11.42 73.08 52.76
N THR A 781 11.82 73.61 53.93
CA THR A 781 12.76 72.88 54.77
C THR A 781 12.20 71.51 55.19
N ILE A 782 10.96 71.47 55.67
CA ILE A 782 10.35 70.20 56.02
C ILE A 782 10.07 69.38 54.76
N ALA A 783 9.58 70.03 53.71
CA ALA A 783 9.32 69.33 52.46
C ALA A 783 10.60 68.78 51.85
N GLU A 784 11.66 69.59 51.83
CA GLU A 784 12.93 69.09 51.32
C GLU A 784 13.44 67.93 52.15
N ALA A 785 13.34 68.05 53.49
CA ALA A 785 13.79 66.99 54.37
C ALA A 785 13.09 65.68 54.05
N VAL A 786 11.76 65.70 54.00
CA VAL A 786 11.02 64.47 53.71
C VAL A 786 11.38 63.96 52.33
N ILE A 787 11.73 64.86 51.40
CA ILE A 787 12.20 64.43 50.09
C ILE A 787 13.41 63.52 50.24
N GLU A 788 14.42 63.97 51.00
CA GLU A 788 15.61 63.12 51.14
C GLU A 788 15.31 61.85 51.92
N MET A 789 14.50 61.92 52.98
CA MET A 789 14.21 60.67 53.68
C MET A 789 13.36 59.71 52.85
N ILE A 790 12.78 60.16 51.74
CA ILE A 790 12.10 59.26 50.83
C ILE A 790 13.02 58.78 49.72
N ASN A 791 14.00 59.59 49.32
CA ASN A 791 14.88 59.21 48.21
C ASN A 791 15.59 57.88 48.47
N ARG A 792 15.98 57.64 49.72
CA ARG A 792 16.84 56.50 50.04
C ARG A 792 16.06 55.18 50.14
N GLY A 793 14.76 55.19 49.87
CA GLY A 793 13.98 53.98 50.05
C GLY A 793 13.58 53.70 51.49
N GLN A 794 13.65 54.70 52.36
CA GLN A 794 13.19 54.53 53.73
C GLN A 794 11.70 54.22 53.75
N ILE A 795 11.29 53.42 54.74
CA ILE A 795 9.94 52.87 54.77
C ILE A 795 8.90 54.00 54.77
N GLN A 796 8.97 54.88 55.78
CA GLN A 796 8.08 56.03 55.86
C GLN A 796 8.50 56.89 57.05
N ILE A 797 8.12 58.16 57.04
CA ILE A 797 8.44 59.08 58.13
C ILE A 797 7.17 59.79 58.57
N THR A 798 7.23 60.44 59.73
CA THR A 798 6.03 61.05 60.31
C THR A 798 6.40 62.41 60.89
N ILE A 799 5.76 63.45 60.37
CA ILE A 799 6.03 64.83 60.79
C ILE A 799 4.70 65.51 61.09
N ASN A 800 4.65 66.26 62.19
CA ASN A 800 3.47 67.02 62.59
C ASN A 800 2.26 66.11 62.81
N GLY A 801 2.51 64.88 63.24
CA GLY A 801 1.43 63.94 63.47
C GLY A 801 0.87 63.32 62.22
N PHE A 802 1.47 63.56 61.06
CA PHE A 802 1.01 63.01 59.80
C PHE A 802 2.00 61.96 59.33
N SER A 803 1.52 60.74 59.12
CA SER A 803 2.38 59.67 58.61
C SER A 803 2.64 59.91 57.13
N ILE A 804 3.89 60.21 56.80
CA ILE A 804 4.29 60.52 55.43
C ILE A 804 4.76 59.23 54.79
N SER A 805 4.09 58.81 53.72
CA SER A 805 4.30 57.51 53.13
C SER A 805 4.44 57.62 51.62
N ASN A 806 5.04 56.58 51.03
CA ASN A 806 5.15 56.42 49.60
C ASN A 806 4.19 55.34 49.13
N GLY A 807 3.71 55.48 47.89
CA GLY A 807 2.75 54.52 47.37
C GLY A 807 3.27 53.10 47.33
N LEU A 808 4.59 52.93 47.20
CA LEU A 808 5.15 51.60 47.00
C LEU A 808 5.00 50.71 48.23
N ALA A 809 5.03 51.28 49.43
CA ALA A 809 4.99 50.50 50.66
C ALA A 809 3.65 50.61 51.37
N THR A 810 2.61 51.11 50.71
CA THR A 810 1.30 51.22 51.35
C THR A 810 0.75 49.85 51.71
N THR A 811 1.02 48.85 50.88
CA THR A 811 0.55 47.49 51.18
C THR A 811 1.27 46.93 52.40
N GLN A 812 2.56 47.23 52.56
CA GLN A 812 3.27 46.80 53.76
C GLN A 812 2.76 47.53 54.98
N ILE A 813 2.42 48.82 54.84
CA ILE A 813 1.84 49.56 55.95
C ILE A 813 0.50 48.96 56.36
N ASN A 814 -0.40 48.79 55.39
CA ASN A 814 -1.63 48.04 55.60
C ASN A 814 -2.14 47.61 54.23
N ASN A 815 -2.09 46.31 53.94
CA ASN A 815 -2.60 45.82 52.67
C ASN A 815 -4.05 46.23 52.46
N LYS A 816 -4.84 46.27 53.53
CA LYS A 816 -6.26 46.54 53.40
C LYS A 816 -6.50 47.93 52.81
N ALA A 817 -5.63 48.89 53.11
CA ALA A 817 -5.78 50.22 52.56
C ALA A 817 -5.69 50.22 51.05
N ALA A 818 -4.81 49.37 50.49
CA ALA A 818 -4.62 49.33 49.04
C ALA A 818 -5.57 48.37 48.35
N THR A 819 -6.10 47.36 49.06
CA THR A 819 -7.03 46.44 48.44
C THR A 819 -8.35 47.09 48.04
N GLY A 820 -8.51 48.39 48.26
CA GLY A 820 -9.72 49.07 47.85
C GLY A 820 -10.82 48.97 48.87
N GLU A 821 -10.89 47.84 49.57
CA GLU A 821 -11.92 47.66 50.59
C GLU A 821 -11.77 48.64 51.74
N GLU A 822 -10.57 49.13 52.00
CA GLU A 822 -10.31 50.02 53.13
C GLU A 822 -9.71 51.32 52.64
N VAL A 823 -10.22 52.43 53.17
CA VAL A 823 -9.73 53.75 52.77
C VAL A 823 -8.35 53.97 53.38
N PRO A 824 -7.39 54.47 52.61
CA PRO A 824 -6.08 54.78 53.19
C PRO A 824 -6.16 55.94 54.15
N ARG A 825 -5.17 56.01 55.05
CA ARG A 825 -5.13 57.02 56.11
C ARG A 825 -3.96 57.98 55.98
N THR A 826 -2.80 57.51 55.55
CA THR A 826 -1.57 58.28 55.61
C THR A 826 -1.53 59.30 54.46
N ILE A 827 -0.38 59.92 54.27
CA ILE A 827 -0.12 60.82 53.15
C ILE A 827 0.84 60.12 52.20
N ILE A 828 0.52 60.16 50.91
CA ILE A 828 1.21 59.34 49.92
C ILE A 828 1.96 60.24 48.94
N VAL A 829 3.20 59.88 48.67
CA VAL A 829 4.04 60.55 47.69
C VAL A 829 4.47 59.53 46.66
N THR A 830 4.65 59.98 45.42
CA THR A 830 5.08 59.12 44.34
C THR A 830 6.08 59.86 43.46
N THR A 831 6.98 59.11 42.84
CA THR A 831 8.07 59.69 42.07
C THR A 831 8.22 58.98 40.74
N ARG A 832 8.53 59.75 39.69
CA ARG A 832 8.82 59.14 38.39
C ARG A 832 10.01 58.20 38.48
N SER A 833 11.12 58.69 39.01
CA SER A 833 12.30 57.84 39.15
C SER A 833 12.08 56.73 40.17
N GLN A 834 11.02 56.81 40.97
CA GLN A 834 10.68 55.69 41.84
C GLN A 834 10.44 54.43 41.03
N TYR A 835 10.07 54.58 39.76
CA TYR A 835 10.07 53.50 38.79
C TYR A 835 11.17 53.66 37.76
N GLY A 836 12.18 54.48 38.05
CA GLY A 836 13.27 54.70 37.12
C GLY A 836 12.91 55.58 35.95
N LEU A 837 11.81 56.30 36.02
CA LEU A 837 11.37 57.07 34.87
C LEU A 837 12.13 58.38 34.78
N PRO A 838 12.76 58.67 33.64
CA PRO A 838 13.37 59.99 33.46
C PRO A 838 12.35 61.10 33.57
N GLU A 839 12.79 62.24 34.08
CA GLU A 839 11.88 63.30 34.48
C GLU A 839 11.38 64.15 33.33
N ASP A 840 11.98 64.08 32.15
CA ASP A 840 11.62 64.96 31.05
C ASP A 840 11.48 64.18 29.75
N ALA A 841 10.73 63.09 29.79
CA ALA A 841 10.36 62.34 28.59
C ALA A 841 8.85 62.31 28.45
N ILE A 842 8.37 62.48 27.22
CA ILE A 842 6.93 62.41 26.96
C ILE A 842 6.46 60.99 27.22
N VAL A 843 5.56 60.83 28.18
CA VAL A 843 5.14 59.52 28.65
C VAL A 843 3.87 59.13 27.91
N TYR A 844 4.01 58.21 26.95
CA TYR A 844 2.88 57.53 26.36
C TYR A 844 2.75 56.16 27.01
N CYS A 845 1.52 55.77 27.33
CA CYS A 845 1.35 54.60 28.19
C CYS A 845 0.02 53.91 27.92
N ASN A 846 -0.13 52.75 28.54
CA ASN A 846 -1.38 52.03 28.68
C ASN A 846 -1.15 50.96 29.73
N PHE A 847 -2.22 50.28 30.12
CA PHE A 847 -2.07 49.26 31.15
C PHE A 847 -2.86 48.01 30.86
N ASN A 848 -3.45 47.90 29.67
CA ASN A 848 -4.29 46.76 29.37
C ASN A 848 -3.45 45.50 29.34
N GLN A 849 -4.13 44.37 29.44
CA GLN A 849 -3.42 43.10 29.41
C GLN A 849 -2.62 43.00 28.12
N LEU A 850 -1.54 42.24 28.18
CA LEU A 850 -0.56 42.29 27.11
C LEU A 850 -1.16 41.79 25.80
N TYR A 851 -1.94 40.72 25.85
CA TYR A 851 -2.33 40.04 24.62
C TYR A 851 -3.15 40.90 23.69
N LYS A 852 -3.75 41.99 24.18
CA LYS A 852 -4.56 42.85 23.32
C LYS A 852 -3.71 43.85 22.56
N ILE A 853 -2.66 43.36 21.91
CA ILE A 853 -1.76 44.16 21.08
C ILE A 853 -1.40 43.36 19.84
N ASP A 854 -1.35 44.03 18.69
CA ASP A 854 -0.97 43.30 17.48
C ASP A 854 0.25 43.96 16.85
N PRO A 855 0.86 43.35 15.83
CA PRO A 855 1.93 44.06 15.11
C PRO A 855 1.50 45.39 14.53
N SER A 856 0.28 45.47 14.00
CA SER A 856 -0.12 46.66 13.25
C SER A 856 -0.20 47.88 14.15
N THR A 857 -0.93 47.77 15.23
CA THR A 857 -0.94 48.87 16.19
C THR A 857 0.46 49.13 16.70
N LEU A 858 1.28 48.09 16.82
CA LEU A 858 2.65 48.31 17.25
C LEU A 858 3.39 49.19 16.27
N GLN A 859 3.10 49.06 14.97
CA GLN A 859 3.60 50.01 14.00
C GLN A 859 3.09 51.40 14.30
N MET A 860 1.85 51.50 14.78
CA MET A 860 1.31 52.81 15.10
C MET A 860 2.11 53.49 16.20
N TRP A 861 2.31 52.80 17.33
CA TRP A 861 3.18 53.40 18.34
C TRP A 861 4.58 53.61 17.80
N ALA A 862 5.05 52.74 16.90
CA ALA A 862 6.37 52.95 16.33
C ALA A 862 6.46 54.32 15.68
N ASN A 863 5.47 54.65 14.84
CA ASN A 863 5.50 55.93 14.14
C ASN A 863 5.45 57.09 15.12
N ILE A 864 4.49 57.08 16.04
CA ILE A 864 4.35 58.22 16.94
C ILE A 864 5.60 58.37 17.81
N LEU A 865 6.10 57.27 18.37
CA LEU A 865 7.25 57.38 19.26
C LEU A 865 8.48 57.88 18.50
N LYS A 866 8.62 57.47 17.24
CA LYS A 866 9.72 58.00 16.43
C LYS A 866 9.59 59.50 16.24
N ARG A 867 8.38 59.97 15.98
CA ARG A 867 8.30 61.39 15.68
C ARG A 867 8.36 62.28 16.90
N VAL A 868 8.77 61.81 18.08
CA VAL A 868 9.03 62.67 19.22
C VAL A 868 10.35 62.24 19.84
N PRO A 869 11.32 63.14 19.98
CA PRO A 869 12.64 62.76 20.51
C PRO A 869 12.59 62.30 21.95
N ASN A 870 12.09 63.15 22.84
CA ASN A 870 12.05 62.87 24.27
C ASN A 870 10.74 62.19 24.63
N SER A 871 10.56 61.00 24.05
CA SER A 871 9.34 60.22 24.21
C SER A 871 9.67 58.88 24.83
N VAL A 872 8.77 58.39 25.68
CA VAL A 872 8.90 57.09 26.31
C VAL A 872 7.55 56.38 26.28
N LEU A 873 7.58 55.08 26.02
CA LEU A 873 6.36 54.26 26.03
C LEU A 873 6.38 53.40 27.29
N TRP A 874 5.32 53.50 28.07
CA TRP A 874 5.20 52.80 29.33
C TRP A 874 4.26 51.61 29.16
N LEU A 875 4.68 50.45 29.67
CA LEU A 875 3.92 49.21 29.53
C LEU A 875 3.91 48.47 30.85
N LEU A 876 3.42 47.24 30.81
CA LEU A 876 3.50 46.31 31.94
C LEU A 876 3.92 44.94 31.45
N ARG A 877 4.74 44.26 32.26
CA ARG A 877 5.17 42.89 31.96
C ARG A 877 4.14 41.91 32.51
N PHE A 878 2.95 41.98 31.91
CA PHE A 878 1.77 41.26 32.39
C PHE A 878 1.19 40.46 31.23
N PRO A 879 1.65 39.22 31.05
CA PRO A 879 2.67 38.52 31.82
C PRO A 879 4.06 38.94 31.40
N ALA A 880 5.07 38.55 32.19
CA ALA A 880 6.43 38.99 31.92
C ALA A 880 7.08 38.20 30.79
N VAL A 881 6.53 37.05 30.41
CA VAL A 881 7.13 36.21 29.38
C VAL A 881 7.09 36.84 28.01
N GLY A 882 6.38 37.96 27.85
CA GLY A 882 6.28 38.59 26.55
C GLY A 882 7.29 39.69 26.31
N GLU A 883 7.97 40.16 27.36
CA GLU A 883 8.93 41.23 27.21
C GLU A 883 10.01 40.95 26.16
N PRO A 884 10.66 39.78 26.14
CA PRO A 884 11.66 39.55 25.08
C PRO A 884 11.09 39.66 23.68
N ASN A 885 9.87 39.17 23.48
CA ASN A 885 9.30 39.13 22.13
C ASN A 885 8.96 40.53 21.64
N ILE A 886 8.37 41.35 22.51
CA ILE A 886 8.11 42.73 22.12
C ILE A 886 9.42 43.49 21.94
N GLN A 887 10.42 43.17 22.76
CA GLN A 887 11.72 43.82 22.62
C GLN A 887 12.29 43.59 21.23
N GLN A 888 12.17 42.34 20.75
CA GLN A 888 12.66 42.01 19.42
C GLN A 888 12.07 42.94 18.37
N TYR A 889 10.75 43.05 18.33
CA TYR A 889 10.11 43.89 17.33
C TYR A 889 10.32 45.38 17.60
N ALA A 890 10.68 45.75 18.83
CA ALA A 890 10.93 47.16 19.12
C ALA A 890 12.07 47.71 18.28
N GLN A 891 13.19 47.01 18.24
CA GLN A 891 14.29 47.38 17.36
C GLN A 891 14.12 46.85 15.95
N ASN A 892 13.26 45.86 15.74
CA ASN A 892 13.03 45.39 14.38
C ASN A 892 12.45 46.50 13.52
N MET A 893 11.53 47.29 14.08
CA MET A 893 11.13 48.55 13.49
C MET A 893 12.01 49.70 13.97
N GLY A 894 13.11 49.41 14.65
CA GLY A 894 14.12 50.41 14.90
C GLY A 894 13.87 51.31 16.09
N LEU A 895 13.75 50.73 17.28
CA LEU A 895 13.68 51.55 18.47
C LEU A 895 14.71 51.06 19.49
N PRO A 896 15.26 51.96 20.29
CA PRO A 896 16.21 51.55 21.32
C PRO A 896 15.52 50.83 22.47
N GLN A 897 16.29 50.07 23.22
CA GLN A 897 15.80 49.38 24.41
C GLN A 897 15.81 50.26 25.65
N ASN A 898 15.83 51.58 25.47
CA ASN A 898 15.65 52.49 26.59
C ASN A 898 14.49 53.46 26.38
N ARG A 899 13.90 53.53 25.18
CA ARG A 899 12.77 54.40 24.94
C ARG A 899 11.45 53.82 25.44
N ILE A 900 11.44 52.55 25.86
CA ILE A 900 10.24 51.91 26.38
C ILE A 900 10.57 51.31 27.74
N ILE A 901 9.73 51.61 28.73
CA ILE A 901 9.94 51.15 30.09
C ILE A 901 8.68 50.46 30.58
N PHE A 902 8.83 49.28 31.17
CA PHE A 902 7.70 48.49 31.61
C PHE A 902 7.85 48.11 33.07
N SER A 903 6.83 48.38 33.86
CA SER A 903 6.84 48.19 35.30
C SER A 903 6.32 46.79 35.63
N PRO A 904 6.35 46.38 36.89
CA PRO A 904 5.68 45.13 37.27
C PRO A 904 4.25 45.34 37.68
N VAL A 905 3.55 44.25 37.96
CA VAL A 905 2.13 44.32 38.32
C VAL A 905 1.99 44.94 39.69
N ALA A 906 1.04 45.86 39.83
CA ALA A 906 0.78 46.47 41.12
C ALA A 906 -0.69 46.35 41.49
N PRO A 907 -1.00 46.03 42.74
CA PRO A 907 -2.41 45.95 43.16
C PRO A 907 -3.16 47.25 42.92
N LYS A 908 -4.48 47.15 43.13
CA LYS A 908 -5.42 48.05 42.47
C LYS A 908 -5.15 49.51 42.79
N GLU A 909 -5.02 49.86 44.06
CA GLU A 909 -4.95 51.26 44.45
C GLU A 909 -3.73 51.94 43.84
N GLU A 910 -2.56 51.36 44.04
CA GLU A 910 -1.37 51.96 43.43
C GLU A 910 -1.32 51.70 41.94
N HIS A 911 -2.00 50.65 41.47
CA HIS A 911 -2.15 50.46 40.04
C HIS A 911 -2.78 51.69 39.39
N VAL A 912 -3.87 52.17 39.97
CA VAL A 912 -4.50 53.36 39.42
C VAL A 912 -3.72 54.61 39.81
N ARG A 913 -2.99 54.60 40.92
CA ARG A 913 -2.27 55.79 41.32
C ARG A 913 -1.06 56.05 40.42
N ARG A 914 -0.29 55.02 40.09
CA ARG A 914 0.94 55.25 39.34
C ARG A 914 0.67 55.78 37.94
N GLY A 915 -0.58 55.72 37.49
CA GLY A 915 -0.91 56.35 36.23
C GLY A 915 -0.81 57.86 36.27
N GLN A 916 -1.01 58.45 37.46
CA GLN A 916 -1.01 59.91 37.56
C GLN A 916 0.32 60.51 37.18
N LEU A 917 1.41 59.75 37.30
CA LEU A 917 2.72 60.26 36.93
C LEU A 917 2.88 60.34 35.42
N ALA A 918 2.13 59.52 34.68
CA ALA A 918 2.29 59.45 33.24
C ALA A 918 1.77 60.71 32.57
N ASP A 919 2.09 60.86 31.29
CA ASP A 919 1.68 62.04 30.53
C ASP A 919 0.37 61.81 29.78
N VAL A 920 0.36 60.84 28.87
CA VAL A 920 -0.80 60.57 28.03
C VAL A 920 -0.90 59.08 27.80
N CYS A 921 -2.08 58.52 28.08
CA CYS A 921 -2.26 57.10 27.78
C CYS A 921 -2.78 56.93 26.36
N LEU A 922 -2.61 55.72 25.83
CA LEU A 922 -3.00 55.45 24.46
C LEU A 922 -3.82 54.17 24.44
N ASP A 923 -4.74 54.07 23.49
CA ASP A 923 -5.67 52.95 23.44
C ASP A 923 -5.18 51.84 22.53
N THR A 924 -5.67 50.63 22.78
CA THR A 924 -5.44 49.52 21.88
C THR A 924 -6.64 49.40 20.94
N PRO A 925 -6.48 49.67 19.65
CA PRO A 925 -7.63 49.66 18.74
C PRO A 925 -8.24 48.29 18.50
N LEU A 926 -7.53 47.20 18.78
CA LEU A 926 -8.13 45.89 18.52
C LEU A 926 -9.34 45.64 19.41
N CYS A 927 -9.22 45.92 20.71
CA CYS A 927 -10.36 45.90 21.62
C CYS A 927 -10.04 46.64 22.91
N ASN A 928 -10.84 47.65 23.23
CA ASN A 928 -10.47 48.61 24.25
C ASN A 928 -10.46 48.00 25.64
N GLY A 929 -9.75 48.65 26.54
CA GLY A 929 -9.73 48.27 27.94
C GLY A 929 -10.99 48.73 28.65
N HIS A 930 -11.85 47.77 28.98
CA HIS A 930 -13.17 48.11 29.48
C HIS A 930 -13.08 48.91 30.76
N THR A 931 -12.29 48.45 31.71
CA THR A 931 -12.23 49.09 33.02
C THR A 931 -11.04 50.02 33.12
N THR A 932 -9.92 49.65 32.49
CA THR A 932 -8.69 50.40 32.67
C THR A 932 -8.83 51.81 32.15
N GLY A 933 -9.47 51.98 31.00
CA GLY A 933 -9.69 53.32 30.50
C GLY A 933 -10.43 54.19 31.50
N MET A 934 -11.39 53.59 32.19
CA MET A 934 -12.07 54.32 33.25
C MET A 934 -11.08 54.72 34.34
N ASP A 935 -10.14 53.83 34.66
CA ASP A 935 -9.16 54.15 35.69
C ASP A 935 -8.39 55.40 35.33
N VAL A 936 -7.81 55.40 34.13
CA VAL A 936 -6.96 56.52 33.75
C VAL A 936 -7.79 57.79 33.60
N LEU A 937 -9.02 57.66 33.13
CA LEU A 937 -9.88 58.82 33.04
C LEU A 937 -10.13 59.41 34.43
N TRP A 938 -10.41 58.56 35.41
CA TRP A 938 -10.60 59.04 36.76
C TRP A 938 -9.34 59.70 37.29
N ALA A 939 -8.18 59.17 36.93
CA ALA A 939 -6.91 59.74 37.37
C ALA A 939 -6.68 61.13 36.81
N GLY A 940 -7.44 61.55 35.81
CA GLY A 940 -7.26 62.85 35.22
C GLY A 940 -6.30 62.91 34.06
N THR A 941 -5.56 61.84 33.80
CA THR A 941 -4.70 61.84 32.63
C THR A 941 -5.56 61.76 31.37
N PRO A 942 -5.13 62.36 30.27
CA PRO A 942 -5.94 62.30 29.05
C PRO A 942 -5.93 60.92 28.41
N MET A 943 -6.87 60.74 27.50
CA MET A 943 -7.05 59.48 26.81
C MET A 943 -7.52 59.77 25.40
N VAL A 944 -7.07 58.95 24.46
CA VAL A 944 -7.40 59.15 23.05
C VAL A 944 -7.58 57.79 22.39
N THR A 945 -8.57 57.70 21.50
CA THR A 945 -8.90 56.43 20.88
C THR A 945 -9.59 56.68 19.55
N MET A 946 -9.70 55.60 18.78
CA MET A 946 -10.46 55.59 17.55
C MET A 946 -11.47 54.46 17.61
N PRO A 947 -12.74 54.72 17.33
CA PRO A 947 -13.73 53.65 17.38
C PRO A 947 -13.41 52.57 16.37
N GLY A 948 -13.61 51.33 16.77
CA GLY A 948 -13.51 50.25 15.82
C GLY A 948 -14.85 50.01 15.18
N GLU A 949 -15.27 48.75 15.11
CA GLU A 949 -16.55 48.43 14.49
C GLU A 949 -17.33 47.44 15.32
N THR A 950 -16.69 46.79 16.30
CA THR A 950 -17.41 45.94 17.22
C THR A 950 -17.79 46.72 18.47
N LEU A 951 -18.76 46.19 19.21
CA LEU A 951 -19.17 46.85 20.44
C LEU A 951 -18.00 47.00 21.39
N ALA A 952 -17.23 45.93 21.55
CA ALA A 952 -16.01 46.00 22.35
C ALA A 952 -15.11 47.13 21.86
N SER A 953 -14.87 47.17 20.56
CA SER A 953 -14.03 48.22 20.00
C SER A 953 -14.66 49.58 20.23
N ARG A 954 -15.97 49.68 20.07
CA ARG A 954 -16.63 50.97 20.18
C ARG A 954 -16.67 51.49 21.61
N VAL A 955 -16.30 50.68 22.59
CA VAL A 955 -16.47 51.07 23.98
C VAL A 955 -15.75 52.38 24.28
N ALA A 956 -14.50 52.51 23.81
CA ALA A 956 -13.61 53.53 24.36
C ALA A 956 -14.15 54.93 24.14
N ALA A 957 -14.73 55.20 22.97
CA ALA A 957 -15.23 56.54 22.72
C ALA A 957 -16.42 56.85 23.61
N SER A 958 -17.06 55.83 24.16
CA SER A 958 -18.27 56.08 24.95
C SER A 958 -17.98 56.96 26.15
N GLN A 959 -16.91 56.65 26.87
CA GLN A 959 -16.58 57.42 28.07
C GLN A 959 -16.25 58.85 27.70
N LEU A 960 -15.48 59.03 26.62
CA LEU A 960 -15.13 60.37 26.19
C LEU A 960 -16.35 61.17 25.81
N THR A 961 -17.28 60.54 25.09
CA THR A 961 -18.52 61.21 24.73
C THR A 961 -19.31 61.60 25.96
N CYS A 962 -19.35 60.72 26.96
CA CYS A 962 -19.97 61.09 28.22
C CYS A 962 -19.24 62.26 28.86
N LEU A 963 -17.94 62.36 28.63
CA LEU A 963 -17.17 63.50 29.10
C LEU A 963 -17.27 64.69 28.16
N GLY A 964 -17.78 64.50 26.95
CA GLY A 964 -17.93 65.60 26.04
C GLY A 964 -16.62 66.22 25.61
N CYS A 965 -15.66 65.39 25.24
CA CYS A 965 -14.40 65.84 24.65
C CYS A 965 -14.21 65.12 23.32
N LEU A 966 -14.88 65.62 22.29
CA LEU A 966 -14.96 64.91 21.02
C LEU A 966 -13.63 64.89 20.28
N GLU A 967 -12.82 65.94 20.44
CA GLU A 967 -11.58 66.03 19.68
C GLU A 967 -10.63 64.90 20.03
N LEU A 968 -10.77 64.30 21.21
CA LEU A 968 -9.91 63.20 21.62
C LEU A 968 -10.27 61.90 20.94
N ILE A 969 -11.16 61.94 19.96
CA ILE A 969 -11.58 60.76 19.21
C ILE A 969 -11.10 60.90 17.78
N ALA A 970 -10.50 59.84 17.27
CA ALA A 970 -10.04 59.80 15.88
C ALA A 970 -11.08 59.10 15.02
N LYS A 971 -10.87 59.18 13.70
CA LYS A 971 -11.68 58.45 12.75
C LYS A 971 -10.86 57.53 11.85
N ASN A 972 -9.56 57.76 11.73
CA ASN A 972 -8.69 56.87 10.99
C ASN A 972 -7.35 56.75 11.72
N ARG A 973 -6.59 55.74 11.34
CA ARG A 973 -5.33 55.45 12.01
C ARG A 973 -4.37 56.64 11.88
N GLN A 974 -4.36 57.27 10.70
CA GLN A 974 -3.56 58.47 10.51
C GLN A 974 -4.01 59.59 11.44
N GLU A 975 -5.33 59.74 11.62
CA GLU A 975 -5.82 60.73 12.57
C GLU A 975 -5.28 60.43 13.96
N TYR A 976 -5.23 59.16 14.34
CA TYR A 976 -4.71 58.80 15.64
C TYR A 976 -3.27 59.27 15.78
N GLU A 977 -2.45 58.99 14.78
CA GLU A 977 -1.06 59.42 14.83
C GLU A 977 -0.95 60.93 14.87
N ASP A 978 -1.75 61.63 14.05
CA ASP A 978 -1.67 63.08 14.00
C ASP A 978 -2.09 63.71 15.32
N ILE A 979 -3.13 63.16 15.94
CA ILE A 979 -3.55 63.67 17.24
C ILE A 979 -2.46 63.46 18.27
N ALA A 980 -1.85 62.27 18.27
CA ALA A 980 -0.78 62.01 19.22
C ALA A 980 0.39 62.96 19.00
N VAL A 981 0.76 63.20 17.75
CA VAL A 981 1.84 64.15 17.45
C VAL A 981 1.46 65.55 17.90
N LYS A 982 0.25 65.99 17.57
CA LYS A 982 -0.18 67.34 17.89
C LYS A 982 -0.19 67.58 19.39
N LEU A 983 -0.67 66.60 20.16
CA LEU A 983 -0.63 66.73 21.60
C LEU A 983 0.81 66.73 22.11
N GLY A 984 1.59 65.71 21.73
CA GLY A 984 2.94 65.59 22.25
C GLY A 984 3.80 66.79 21.97
N THR A 985 3.61 67.42 20.82
CA THR A 985 4.31 68.66 20.51
C THR A 985 3.79 69.82 21.36
N ASP A 986 2.47 69.93 21.47
CA ASP A 986 1.84 71.05 22.16
C ASP A 986 1.79 70.75 23.65
N LEU A 987 2.89 71.05 24.35
CA LEU A 987 2.95 70.79 25.78
C LEU A 987 1.96 71.66 26.55
N GLU A 988 1.80 72.92 26.14
CA GLU A 988 0.87 73.80 26.84
C GLU A 988 -0.55 73.26 26.76
N TYR A 989 -0.98 72.84 25.58
CA TYR A 989 -2.32 72.29 25.46
C TYR A 989 -2.43 70.98 26.21
N LEU A 990 -1.36 70.19 26.27
CA LEU A 990 -1.37 68.99 27.11
C LEU A 990 -1.64 69.34 28.56
N LYS A 991 -0.98 70.39 29.06
CA LYS A 991 -1.23 70.84 30.42
C LYS A 991 -2.71 71.12 30.63
N LYS A 992 -3.31 71.90 29.72
CA LYS A 992 -4.71 72.23 29.90
C LYS A 992 -5.62 71.06 29.54
N VAL A 993 -5.10 70.03 28.85
CA VAL A 993 -5.86 68.82 28.62
C VAL A 993 -6.02 68.05 29.92
N ARG A 994 -4.90 67.80 30.61
CA ARG A 994 -4.98 67.26 31.95
C ARG A 994 -5.89 68.11 32.82
N GLY A 995 -5.80 69.43 32.63
CA GLY A 995 -6.75 70.32 33.27
C GLY A 995 -8.19 69.90 33.02
N LYS A 996 -8.65 70.01 31.77
CA LYS A 996 -10.08 69.86 31.52
C LYS A 996 -10.56 68.45 31.84
N VAL A 997 -9.70 67.45 31.72
CA VAL A 997 -10.09 66.13 32.22
C VAL A 997 -10.35 66.19 33.72
N TRP A 998 -9.46 66.85 34.47
CA TRP A 998 -9.67 67.00 35.90
C TRP A 998 -10.90 67.85 36.19
N LYS A 999 -11.11 68.91 35.43
CA LYS A 999 -12.23 69.80 35.65
C LYS A 999 -13.57 69.12 35.36
N GLN A 1000 -13.61 68.27 34.34
CA GLN A 1000 -14.84 67.56 34.03
C GLN A 1000 -15.10 66.42 35.00
N ARG A 1001 -14.06 65.70 35.42
CA ARG A 1001 -14.27 64.49 36.21
C ARG A 1001 -15.05 64.78 37.48
N ILE A 1002 -14.94 65.99 38.02
CA ILE A 1002 -15.73 66.32 39.20
C ILE A 1002 -17.14 66.72 38.80
N SER A 1003 -17.30 67.32 37.62
CA SER A 1003 -18.60 67.75 37.13
C SER A 1003 -19.23 66.77 36.17
N SER A 1004 -18.56 65.68 35.84
CA SER A 1004 -19.05 64.77 34.81
C SER A 1004 -20.28 64.00 35.30
N PRO A 1005 -21.19 63.66 34.38
CA PRO A 1005 -22.30 62.76 34.73
C PRO A 1005 -21.88 61.31 34.85
N LEU A 1006 -20.59 61.00 34.69
CA LEU A 1006 -20.11 59.63 34.78
C LEU A 1006 -20.18 59.07 36.19
N PHE A 1007 -20.45 59.91 37.19
CA PHE A 1007 -20.34 59.49 38.57
C PHE A 1007 -21.62 59.69 39.35
N ASN A 1008 -22.65 60.31 38.79
CA ASN A 1008 -23.92 60.49 39.49
C ASN A 1008 -24.66 59.16 39.56
N THR A 1009 -24.08 58.26 40.36
CA THR A 1009 -24.67 56.94 40.53
C THR A 1009 -26.11 57.03 41.00
N LYS A 1010 -26.43 58.09 41.75
CA LYS A 1010 -27.82 58.38 42.07
C LYS A 1010 -28.65 58.43 40.80
N GLN A 1011 -28.19 59.24 39.84
CA GLN A 1011 -28.90 59.42 38.58
C GLN A 1011 -28.87 58.14 37.77
N TYR A 1012 -27.75 57.43 37.79
CA TYR A 1012 -27.65 56.20 37.03
C TYR A 1012 -28.68 55.19 37.49
N THR A 1013 -28.80 55.01 38.80
CA THR A 1013 -29.82 54.11 39.32
C THR A 1013 -31.21 54.64 39.01
N MET A 1014 -31.39 55.96 39.09
CA MET A 1014 -32.67 56.57 38.78
C MET A 1014 -33.13 56.19 37.37
N GLU A 1015 -32.32 56.54 36.36
CA GLU A 1015 -32.68 56.24 34.99
C GLU A 1015 -32.80 54.74 34.78
N LEU A 1016 -31.96 53.97 35.46
CA LEU A 1016 -32.00 52.52 35.28
C LEU A 1016 -33.35 51.96 35.71
N GLU A 1017 -33.78 52.30 36.93
CA GLU A 1017 -35.06 51.81 37.43
C GLU A 1017 -36.21 52.30 36.58
N ARG A 1018 -36.16 53.58 36.18
CA ARG A 1018 -37.21 54.12 35.32
C ARG A 1018 -37.30 53.35 34.03
N LEU A 1019 -36.15 52.99 33.46
CA LEU A 1019 -36.15 52.20 32.24
C LEU A 1019 -36.73 50.81 32.48
N TYR A 1020 -36.42 50.19 33.63
CA TYR A 1020 -37.05 48.91 33.94
C TYR A 1020 -38.57 49.05 33.92
N LEU A 1021 -39.08 50.11 34.57
CA LEU A 1021 -40.52 50.25 34.68
C LEU A 1021 -41.17 50.47 33.32
N GLN A 1022 -40.49 51.21 32.44
CA GLN A 1022 -40.99 51.36 31.08
C GLN A 1022 -41.03 50.00 30.37
N MET A 1023 -39.97 49.21 30.56
CA MET A 1023 -39.91 47.89 29.96
C MET A 1023 -41.06 47.02 30.47
N TRP A 1024 -41.29 47.04 31.78
CA TRP A 1024 -42.31 46.20 32.37
C TRP A 1024 -43.71 46.66 31.98
N GLU A 1025 -43.91 47.97 31.83
CA GLU A 1025 -45.21 48.47 31.42
C GLU A 1025 -45.49 48.11 29.96
N HIS A 1026 -44.45 48.10 29.12
CA HIS A 1026 -44.64 47.58 27.77
C HIS A 1026 -44.99 46.11 27.81
N TYR A 1027 -44.34 45.35 28.70
CA TYR A 1027 -44.65 43.93 28.80
C TYR A 1027 -46.04 43.69 29.38
N ALA A 1028 -46.53 44.62 30.20
CA ALA A 1028 -47.88 44.48 30.74
C ALA A 1028 -48.91 44.43 29.62
N ALA A 1029 -48.62 45.10 28.51
CA ALA A 1029 -49.44 44.95 27.31
C ALA A 1029 -49.22 43.60 26.65
N GLY A 1030 -48.24 42.83 27.10
CA GLY A 1030 -47.95 41.55 26.47
C GLY A 1030 -47.25 41.65 25.15
N ASN A 1031 -46.80 42.84 24.78
CA ASN A 1031 -46.21 43.03 23.46
C ASN A 1031 -44.82 42.40 23.41
N LYS A 1032 -44.43 42.00 22.20
CA LYS A 1032 -43.14 41.37 21.99
C LYS A 1032 -42.01 42.35 22.27
N PRO A 1033 -40.86 41.86 22.75
CA PRO A 1033 -39.74 42.77 23.01
C PRO A 1033 -39.30 43.48 21.73
N ASP A 1034 -38.91 44.73 21.88
CA ASP A 1034 -38.53 45.54 20.73
C ASP A 1034 -37.50 46.56 21.16
N HIS A 1035 -36.89 47.21 20.18
CA HIS A 1035 -35.77 48.10 20.42
C HIS A 1035 -36.24 49.37 21.10
N MET A 1036 -36.23 49.38 22.43
CA MET A 1036 -36.81 50.48 23.17
C MET A 1036 -35.91 51.71 23.14
N ILE A 1037 -35.78 52.31 21.97
CA ILE A 1037 -35.03 53.54 21.81
C ILE A 1037 -35.84 54.70 22.38
N LYS A 1038 -35.14 55.77 22.78
CA LYS A 1038 -35.72 57.00 23.30
C LYS A 1038 -36.66 56.68 24.46
N PRO A 1039 -36.12 56.44 25.66
CA PRO A 1039 -36.93 56.15 26.85
C PRO A 1039 -37.74 57.35 27.30
N GLY B 23 55.87 -1.00 58.89
CA GLY B 23 56.83 -1.96 58.39
C GLY B 23 56.19 -3.04 57.54
N PRO B 24 56.23 -4.28 58.01
CA PRO B 24 55.57 -5.37 57.28
C PRO B 24 54.05 -5.26 57.38
N MET B 25 53.43 -4.76 56.31
CA MET B 25 52.04 -4.35 56.34
C MET B 25 51.58 -4.09 54.91
N GLU B 26 50.40 -4.58 54.58
CA GLU B 26 49.90 -4.53 53.22
C GLU B 26 48.87 -3.43 52.99
N LEU B 27 48.74 -2.49 53.92
CA LEU B 27 47.87 -1.34 53.64
C LEU B 27 48.43 -0.53 52.48
N ALA B 28 49.72 -0.70 52.19
CA ALA B 28 50.24 -0.24 50.90
C ALA B 28 49.58 -0.99 49.75
N HIS B 29 49.44 -2.31 49.88
CA HIS B 29 48.67 -3.06 48.90
C HIS B 29 47.20 -2.65 48.93
N ARG B 30 46.73 -2.13 50.05
CA ARG B 30 45.36 -1.63 50.11
C ARG B 30 45.25 -0.30 49.39
N GLU B 31 46.31 0.50 49.40
CA GLU B 31 46.32 1.71 48.57
C GLU B 31 46.37 1.33 47.09
N TYR B 32 47.11 0.27 46.77
CA TYR B 32 46.97 -0.34 45.44
C TYR B 32 45.54 -0.76 45.17
N GLN B 33 44.86 -1.29 46.18
CA GLN B 33 43.46 -1.64 46.02
C GLN B 33 42.64 -0.40 45.69
N ALA B 34 42.95 0.71 46.35
CA ALA B 34 42.37 2.00 45.96
C ALA B 34 42.89 2.46 44.61
N GLY B 35 44.18 2.26 44.35
CA GLY B 35 44.75 2.61 43.07
C GLY B 35 45.80 3.70 43.13
N ASP B 36 46.22 4.07 44.33
CA ASP B 36 47.23 5.09 44.52
C ASP B 36 48.52 4.45 45.03
N PHE B 37 49.56 5.26 45.15
CA PHE B 37 50.87 4.73 45.53
C PHE B 37 51.54 5.56 46.61
N GLU B 38 51.10 6.81 46.78
CA GLU B 38 51.83 7.78 47.58
C GLU B 38 52.25 7.23 48.93
N ALA B 39 51.27 6.89 49.77
CA ALA B 39 51.60 6.26 51.05
C ALA B 39 52.29 4.92 50.84
N ALA B 40 51.84 4.15 49.85
CA ALA B 40 52.46 2.87 49.55
C ALA B 40 53.92 3.05 49.13
N GLU B 41 54.19 4.01 48.22
CA GLU B 41 55.57 4.16 47.75
C GLU B 41 56.48 4.68 48.85
N ARG B 42 55.98 5.61 49.67
CA ARG B 42 56.81 6.13 50.75
C ARG B 42 57.06 5.05 51.81
N HIS B 43 56.02 4.27 52.14
CA HIS B 43 56.18 3.23 53.15
C HIS B 43 57.07 2.10 52.64
N CYS B 44 56.98 1.77 51.36
CA CYS B 44 57.85 0.75 50.81
C CYS B 44 59.27 1.26 50.61
N MET B 45 59.42 2.56 50.38
CA MET B 45 60.74 3.18 50.44
C MET B 45 61.33 3.04 51.84
N GLN B 46 60.50 3.28 52.85
CA GLN B 46 60.92 3.04 54.23
C GLN B 46 61.27 1.59 54.46
N LEU B 47 60.48 0.69 53.88
CA LEU B 47 60.76 -0.74 54.01
C LEU B 47 62.10 -1.09 53.39
N TRP B 48 62.37 -0.57 52.19
CA TRP B 48 63.66 -0.83 51.55
C TRP B 48 64.79 -0.31 52.41
N ARG B 49 64.62 0.89 52.97
CA ARG B 49 65.65 1.46 53.82
C ARG B 49 65.73 0.79 55.18
N GLN B 50 64.77 -0.06 55.54
CA GLN B 50 64.84 -0.84 56.77
C GLN B 50 64.94 -2.34 56.55
N GLU B 51 64.16 -2.89 55.62
CA GLU B 51 64.11 -4.33 55.38
C GLU B 51 64.17 -4.57 53.89
N PRO B 52 65.33 -4.37 53.27
CA PRO B 52 65.42 -4.55 51.81
C PRO B 52 65.28 -6.01 51.41
N ASP B 53 64.05 -6.52 51.45
CA ASP B 53 63.74 -7.86 50.97
C ASP B 53 62.54 -7.92 50.05
N ASN B 54 61.59 -6.99 50.14
CA ASN B 54 60.46 -6.94 49.23
C ASN B 54 60.69 -5.81 48.24
N THR B 55 61.36 -6.15 47.16
CA THR B 55 61.26 -5.32 45.96
C THR B 55 60.06 -5.74 45.13
N GLY B 56 59.47 -6.89 45.42
CA GLY B 56 58.26 -7.28 44.73
C GLY B 56 57.13 -6.30 44.94
N VAL B 57 57.11 -5.66 46.11
CA VAL B 57 56.17 -4.55 46.30
C VAL B 57 56.53 -3.41 45.37
N LEU B 58 57.82 -3.22 45.11
CA LEU B 58 58.23 -2.21 44.13
C LEU B 58 57.79 -2.61 42.73
N LEU B 59 57.65 -3.91 42.48
CA LEU B 59 57.11 -4.36 41.20
C LEU B 59 55.59 -4.19 41.17
N LEU B 60 54.94 -4.24 42.32
CA LEU B 60 53.56 -3.79 42.41
C LEU B 60 53.46 -2.30 42.09
N LEU B 61 54.39 -1.51 42.65
CA LEU B 61 54.54 -0.13 42.21
C LEU B 61 54.76 -0.08 40.71
N SER B 62 55.55 -1.00 40.18
CA SER B 62 55.74 -1.08 38.74
C SER B 62 54.43 -1.41 38.04
N SER B 63 53.51 -2.10 38.71
CA SER B 63 52.20 -2.32 38.12
C SER B 63 51.46 -0.99 37.96
N ILE B 64 51.53 -0.15 38.99
CA ILE B 64 51.08 1.23 38.81
C ILE B 64 51.82 1.85 37.63
N HIS B 65 53.11 1.54 37.49
CA HIS B 65 53.91 2.11 36.42
C HIS B 65 53.41 1.65 35.05
N PHE B 66 53.05 0.38 34.93
CA PHE B 66 52.44 -0.10 33.69
C PHE B 66 51.20 0.71 33.37
N GLU B 67 50.38 0.97 34.38
CA GLU B 67 49.18 1.77 34.16
C GLU B 67 49.53 3.23 33.89
N CYS B 68 50.67 3.70 34.40
CA CYS B 68 51.06 5.10 34.31
C CYS B 68 52.34 5.28 33.49
N ARG B 69 52.63 4.34 32.61
CA ARG B 69 53.73 4.38 31.65
C ARG B 69 55.10 4.55 32.28
N ARG B 70 55.23 4.43 33.60
CA ARG B 70 56.56 4.55 34.21
C ARG B 70 57.27 3.21 34.20
N LEU B 71 57.23 2.59 33.02
CA LEU B 71 57.80 1.26 32.83
C LEU B 71 59.33 1.27 32.87
N ASP B 72 59.95 2.43 32.67
CA ASP B 72 61.39 2.54 32.88
C ASP B 72 61.73 2.25 34.33
N ARG B 73 60.99 2.87 35.25
CA ARG B 73 61.17 2.56 36.66
C ARG B 73 60.68 1.16 36.99
N SER B 74 59.78 0.60 36.18
CA SER B 74 59.44 -0.81 36.33
C SER B 74 60.67 -1.67 36.06
N ALA B 75 61.41 -1.35 35.00
CA ALA B 75 62.66 -2.05 34.73
C ALA B 75 63.66 -1.82 35.85
N HIS B 76 63.67 -0.61 36.38
CA HIS B 76 64.53 -0.31 37.53
C HIS B 76 64.21 -1.21 38.71
N PHE B 77 62.93 -1.26 39.11
CA PHE B 77 62.53 -2.06 40.24
C PHE B 77 62.77 -3.54 39.99
N SER B 78 62.50 -4.00 38.77
CA SER B 78 62.79 -5.39 38.41
C SER B 78 64.26 -5.68 38.53
N THR B 79 65.10 -4.73 38.11
CA THR B 79 66.54 -4.89 38.23
C THR B 79 66.92 -5.07 39.69
N LEU B 80 66.34 -4.23 40.57
CA LEU B 80 66.61 -4.36 41.99
C LEU B 80 66.20 -5.74 42.50
N ALA B 81 64.98 -6.17 42.14
CA ALA B 81 64.45 -7.42 42.65
C ALA B 81 65.30 -8.60 42.21
N ILE B 82 65.61 -8.66 40.91
CA ILE B 82 66.42 -9.76 40.40
C ILE B 82 67.80 -9.73 41.01
N LYS B 83 68.33 -8.54 41.25
CA LYS B 83 69.67 -8.42 41.84
C LYS B 83 69.69 -9.00 43.24
N GLN B 84 68.77 -8.55 44.10
CA GLN B 84 68.72 -9.10 45.45
C GLN B 84 68.13 -10.50 45.44
N ASN B 85 67.04 -10.69 44.71
CA ASN B 85 66.32 -11.96 44.71
C ASN B 85 66.32 -12.49 43.28
N PRO B 86 67.29 -13.30 42.90
CA PRO B 86 67.32 -13.84 41.54
C PRO B 86 66.47 -15.09 41.37
N LEU B 87 65.50 -15.31 42.25
CA LEU B 87 64.73 -16.55 42.23
C LEU B 87 63.24 -16.30 42.44
N LEU B 88 62.69 -15.28 41.81
CA LEU B 88 61.27 -14.98 41.85
C LEU B 88 60.76 -14.72 40.43
N ALA B 89 59.83 -15.57 39.98
CA ALA B 89 59.37 -15.45 38.59
C ALA B 89 58.68 -14.13 38.33
N GLU B 90 58.06 -13.56 39.35
CA GLU B 90 57.16 -12.42 39.16
C GLU B 90 57.90 -11.22 38.58
N ALA B 91 59.16 -11.04 38.97
CA ALA B 91 59.97 -10.00 38.37
C ALA B 91 60.08 -10.23 36.87
N TYR B 92 60.32 -11.47 36.47
CA TYR B 92 60.36 -11.78 35.05
C TYR B 92 59.00 -11.56 34.41
N SER B 93 57.92 -11.77 35.15
CA SER B 93 56.59 -11.54 34.60
C SER B 93 56.41 -10.08 34.23
N ASN B 94 56.68 -9.20 35.19
CA ASN B 94 56.60 -7.77 34.90
C ASN B 94 57.58 -7.40 33.80
N LEU B 95 58.74 -8.04 33.82
CA LEU B 95 59.73 -7.85 32.77
C LEU B 95 59.14 -8.20 31.40
N GLY B 96 58.40 -9.29 31.34
CA GLY B 96 57.78 -9.67 30.09
C GLY B 96 56.73 -8.69 29.64
N ASN B 97 55.94 -8.18 30.60
CA ASN B 97 54.91 -7.22 30.22
C ASN B 97 55.53 -5.98 29.58
N VAL B 98 56.51 -5.39 30.27
CA VAL B 98 57.16 -4.21 29.71
C VAL B 98 57.89 -4.54 28.42
N TYR B 99 58.44 -5.76 28.32
CA TYR B 99 59.15 -6.12 27.10
C TYR B 99 58.20 -6.26 25.92
N LYS B 100 57.01 -6.80 26.17
CA LYS B 100 56.00 -6.83 25.11
C LYS B 100 55.63 -5.43 24.68
N GLU B 101 55.54 -4.51 25.65
CA GLU B 101 55.36 -3.11 25.28
C GLU B 101 56.52 -2.63 24.44
N ARG B 102 57.73 -3.08 24.77
CA ARG B 102 58.95 -2.65 24.10
C ARG B 102 59.34 -3.55 22.93
N GLY B 103 58.60 -4.64 22.70
CA GLY B 103 58.79 -5.39 21.48
C GLY B 103 59.40 -6.77 21.62
N GLN B 104 60.38 -6.93 22.51
CA GLN B 104 61.11 -8.20 22.56
C GLN B 104 60.20 -9.29 23.13
N LEU B 105 59.26 -9.71 22.30
CA LEU B 105 58.25 -10.67 22.68
C LEU B 105 58.77 -12.09 22.72
N GLN B 106 59.69 -12.44 21.81
CA GLN B 106 60.33 -13.74 21.88
C GLN B 106 61.18 -13.85 23.13
N GLU B 107 61.85 -12.77 23.51
CA GLU B 107 62.55 -12.77 24.79
C GLU B 107 61.57 -12.75 25.96
N ALA B 108 60.41 -12.12 25.78
CA ALA B 108 59.36 -12.21 26.79
C ALA B 108 58.98 -13.66 27.02
N ILE B 109 58.79 -14.40 25.93
CA ILE B 109 58.56 -15.83 26.03
C ILE B 109 59.77 -16.51 26.64
N GLU B 110 60.97 -16.02 26.31
CA GLU B 110 62.20 -16.61 26.84
C GLU B 110 62.16 -16.68 28.37
N HIS B 111 61.88 -15.57 29.02
CA HIS B 111 61.89 -15.61 30.48
C HIS B 111 60.54 -16.03 31.07
N TYR B 112 59.46 -15.94 30.31
CA TYR B 112 58.21 -16.58 30.74
C TYR B 112 58.39 -18.09 30.85
N ARG B 113 59.02 -18.70 29.85
CA ARG B 113 59.34 -20.11 29.94
C ARG B 113 60.50 -20.35 30.88
N HIS B 114 61.39 -19.37 31.02
CA HIS B 114 62.32 -19.39 32.13
C HIS B 114 61.56 -19.28 33.44
N ALA B 115 60.55 -18.43 33.48
CA ALA B 115 59.56 -18.52 34.54
C ALA B 115 58.77 -19.81 34.40
N LEU B 116 57.85 -20.03 35.33
CA LEU B 116 56.99 -21.20 35.33
C LEU B 116 57.80 -22.47 35.55
N ARG B 117 59.12 -22.31 35.68
CA ARG B 117 59.99 -23.42 36.01
C ARG B 117 60.14 -23.57 37.51
N LEU B 118 60.67 -22.54 38.16
CA LEU B 118 60.75 -22.53 39.61
C LEU B 118 59.37 -22.53 40.25
N LYS B 119 58.38 -21.97 39.54
CA LYS B 119 57.00 -21.92 40.02
C LYS B 119 56.13 -22.58 38.96
N PRO B 120 56.10 -23.91 38.92
CA PRO B 120 55.32 -24.60 37.89
C PRO B 120 53.82 -24.35 38.00
N ASP B 121 53.32 -23.95 39.16
CA ASP B 121 51.89 -23.77 39.35
C ASP B 121 51.46 -22.32 39.22
N PHE B 122 52.34 -21.44 38.75
CA PHE B 122 51.96 -20.05 38.57
C PHE B 122 50.83 -19.94 37.56
N ILE B 123 49.87 -19.06 37.85
CA ILE B 123 48.66 -18.98 37.04
C ILE B 123 48.81 -17.93 35.96
N ASP B 124 48.96 -16.67 36.37
CA ASP B 124 48.92 -15.59 35.41
C ASP B 124 49.99 -15.71 34.35
N GLY B 125 51.06 -16.45 34.63
CA GLY B 125 52.08 -16.67 33.63
C GLY B 125 51.54 -17.39 32.41
N TYR B 126 50.77 -18.46 32.61
CA TYR B 126 50.19 -19.15 31.49
C TYR B 126 49.30 -18.23 30.67
N ILE B 127 48.45 -17.47 31.34
CA ILE B 127 47.52 -16.58 30.65
C ILE B 127 48.27 -15.62 29.76
N ASN B 128 49.06 -14.73 30.37
CA ASN B 128 49.70 -13.71 29.56
C ASN B 128 50.74 -14.30 28.62
N LEU B 129 51.23 -15.51 28.89
CA LEU B 129 52.06 -16.20 27.90
C LEU B 129 51.27 -16.43 26.62
N ALA B 130 50.05 -16.94 26.76
CA ALA B 130 49.23 -17.17 25.59
C ALA B 130 48.90 -15.86 24.93
N ALA B 131 48.69 -14.81 25.72
CA ALA B 131 48.50 -13.50 25.14
C ALA B 131 49.71 -13.11 24.30
N ALA B 132 50.90 -13.46 24.76
CA ALA B 132 52.10 -13.11 24.02
C ALA B 132 52.17 -13.89 22.70
N LEU B 133 52.00 -15.20 22.77
CA LEU B 133 52.17 -16.02 21.58
C LEU B 133 51.13 -15.67 20.53
N VAL B 134 49.88 -15.46 20.95
CA VAL B 134 48.86 -15.09 19.98
C VAL B 134 49.18 -13.75 19.36
N ALA B 135 49.87 -12.89 20.11
CA ALA B 135 50.38 -11.66 19.51
C ALA B 135 51.52 -11.93 18.55
N ALA B 136 52.05 -13.16 18.53
CA ALA B 136 53.13 -13.51 17.62
C ALA B 136 52.68 -14.40 16.46
N GLY B 137 51.42 -14.79 16.40
CA GLY B 137 50.92 -15.60 15.31
C GLY B 137 51.04 -17.10 15.51
N ASP B 138 51.62 -17.55 16.62
CA ASP B 138 51.78 -18.98 16.89
C ASP B 138 50.58 -19.49 17.70
N MET B 139 49.45 -19.63 17.00
CA MET B 139 48.22 -20.10 17.63
C MET B 139 48.43 -21.38 18.41
N GLU B 140 49.05 -22.37 17.77
CA GLU B 140 49.09 -23.70 18.36
C GLU B 140 49.65 -23.69 19.78
N GLY B 141 50.81 -23.06 19.96
CA GLY B 141 51.37 -22.98 21.30
C GLY B 141 50.44 -22.30 22.27
N ALA B 142 49.77 -21.25 21.83
CA ALA B 142 48.85 -20.54 22.72
C ALA B 142 47.78 -21.47 23.24
N VAL B 143 47.24 -22.33 22.36
CA VAL B 143 46.16 -23.20 22.79
C VAL B 143 46.63 -24.11 23.92
N GLN B 144 47.82 -24.68 23.79
CA GLN B 144 48.35 -25.52 24.87
C GLN B 144 48.56 -24.73 26.13
N ALA B 145 48.93 -23.45 26.00
CA ALA B 145 49.09 -22.62 27.18
C ALA B 145 47.79 -22.51 27.96
N TYR B 146 46.71 -22.11 27.29
CA TYR B 146 45.42 -22.08 27.96
C TYR B 146 45.02 -23.44 28.53
N VAL B 147 45.14 -24.49 27.72
CA VAL B 147 44.65 -25.78 28.19
C VAL B 147 45.42 -26.22 29.42
N SER B 148 46.71 -25.89 29.48
CA SER B 148 47.46 -26.12 30.71
C SER B 148 46.87 -25.34 31.87
N ALA B 149 46.54 -24.06 31.64
CA ALA B 149 45.96 -23.27 32.71
C ALA B 149 44.70 -23.91 33.25
N LEU B 150 43.81 -24.32 32.34
CA LEU B 150 42.60 -24.99 32.76
C LEU B 150 42.91 -26.28 33.50
N GLN B 151 43.91 -27.01 33.03
CA GLN B 151 44.28 -28.27 33.67
C GLN B 151 44.61 -28.04 35.14
N TYR B 152 45.28 -26.94 35.44
CA TYR B 152 45.47 -26.62 36.85
C TYR B 152 44.19 -26.17 37.54
N ASN B 153 43.43 -25.26 36.93
CA ASN B 153 42.27 -24.67 37.57
C ASN B 153 41.06 -24.82 36.67
N PRO B 154 39.99 -25.48 37.12
CA PRO B 154 38.78 -25.60 36.31
C PRO B 154 37.75 -24.49 36.51
N ASP B 155 38.14 -23.38 37.13
CA ASP B 155 37.16 -22.39 37.58
C ASP B 155 37.23 -21.09 36.83
N LEU B 156 38.19 -20.93 35.92
CA LEU B 156 38.37 -19.65 35.25
C LEU B 156 37.25 -19.41 34.25
N TYR B 157 36.09 -19.04 34.76
CA TYR B 157 34.91 -18.94 33.92
C TYR B 157 35.07 -17.87 32.86
N CYS B 158 36.12 -17.06 32.94
CA CYS B 158 36.38 -16.07 31.90
C CYS B 158 37.66 -16.35 31.15
N VAL B 159 38.18 -17.57 31.23
CA VAL B 159 39.24 -18.00 30.35
C VAL B 159 38.71 -18.97 29.30
N ARG B 160 37.75 -19.81 29.67
CA ARG B 160 37.13 -20.68 28.69
C ARG B 160 36.67 -19.87 27.50
N SER B 161 35.92 -18.81 27.77
CA SER B 161 35.41 -18.02 26.67
C SER B 161 36.54 -17.53 25.78
N ASP B 162 37.77 -17.53 26.29
CA ASP B 162 38.87 -17.10 25.44
C ASP B 162 39.37 -18.23 24.55
N LEU B 163 39.38 -19.48 25.02
CA LEU B 163 39.52 -20.57 24.06
C LEU B 163 38.41 -20.54 23.03
N GLY B 164 37.22 -20.14 23.43
CA GLY B 164 36.18 -20.05 22.44
C GLY B 164 36.64 -19.09 21.38
N ASN B 165 36.95 -17.87 21.81
CA ASN B 165 37.34 -16.86 20.85
C ASN B 165 38.52 -17.30 20.00
N LEU B 166 39.34 -18.21 20.52
CA LEU B 166 40.52 -18.66 19.78
C LEU B 166 40.18 -19.80 18.82
N LEU B 167 39.68 -20.91 19.34
CA LEU B 167 39.43 -22.07 18.49
C LEU B 167 38.47 -21.71 17.38
N LYS B 168 37.38 -21.02 17.69
CA LYS B 168 36.47 -20.65 16.63
C LYS B 168 37.18 -19.83 15.57
N ALA B 169 38.24 -19.13 15.93
CA ALA B 169 39.03 -18.45 14.92
C ALA B 169 39.88 -19.43 14.13
N LEU B 170 40.40 -20.47 14.78
CA LEU B 170 41.18 -21.46 14.06
C LEU B 170 40.34 -22.20 13.03
N GLY B 171 39.10 -22.50 13.37
CA GLY B 171 38.23 -23.18 12.44
C GLY B 171 37.70 -24.50 12.97
N ARG B 172 38.23 -24.96 14.10
CA ARG B 172 37.75 -26.20 14.71
C ARG B 172 36.48 -25.89 15.49
N LEU B 173 35.40 -25.65 14.76
CA LEU B 173 34.16 -25.18 15.37
C LEU B 173 33.65 -26.16 16.42
N GLU B 174 33.47 -27.41 16.04
CA GLU B 174 32.79 -28.35 16.90
C GLU B 174 33.58 -28.67 18.16
N GLU B 175 34.86 -28.36 18.18
CA GLU B 175 35.60 -28.46 19.43
C GLU B 175 35.49 -27.20 20.26
N ALA B 176 35.09 -26.08 19.64
CA ALA B 176 34.88 -24.85 20.39
C ALA B 176 33.63 -24.94 21.23
N LYS B 177 32.55 -25.40 20.63
CA LYS B 177 31.24 -25.33 21.25
C LYS B 177 31.19 -26.15 22.53
N ALA B 178 32.26 -26.86 22.84
CA ALA B 178 32.31 -27.57 24.10
C ALA B 178 33.05 -26.80 25.18
N CYS B 179 33.64 -25.66 24.85
CA CYS B 179 34.29 -24.81 25.85
C CYS B 179 33.33 -23.75 26.38
N TYR B 180 32.62 -23.10 25.47
CA TYR B 180 31.59 -22.18 25.90
C TYR B 180 30.66 -22.84 26.89
N LEU B 181 30.15 -24.02 26.55
CA LEU B 181 29.08 -24.62 27.33
C LEU B 181 29.51 -24.90 28.76
N LYS B 182 30.74 -25.35 28.95
CA LYS B 182 31.25 -25.45 30.30
C LYS B 182 31.25 -24.09 30.98
N ALA B 183 31.68 -23.04 30.27
CA ALA B 183 31.70 -21.74 30.91
C ALA B 183 30.30 -21.32 31.35
N ILE B 184 29.32 -21.45 30.45
CA ILE B 184 27.97 -20.99 30.76
C ILE B 184 27.45 -21.69 31.98
N GLU B 185 27.57 -23.01 32.03
CA GLU B 185 27.00 -23.69 33.19
C GLU B 185 27.79 -23.39 34.45
N THR B 186 29.03 -22.93 34.33
CA THR B 186 29.78 -22.54 35.52
C THR B 186 29.23 -21.26 36.13
N GLN B 187 29.01 -20.23 35.32
CA GLN B 187 28.58 -18.92 35.78
C GLN B 187 27.40 -18.45 34.94
N PRO B 188 26.20 -18.93 35.25
CA PRO B 188 25.07 -18.78 34.32
C PRO B 188 24.62 -17.35 34.09
N ASN B 189 25.13 -16.36 34.83
CA ASN B 189 24.83 -15.00 34.46
C ASN B 189 25.77 -14.46 33.40
N PHE B 190 26.76 -15.23 32.98
CA PHE B 190 27.79 -14.71 32.09
C PHE B 190 27.17 -14.45 30.74
N ALA B 191 27.25 -13.20 30.28
CA ALA B 191 26.52 -12.78 29.10
C ALA B 191 27.42 -12.54 27.90
N VAL B 192 28.63 -13.06 27.94
CA VAL B 192 29.53 -13.05 26.80
C VAL B 192 29.83 -14.46 26.34
N ALA B 193 29.40 -15.46 27.08
CA ALA B 193 29.47 -16.81 26.58
C ALA B 193 28.11 -17.24 26.07
N TRP B 194 27.13 -16.36 26.02
CA TRP B 194 25.97 -16.68 25.22
C TRP B 194 26.10 -16.08 23.83
N SER B 195 26.51 -14.83 23.74
CA SER B 195 26.58 -14.21 22.42
C SER B 195 27.59 -14.92 21.53
N ASN B 196 28.76 -15.29 22.06
CA ASN B 196 29.71 -15.99 21.21
C ASN B 196 29.15 -17.32 20.75
N LEU B 197 28.51 -18.05 21.66
CA LEU B 197 27.92 -19.32 21.27
C LEU B 197 26.88 -19.12 20.21
N GLY B 198 26.18 -18.00 20.26
CA GLY B 198 25.32 -17.66 19.15
C GLY B 198 26.06 -17.56 17.86
N CYS B 199 27.27 -16.99 17.88
CA CYS B 199 28.04 -16.90 16.64
C CYS B 199 28.38 -18.29 16.09
N VAL B 200 28.66 -19.25 16.96
CA VAL B 200 28.98 -20.58 16.45
C VAL B 200 27.77 -21.17 15.74
N PHE B 201 26.62 -21.25 16.43
CA PHE B 201 25.44 -21.78 15.74
C PHE B 201 25.09 -21.00 14.50
N ASN B 202 25.43 -19.73 14.43
CA ASN B 202 25.17 -19.03 13.18
C ASN B 202 26.08 -19.53 12.08
N ALA B 203 27.28 -19.97 12.42
CA ALA B 203 28.17 -20.49 11.38
C ALA B 203 27.70 -21.84 10.88
N GLN B 204 27.32 -22.74 11.79
CA GLN B 204 26.93 -24.06 11.31
C GLN B 204 25.67 -24.06 10.46
N GLY B 205 24.91 -22.98 10.45
CA GLY B 205 23.80 -22.82 9.54
C GLY B 205 22.42 -22.89 10.15
N GLU B 206 22.29 -23.11 11.46
CA GLU B 206 20.99 -23.33 12.08
C GLU B 206 20.53 -22.04 12.74
N ILE B 207 19.79 -21.20 12.01
CA ILE B 207 19.50 -19.89 12.56
C ILE B 207 18.56 -19.98 13.75
N TRP B 208 17.60 -20.89 13.73
CA TRP B 208 16.56 -20.81 14.74
C TRP B 208 17.08 -20.99 16.15
N LEU B 209 18.29 -21.49 16.32
CA LEU B 209 18.94 -21.44 17.61
C LEU B 209 19.80 -20.20 17.78
N ALA B 210 20.36 -19.67 16.70
CA ALA B 210 21.20 -18.50 16.85
C ALA B 210 20.42 -17.32 17.38
N ILE B 211 19.22 -17.06 16.84
CA ILE B 211 18.51 -15.90 17.35
C ILE B 211 17.98 -16.15 18.74
N HIS B 212 17.81 -17.41 19.13
CA HIS B 212 17.52 -17.72 20.52
C HIS B 212 18.65 -17.26 21.42
N HIS B 213 19.84 -17.82 21.23
CA HIS B 213 20.93 -17.52 22.16
C HIS B 213 21.20 -16.03 22.24
N PHE B 214 21.09 -15.31 21.13
CA PHE B 214 21.26 -13.85 21.25
C PHE B 214 20.19 -13.25 22.14
N GLU B 215 18.94 -13.67 21.99
CA GLU B 215 17.92 -13.02 22.82
C GLU B 215 18.13 -13.29 24.29
N LYS B 216 18.64 -14.47 24.63
CA LYS B 216 19.04 -14.69 26.01
C LYS B 216 20.12 -13.71 26.44
N ALA B 217 21.05 -13.42 25.55
CA ALA B 217 22.18 -12.57 25.93
C ALA B 217 21.91 -11.08 25.75
N VAL B 218 20.69 -10.66 25.48
CA VAL B 218 20.40 -9.26 25.77
C VAL B 218 19.44 -9.19 26.95
N THR B 219 18.66 -10.24 27.17
CA THR B 219 17.85 -10.26 28.38
C THR B 219 18.73 -10.23 29.62
N LEU B 220 19.86 -10.92 29.60
CA LEU B 220 20.71 -10.90 30.78
C LEU B 220 21.49 -9.59 30.94
N ASP B 221 21.54 -8.72 29.93
CA ASP B 221 22.43 -7.57 30.00
C ASP B 221 22.08 -6.48 28.99
N PRO B 222 21.09 -5.65 29.25
CA PRO B 222 20.53 -4.82 28.17
C PRO B 222 21.36 -3.62 27.81
N ASN B 223 22.63 -3.58 28.21
CA ASN B 223 23.52 -2.51 27.78
C ASN B 223 24.72 -3.09 27.05
N PHE B 224 24.44 -4.01 26.14
CA PHE B 224 25.45 -4.80 25.46
C PHE B 224 25.19 -4.62 23.98
N LEU B 225 26.21 -4.25 23.22
CA LEU B 225 26.01 -3.77 21.86
C LEU B 225 26.19 -4.84 20.80
N ASP B 226 27.19 -5.70 20.97
CA ASP B 226 27.45 -6.72 19.96
C ASP B 226 26.26 -7.65 19.80
N ALA B 227 25.62 -8.03 20.89
CA ALA B 227 24.45 -8.87 20.74
C ALA B 227 23.38 -8.17 19.96
N TYR B 228 23.22 -6.87 20.14
CA TYR B 228 22.17 -6.19 19.41
C TYR B 228 22.44 -6.16 17.92
N ILE B 229 23.67 -5.89 17.51
CA ILE B 229 23.94 -5.97 16.08
C ILE B 229 23.72 -7.39 15.59
N ASN B 230 24.47 -8.35 16.13
CA ASN B 230 24.41 -9.69 15.59
C ASN B 230 22.98 -10.19 15.51
N LEU B 231 22.13 -9.81 16.45
CA LEU B 231 20.73 -10.17 16.33
C LEU B 231 20.11 -9.48 15.13
N GLY B 232 20.50 -8.24 14.87
CA GLY B 232 20.00 -7.59 13.67
C GLY B 232 20.38 -8.32 12.40
N ASN B 233 21.64 -8.69 12.27
CA ASN B 233 22.08 -9.35 11.05
C ASN B 233 21.33 -10.65 10.86
N VAL B 234 21.37 -11.57 11.82
CA VAL B 234 20.71 -12.84 11.58
C VAL B 234 19.22 -12.74 11.56
N LEU B 235 18.63 -11.61 11.93
CA LEU B 235 17.21 -11.50 11.69
C LEU B 235 16.88 -10.92 10.33
N LYS B 236 17.82 -10.26 9.66
CA LYS B 236 17.52 -9.88 8.29
C LYS B 236 18.02 -10.89 7.27
N GLU B 237 18.59 -12.00 7.70
CA GLU B 237 18.79 -13.10 6.78
C GLU B 237 17.55 -13.97 6.73
N ALA B 238 17.01 -14.31 7.90
CA ALA B 238 15.81 -15.13 7.93
C ALA B 238 14.60 -14.36 7.44
N ARG B 239 14.78 -13.13 7.00
CA ARG B 239 13.70 -12.35 6.42
C ARG B 239 12.55 -12.14 7.39
N ILE B 240 12.82 -12.13 8.65
CA ILE B 240 11.98 -11.37 9.56
C ILE B 240 12.42 -9.93 9.38
N PHE B 241 11.50 -8.98 9.44
CA PHE B 241 11.90 -7.60 9.24
C PHE B 241 11.59 -6.70 10.41
N ASP B 242 10.35 -6.67 10.88
CA ASP B 242 9.99 -5.76 11.96
C ASP B 242 10.90 -5.93 13.17
N ARG B 243 11.18 -7.17 13.54
CA ARG B 243 12.07 -7.38 14.67
C ARG B 243 13.48 -6.94 14.36
N ALA B 244 13.91 -7.05 13.11
CA ALA B 244 15.23 -6.55 12.75
C ALA B 244 15.29 -5.05 12.94
N VAL B 245 14.24 -4.33 12.54
CA VAL B 245 14.22 -2.90 12.74
C VAL B 245 14.38 -2.55 14.21
N ALA B 246 13.61 -3.23 15.07
CA ALA B 246 13.72 -2.92 16.49
C ALA B 246 15.12 -3.19 17.03
N ALA B 247 15.73 -4.30 16.62
CA ALA B 247 17.06 -4.61 17.13
C ALA B 247 18.08 -3.55 16.72
N TYR B 248 18.04 -3.11 15.48
CA TYR B 248 18.90 -1.99 15.09
C TYR B 248 18.60 -0.71 15.84
N LEU B 249 17.33 -0.35 15.96
CA LEU B 249 17.04 0.95 16.54
C LEU B 249 17.63 1.05 17.94
N ARG B 250 17.46 -0.01 18.73
CA ARG B 250 18.13 -0.01 20.02
C ARG B 250 19.64 -0.05 19.87
N ALA B 251 20.15 -0.71 18.83
CA ALA B 251 21.59 -0.83 18.69
C ALA B 251 22.24 0.52 18.57
N LEU B 252 21.62 1.43 17.82
CA LEU B 252 22.21 2.75 17.66
C LEU B 252 21.83 3.70 18.78
N SER B 253 20.67 3.55 19.40
CA SER B 253 20.46 4.36 20.60
C SER B 253 21.38 3.96 21.74
N LEU B 254 22.23 2.96 21.57
CA LEU B 254 23.39 2.84 22.44
C LEU B 254 24.64 3.48 21.87
N SER B 255 24.67 3.73 20.55
CA SER B 255 25.80 4.36 19.88
C SER B 255 25.33 5.01 18.58
N PRO B 256 25.11 6.32 18.56
CA PRO B 256 24.24 6.93 17.55
C PRO B 256 24.90 7.31 16.23
N ASN B 257 26.14 6.92 15.99
CA ASN B 257 26.84 7.33 14.79
C ASN B 257 27.64 6.17 14.21
N HIS B 258 27.00 5.03 14.02
CA HIS B 258 27.80 3.83 13.82
C HIS B 258 28.20 3.61 12.37
N ALA B 259 27.39 4.08 11.42
CA ALA B 259 27.77 4.12 10.01
C ALA B 259 27.82 2.75 9.34
N VAL B 260 27.68 1.68 10.10
CA VAL B 260 27.51 0.34 9.54
C VAL B 260 26.12 -0.21 9.83
N VAL B 261 25.60 0.08 11.02
CA VAL B 261 24.18 -0.06 11.24
C VAL B 261 23.40 0.75 10.23
N HIS B 262 23.88 1.95 9.92
CA HIS B 262 23.12 2.85 9.07
C HIS B 262 23.00 2.37 7.64
N GLY B 263 23.79 1.37 7.25
CA GLY B 263 23.61 0.80 5.93
C GLY B 263 22.56 -0.29 5.96
N ASN B 264 22.72 -1.23 6.88
CA ASN B 264 21.76 -2.32 6.95
C ASN B 264 20.37 -1.79 7.21
N LEU B 265 20.25 -0.82 8.10
CA LEU B 265 18.94 -0.28 8.42
C LEU B 265 18.28 0.26 7.18
N ALA B 266 19.07 0.83 6.28
CA ALA B 266 18.51 1.28 5.03
C ALA B 266 18.01 0.09 4.21
N CYS B 267 18.81 -0.97 4.13
CA CYS B 267 18.39 -2.12 3.32
C CYS B 267 17.07 -2.66 3.80
N VAL B 268 16.89 -2.77 5.11
CA VAL B 268 15.64 -3.27 5.66
C VAL B 268 14.49 -2.31 5.33
N TYR B 269 14.70 -1.01 5.49
CA TYR B 269 13.66 -0.06 5.09
C TYR B 269 13.31 -0.20 3.62
N TYR B 270 14.32 -0.38 2.78
CA TYR B 270 14.05 -0.51 1.35
C TYR B 270 13.25 -1.77 1.07
N GLU B 271 13.50 -2.84 1.81
CA GLU B 271 12.80 -4.09 1.58
C GLU B 271 11.39 -4.08 2.14
N GLN B 272 11.12 -3.33 3.21
CA GLN B 272 9.75 -3.23 3.67
C GLN B 272 8.87 -2.46 2.71
N GLY B 273 9.46 -1.64 1.84
CA GLY B 273 8.72 -0.77 0.96
C GLY B 273 8.69 0.68 1.36
N LEU B 274 9.44 1.08 2.37
CA LEU B 274 9.46 2.47 2.84
C LEU B 274 10.66 3.20 2.25
N ILE B 275 10.53 3.56 0.97
CA ILE B 275 11.71 3.98 0.20
C ILE B 275 12.34 5.23 0.79
N ASP B 276 11.52 6.21 1.15
CA ASP B 276 12.05 7.52 1.52
C ASP B 276 12.95 7.43 2.73
N LEU B 277 12.58 6.61 3.71
CA LEU B 277 13.44 6.42 4.87
C LEU B 277 14.77 5.83 4.46
N ALA B 278 14.77 4.96 3.45
CA ALA B 278 16.02 4.43 2.93
C ALA B 278 16.86 5.55 2.34
N ILE B 279 16.23 6.45 1.58
CA ILE B 279 16.98 7.54 0.98
C ILE B 279 17.66 8.36 2.05
N ASP B 280 16.89 8.76 3.06
CA ASP B 280 17.43 9.60 4.11
C ASP B 280 18.56 8.91 4.86
N THR B 281 18.35 7.65 5.26
CA THR B 281 19.37 6.97 6.04
C THR B 281 20.63 6.75 5.22
N TYR B 282 20.50 6.50 3.93
CA TYR B 282 21.71 6.36 3.12
C TYR B 282 22.48 7.67 3.10
N ARG B 283 21.78 8.79 3.00
CA ARG B 283 22.46 10.08 3.12
C ARG B 283 23.18 10.17 4.45
N ARG B 284 22.54 9.72 5.51
CA ARG B 284 23.16 9.79 6.83
C ARG B 284 24.39 8.92 6.91
N ALA B 285 24.36 7.75 6.29
CA ALA B 285 25.51 6.86 6.34
C ALA B 285 26.69 7.47 5.60
N ILE B 286 26.46 7.93 4.37
CA ILE B 286 27.56 8.48 3.61
C ILE B 286 28.11 9.72 4.30
N GLU B 287 27.25 10.48 4.97
CA GLU B 287 27.71 11.57 5.80
C GLU B 287 28.67 11.08 6.89
N LEU B 288 28.25 10.08 7.66
CA LEU B 288 29.07 9.64 8.78
C LEU B 288 30.39 9.07 8.31
N GLN B 289 30.38 8.33 7.22
CA GLN B 289 31.65 7.81 6.74
C GLN B 289 31.71 7.95 5.23
N PRO B 290 32.73 8.61 4.70
CA PRO B 290 32.73 8.97 3.29
C PRO B 290 33.18 7.84 2.37
N HIS B 291 34.14 7.02 2.82
CA HIS B 291 34.75 6.02 1.96
C HIS B 291 33.97 4.73 2.10
N PHE B 292 33.04 4.49 1.15
CA PHE B 292 32.00 3.50 1.41
C PHE B 292 31.31 3.09 0.12
N PRO B 293 31.98 2.31 -0.73
CA PRO B 293 31.42 2.05 -2.07
C PRO B 293 30.05 1.39 -2.05
N ASP B 294 29.82 0.46 -1.12
CA ASP B 294 28.60 -0.33 -1.17
C ASP B 294 27.37 0.55 -1.02
N ALA B 295 27.38 1.49 -0.09
CA ALA B 295 26.22 2.34 0.07
C ALA B 295 26.02 3.20 -1.16
N TYR B 296 27.09 3.60 -1.82
CA TYR B 296 26.93 4.33 -3.06
C TYR B 296 26.17 3.49 -4.08
N CYS B 297 26.62 2.27 -4.32
CA CYS B 297 25.97 1.42 -5.30
C CYS B 297 24.52 1.18 -4.92
N ASN B 298 24.28 0.86 -3.66
CA ASN B 298 22.93 0.54 -3.23
C ASN B 298 22.04 1.77 -3.24
N LEU B 299 22.60 2.93 -2.89
CA LEU B 299 21.87 4.19 -3.03
C LEU B 299 21.51 4.44 -4.48
N ALA B 300 22.40 4.09 -5.40
CA ALA B 300 22.09 4.25 -6.81
C ALA B 300 20.88 3.44 -7.19
N ASN B 301 20.81 2.19 -6.72
CA ASN B 301 19.61 1.39 -6.98
C ASN B 301 18.38 2.05 -6.37
N ALA B 302 18.51 2.56 -5.15
CA ALA B 302 17.39 3.22 -4.51
C ALA B 302 16.88 4.38 -5.33
N LEU B 303 17.79 5.18 -5.88
CA LEU B 303 17.37 6.30 -6.73
C LEU B 303 16.75 5.80 -8.02
N LYS B 304 17.44 4.87 -8.69
CA LYS B 304 17.02 4.44 -10.01
C LYS B 304 15.59 3.92 -9.99
N GLU B 305 15.17 3.30 -8.90
CA GLU B 305 13.78 2.86 -8.84
C GLU B 305 12.83 4.00 -8.48
N LYS B 306 13.32 5.20 -8.26
CA LYS B 306 12.47 6.33 -7.92
C LYS B 306 12.40 7.39 -9.01
N GLY B 307 13.12 7.21 -10.11
CA GLY B 307 12.99 8.07 -11.27
C GLY B 307 14.21 8.92 -11.57
N SER B 308 14.87 9.44 -10.54
CA SER B 308 15.98 10.37 -10.75
C SER B 308 17.20 9.64 -11.29
N VAL B 309 17.14 9.19 -12.53
CA VAL B 309 18.18 8.32 -13.07
C VAL B 309 19.50 9.06 -13.19
N ALA B 310 19.46 10.37 -13.44
CA ALA B 310 20.69 11.12 -13.63
C ALA B 310 21.59 11.02 -12.41
N GLU B 311 21.03 11.21 -11.22
CA GLU B 311 21.81 11.01 -10.01
C GLU B 311 22.33 9.59 -9.92
N ALA B 312 21.55 8.63 -10.40
CA ALA B 312 21.96 7.24 -10.31
C ALA B 312 23.25 7.01 -11.07
N GLU B 313 23.32 7.51 -12.30
CA GLU B 313 24.54 7.36 -13.08
C GLU B 313 25.72 8.01 -12.38
N ASP B 314 25.51 9.21 -11.85
CA ASP B 314 26.58 9.92 -11.16
C ASP B 314 27.04 9.16 -9.93
N CYS B 315 26.09 8.61 -9.18
CA CYS B 315 26.45 7.86 -7.97
C CYS B 315 27.23 6.61 -8.31
N TYR B 316 26.83 5.90 -9.37
CA TYR B 316 27.62 4.77 -9.82
C TYR B 316 29.02 5.21 -10.20
N ASN B 317 29.13 6.38 -10.84
CA ASN B 317 30.45 6.91 -11.17
C ASN B 317 31.29 7.07 -9.92
N THR B 318 30.72 7.68 -8.89
CA THR B 318 31.45 7.86 -7.63
C THR B 318 31.89 6.52 -7.09
N ALA B 319 31.00 5.54 -7.10
CA ALA B 319 31.30 4.25 -6.51
C ALA B 319 32.49 3.62 -7.20
N LEU B 320 32.45 3.51 -8.52
CA LEU B 320 33.59 2.91 -9.20
C LEU B 320 34.81 3.82 -9.14
N ARG B 321 34.63 5.09 -8.82
CA ARG B 321 35.77 5.96 -8.54
C ARG B 321 36.52 5.46 -7.31
N LEU B 322 35.78 5.22 -6.23
CA LEU B 322 36.44 4.76 -5.01
C LEU B 322 37.04 3.36 -5.17
N CYS B 323 36.47 2.54 -6.05
CA CYS B 323 37.07 1.27 -6.42
C CYS B 323 36.60 0.85 -7.80
N PRO B 324 37.51 0.71 -8.77
CA PRO B 324 37.10 0.32 -10.11
C PRO B 324 36.79 -1.15 -10.27
N THR B 325 36.75 -1.91 -9.18
CA THR B 325 36.59 -3.35 -9.25
C THR B 325 35.28 -3.82 -8.63
N HIS B 326 34.49 -2.91 -8.06
CA HIS B 326 33.26 -3.27 -7.39
C HIS B 326 32.24 -3.74 -8.42
N ALA B 327 32.05 -5.06 -8.51
CA ALA B 327 31.38 -5.64 -9.66
C ALA B 327 29.93 -5.19 -9.78
N ASP B 328 29.23 -5.11 -8.65
CA ASP B 328 27.80 -4.83 -8.69
C ASP B 328 27.52 -3.52 -9.39
N SER B 329 28.31 -2.49 -9.08
CA SER B 329 28.14 -1.21 -9.74
C SER B 329 28.40 -1.34 -11.23
N LEU B 330 29.40 -2.11 -11.63
CA LEU B 330 29.66 -2.30 -13.04
C LEU B 330 28.43 -2.83 -13.75
N ASN B 331 27.85 -3.90 -13.22
CA ASN B 331 26.66 -4.47 -13.85
C ASN B 331 25.56 -3.42 -13.94
N ASN B 332 25.26 -2.76 -12.83
CA ASN B 332 24.10 -1.89 -12.83
C ASN B 332 24.30 -0.69 -13.75
N LEU B 333 25.48 -0.07 -13.73
CA LEU B 333 25.72 1.05 -14.62
C LEU B 333 25.64 0.61 -16.07
N ALA B 334 26.22 -0.55 -16.39
CA ALA B 334 26.14 -1.02 -17.77
C ALA B 334 24.69 -1.18 -18.20
N ASN B 335 23.85 -1.72 -17.31
CA ASN B 335 22.44 -1.82 -17.61
C ASN B 335 21.86 -0.44 -17.89
N ILE B 336 22.19 0.54 -17.05
CA ILE B 336 21.64 1.88 -17.23
C ILE B 336 22.01 2.43 -18.59
N LYS B 337 23.27 2.28 -18.99
CA LYS B 337 23.66 2.74 -20.32
C LYS B 337 22.90 2.01 -21.40
N ARG B 338 22.72 0.69 -21.24
CA ARG B 338 22.07 -0.10 -22.28
C ARG B 338 20.63 0.31 -22.49
N GLU B 339 19.99 0.98 -21.53
CA GLU B 339 18.72 1.55 -21.92
C GLU B 339 18.87 2.72 -22.89
N GLN B 340 20.08 3.21 -23.12
CA GLN B 340 20.31 4.25 -24.11
C GLN B 340 21.06 3.73 -25.33
N GLY B 341 20.98 2.42 -25.57
CA GLY B 341 21.48 1.82 -26.80
C GLY B 341 22.98 1.88 -26.95
N ASN B 342 23.66 2.40 -25.92
CA ASN B 342 25.10 2.61 -25.99
C ASN B 342 25.74 1.24 -25.81
N ILE B 343 25.73 0.46 -26.89
CA ILE B 343 25.98 -0.97 -26.76
C ILE B 343 27.40 -1.24 -26.28
N GLU B 344 28.39 -0.79 -27.05
CA GLU B 344 29.77 -1.19 -26.79
C GLU B 344 30.20 -0.83 -25.37
N GLU B 345 29.76 0.31 -24.87
CA GLU B 345 30.06 0.69 -23.50
C GLU B 345 29.64 -0.41 -22.53
N ALA B 346 28.38 -0.81 -22.62
CA ALA B 346 27.89 -1.87 -21.76
C ALA B 346 28.62 -3.17 -22.03
N VAL B 347 28.93 -3.44 -23.30
CA VAL B 347 29.61 -4.68 -23.66
C VAL B 347 30.91 -4.81 -22.89
N ARG B 348 31.83 -3.87 -23.11
CA ARG B 348 33.11 -3.93 -22.43
C ARG B 348 32.95 -3.92 -20.92
N LEU B 349 31.94 -3.20 -20.42
CA LEU B 349 31.78 -3.14 -18.97
C LEU B 349 31.36 -4.48 -18.40
N TYR B 350 30.40 -5.15 -19.05
CA TYR B 350 30.04 -6.50 -18.64
C TYR B 350 31.23 -7.42 -18.73
N ARG B 351 32.03 -7.25 -19.78
CA ARG B 351 33.26 -8.03 -19.90
C ARG B 351 34.12 -7.85 -18.67
N LYS B 352 34.31 -6.60 -18.25
CA LYS B 352 35.14 -6.31 -17.09
C LYS B 352 34.60 -6.99 -15.85
N ALA B 353 33.29 -6.85 -15.62
CA ALA B 353 32.72 -7.43 -14.41
C ALA B 353 32.85 -8.95 -14.43
N LEU B 354 32.59 -9.58 -15.57
CA LEU B 354 32.67 -11.03 -15.63
C LEU B 354 34.10 -11.50 -15.40
N GLU B 355 35.08 -10.83 -15.99
CA GLU B 355 36.45 -11.27 -15.81
C GLU B 355 36.94 -11.03 -14.38
N VAL B 356 36.44 -10.00 -13.70
CA VAL B 356 36.73 -9.87 -12.28
C VAL B 356 36.04 -10.98 -11.50
N PHE B 357 34.77 -11.18 -11.75
CA PHE B 357 33.99 -12.16 -10.99
C PHE B 357 33.50 -13.22 -11.95
N PRO B 358 34.18 -14.34 -12.07
CA PRO B 358 33.85 -15.31 -13.12
C PRO B 358 32.67 -16.20 -12.76
N GLU B 359 31.83 -15.79 -11.82
CA GLU B 359 30.71 -16.60 -11.38
C GLU B 359 29.39 -15.86 -11.37
N PHE B 360 29.36 -14.61 -11.84
CA PHE B 360 28.24 -13.71 -11.57
C PHE B 360 27.18 -13.99 -12.64
N ALA B 361 26.16 -14.75 -12.27
CA ALA B 361 25.20 -15.23 -13.25
C ALA B 361 24.46 -14.07 -13.90
N ALA B 362 24.11 -13.05 -13.13
CA ALA B 362 23.33 -11.95 -13.67
C ALA B 362 24.06 -11.26 -14.81
N ALA B 363 25.37 -11.06 -14.67
CA ALA B 363 26.14 -10.49 -15.76
C ALA B 363 26.11 -11.40 -16.97
N HIS B 364 26.19 -12.71 -16.75
CA HIS B 364 26.08 -13.64 -17.86
C HIS B 364 24.78 -13.42 -18.62
N SER B 365 23.67 -13.35 -17.89
CA SER B 365 22.39 -13.16 -18.54
C SER B 365 22.35 -11.87 -19.32
N ASN B 366 22.75 -10.76 -18.70
CA ASN B 366 22.66 -9.48 -19.37
C ASN B 366 23.54 -9.45 -20.61
N LEU B 367 24.75 -9.97 -20.49
CA LEU B 367 25.66 -9.98 -21.62
C LEU B 367 25.09 -10.81 -22.75
N ALA B 368 24.53 -11.98 -22.42
CA ALA B 368 23.98 -12.81 -23.47
C ALA B 368 22.82 -12.14 -24.16
N SER B 369 21.95 -11.46 -23.41
CA SER B 369 20.81 -10.81 -24.04
C SER B 369 21.25 -9.71 -24.99
N VAL B 370 22.23 -8.89 -24.57
CA VAL B 370 22.70 -7.89 -25.51
C VAL B 370 23.38 -8.55 -26.70
N LEU B 371 23.97 -9.73 -26.49
CA LEU B 371 24.52 -10.46 -27.63
C LEU B 371 23.41 -10.91 -28.58
N GLN B 372 22.27 -11.32 -28.02
CA GLN B 372 21.10 -11.61 -28.84
C GLN B 372 20.75 -10.41 -29.69
N GLN B 373 20.83 -9.22 -29.10
CA GLN B 373 20.69 -8.00 -29.90
C GLN B 373 21.76 -7.91 -30.97
N GLN B 374 22.97 -8.36 -30.65
CA GLN B 374 24.07 -8.33 -31.61
C GLN B 374 23.92 -9.36 -32.71
N GLY B 375 23.00 -10.29 -32.58
CA GLY B 375 22.83 -11.34 -33.59
C GLY B 375 23.65 -12.58 -33.35
N LYS B 376 24.96 -12.41 -33.13
CA LYS B 376 25.80 -13.52 -32.74
C LYS B 376 25.24 -14.15 -31.48
N LEU B 377 25.08 -15.47 -31.49
CA LEU B 377 24.31 -16.09 -30.43
C LEU B 377 24.91 -17.37 -29.85
N GLN B 378 25.71 -18.11 -30.62
CA GLN B 378 26.25 -19.36 -30.10
C GLN B 378 27.07 -19.13 -28.84
N GLU B 379 27.89 -18.08 -28.85
CA GLU B 379 28.56 -17.66 -27.63
C GLU B 379 27.56 -17.14 -26.61
N ALA B 380 26.51 -16.45 -27.05
CA ALA B 380 25.45 -16.09 -26.12
C ALA B 380 24.79 -17.34 -25.59
N LEU B 381 24.66 -18.37 -26.43
CA LEU B 381 24.10 -19.63 -25.95
C LEU B 381 24.94 -20.21 -24.84
N MET B 382 26.26 -20.24 -25.01
CA MET B 382 27.08 -20.81 -23.95
C MET B 382 27.06 -19.93 -22.70
N HIS B 383 26.89 -18.62 -22.87
CA HIS B 383 26.67 -17.79 -21.68
C HIS B 383 25.41 -18.19 -20.95
N TYR B 384 24.32 -18.43 -21.68
CA TYR B 384 23.11 -18.87 -21.01
C TYR B 384 23.35 -20.20 -20.31
N LYS B 385 24.04 -21.12 -20.98
CA LYS B 385 24.35 -22.40 -20.39
C LYS B 385 25.08 -22.24 -19.07
N GLU B 386 26.16 -21.48 -19.09
CA GLU B 386 26.99 -21.34 -17.90
C GLU B 386 26.26 -20.58 -16.80
N ALA B 387 25.40 -19.64 -17.18
CA ALA B 387 24.60 -18.95 -16.19
C ALA B 387 23.71 -19.92 -15.44
N ILE B 388 23.07 -20.84 -16.17
CA ILE B 388 22.32 -21.89 -15.49
C ILE B 388 23.26 -22.78 -14.69
N ARG B 389 24.43 -23.06 -15.23
CA ARG B 389 25.35 -23.99 -14.60
C ARG B 389 25.71 -23.51 -13.20
N ILE B 390 26.04 -22.22 -13.08
CA ILE B 390 26.39 -21.67 -11.77
C ILE B 390 25.15 -21.58 -10.88
N SER B 391 24.05 -21.08 -11.43
CA SER B 391 22.81 -20.90 -10.67
C SER B 391 21.73 -21.73 -11.34
N PRO B 392 21.44 -22.93 -10.82
CA PRO B 392 20.46 -23.82 -11.44
C PRO B 392 19.01 -23.45 -11.18
N THR B 393 18.73 -22.25 -10.68
CA THR B 393 17.37 -21.85 -10.31
C THR B 393 17.05 -20.49 -10.89
N PHE B 394 17.34 -20.29 -12.17
CA PHE B 394 17.17 -19.00 -12.84
C PHE B 394 16.26 -19.21 -14.06
N ALA B 395 14.95 -19.13 -13.85
CA ALA B 395 14.01 -19.42 -14.93
C ALA B 395 14.15 -18.43 -16.07
N ASP B 396 14.39 -17.17 -15.75
CA ASP B 396 14.44 -16.13 -16.76
C ASP B 396 15.41 -16.50 -17.87
N ALA B 397 16.60 -16.95 -17.50
CA ALA B 397 17.58 -17.33 -18.49
C ALA B 397 17.10 -18.48 -19.35
N TYR B 398 16.37 -19.43 -18.74
CA TYR B 398 15.78 -20.50 -19.54
C TYR B 398 14.89 -19.92 -20.62
N SER B 399 13.99 -19.01 -20.24
CA SER B 399 13.09 -18.44 -21.21
C SER B 399 13.86 -17.76 -22.34
N ASN B 400 14.85 -16.95 -21.97
CA ASN B 400 15.57 -16.20 -22.98
C ASN B 400 16.36 -17.14 -23.89
N MET B 401 17.02 -18.14 -23.32
CA MET B 401 17.78 -19.06 -24.16
C MET B 401 16.84 -19.85 -25.06
N GLY B 402 15.62 -20.11 -24.60
CA GLY B 402 14.65 -20.71 -25.49
C GLY B 402 14.35 -19.82 -26.67
N ASN B 403 14.20 -18.52 -26.43
CA ASN B 403 14.05 -17.58 -27.54
C ASN B 403 15.22 -17.69 -28.50
N THR B 404 16.43 -17.81 -27.95
CA THR B 404 17.62 -17.92 -28.78
C THR B 404 17.56 -19.17 -29.65
N LEU B 405 17.34 -20.33 -29.02
CA LEU B 405 17.34 -21.58 -29.76
C LEU B 405 16.28 -21.54 -30.85
N LYS B 406 15.06 -21.14 -30.50
CA LYS B 406 14.01 -21.04 -31.49
C LYS B 406 14.40 -20.11 -32.61
N GLU B 407 15.19 -19.08 -32.31
CA GLU B 407 15.67 -18.24 -33.39
C GLU B 407 16.66 -18.96 -34.29
N MET B 408 17.61 -19.71 -33.72
CA MET B 408 18.69 -20.25 -34.52
C MET B 408 18.37 -21.60 -35.14
N GLN B 409 17.60 -22.45 -34.46
CA GLN B 409 17.05 -23.65 -35.08
C GLN B 409 15.65 -23.81 -34.48
N ASP B 410 15.10 -25.01 -34.52
CA ASP B 410 13.79 -25.32 -33.99
C ASP B 410 13.87 -26.46 -32.98
N VAL B 411 14.79 -26.34 -32.03
CA VAL B 411 14.96 -27.38 -31.02
C VAL B 411 13.68 -27.46 -30.20
N GLN B 412 13.09 -28.66 -30.15
CA GLN B 412 12.01 -28.92 -29.21
C GLN B 412 12.52 -29.22 -27.81
N GLY B 413 13.81 -29.54 -27.67
CA GLY B 413 14.43 -29.45 -26.36
C GLY B 413 14.39 -28.04 -25.81
N ALA B 414 14.43 -27.05 -26.70
CA ALA B 414 14.18 -25.68 -26.26
C ALA B 414 12.77 -25.53 -25.72
N LEU B 415 11.80 -26.17 -26.38
CA LEU B 415 10.47 -26.26 -25.79
C LEU B 415 10.55 -26.85 -24.39
N GLN B 416 11.34 -27.91 -24.23
CA GLN B 416 11.55 -28.46 -22.91
C GLN B 416 12.17 -27.44 -21.98
N CYS B 417 13.04 -26.56 -22.51
CA CYS B 417 13.64 -25.53 -21.68
C CYS B 417 12.57 -24.60 -21.12
N TYR B 418 11.63 -24.21 -21.97
CA TYR B 418 10.47 -23.48 -21.47
C TYR B 418 9.80 -24.27 -20.37
N THR B 419 9.52 -25.55 -20.63
CA THR B 419 8.83 -26.38 -19.65
C THR B 419 9.57 -26.40 -18.33
N ARG B 420 10.90 -26.47 -18.40
CA ARG B 420 11.71 -26.39 -17.19
C ARG B 420 11.47 -25.08 -16.47
N ALA B 421 11.32 -24.00 -17.23
CA ALA B 421 11.06 -22.70 -16.61
C ALA B 421 9.77 -22.75 -15.80
N ILE B 422 8.70 -23.31 -16.40
CA ILE B 422 7.45 -23.44 -15.64
C ILE B 422 7.65 -24.35 -14.44
N GLN B 423 8.36 -25.46 -14.62
CA GLN B 423 8.62 -26.36 -13.51
C GLN B 423 9.38 -25.68 -12.39
N ILE B 424 10.09 -24.60 -12.70
CA ILE B 424 10.68 -23.77 -11.66
C ILE B 424 9.67 -22.74 -11.15
N ASN B 425 8.97 -22.08 -12.06
CA ASN B 425 7.94 -21.14 -11.66
C ASN B 425 6.83 -21.10 -12.71
N PRO B 426 5.62 -21.52 -12.36
CA PRO B 426 4.52 -21.50 -13.33
C PRO B 426 3.79 -20.17 -13.38
N ALA B 427 4.39 -19.13 -12.82
CA ALA B 427 3.78 -17.80 -12.83
C ALA B 427 4.17 -16.98 -14.06
N PHE B 428 4.75 -17.60 -15.08
CA PHE B 428 5.20 -16.89 -16.28
C PHE B 428 4.12 -16.99 -17.35
N ALA B 429 3.36 -15.92 -17.52
CA ALA B 429 2.45 -15.86 -18.66
C ALA B 429 3.24 -15.86 -19.96
N ASP B 430 4.34 -15.14 -20.00
CA ASP B 430 5.14 -15.03 -21.21
C ASP B 430 5.70 -16.40 -21.64
N ALA B 431 6.22 -17.18 -20.69
CA ALA B 431 6.75 -18.48 -21.04
C ALA B 431 5.68 -19.39 -21.59
N HIS B 432 4.49 -19.37 -20.98
CA HIS B 432 3.39 -20.14 -21.51
C HIS B 432 3.06 -19.70 -22.92
N SER B 433 3.07 -18.39 -23.16
CA SER B 433 2.83 -17.87 -24.49
C SER B 433 3.84 -18.41 -25.48
N ASN B 434 5.10 -18.47 -25.07
CA ASN B 434 6.13 -19.05 -25.93
C ASN B 434 5.77 -20.47 -26.32
N LEU B 435 5.71 -21.36 -25.32
CA LEU B 435 5.49 -22.76 -25.64
C LEU B 435 4.21 -22.94 -26.44
N ALA B 436 3.20 -22.11 -26.18
CA ALA B 436 2.01 -22.14 -27.01
C ALA B 436 2.34 -21.77 -28.44
N SER B 437 3.24 -20.82 -28.64
CA SER B 437 3.63 -20.49 -30.00
C SER B 437 4.25 -21.68 -30.69
N ILE B 438 5.11 -22.42 -29.97
CA ILE B 438 5.67 -23.64 -30.55
C ILE B 438 4.56 -24.62 -30.89
N HIS B 439 3.58 -24.75 -29.99
CA HIS B 439 2.48 -25.68 -30.23
C HIS B 439 1.71 -25.29 -31.49
N LYS B 440 1.42 -24.00 -31.64
CA LYS B 440 0.70 -23.55 -32.82
C LYS B 440 1.50 -23.79 -34.09
N ASP B 441 2.81 -23.54 -34.02
CA ASP B 441 3.65 -23.79 -35.19
C ASP B 441 3.63 -25.26 -35.55
N SER B 442 3.70 -26.13 -34.55
CA SER B 442 3.80 -27.56 -34.78
C SER B 442 2.49 -28.17 -35.24
N GLY B 443 1.38 -27.83 -34.59
CA GLY B 443 0.11 -28.45 -34.89
C GLY B 443 -0.57 -28.94 -33.63
N ASN B 444 -0.02 -28.52 -32.49
CA ASN B 444 -0.59 -28.86 -31.18
C ASN B 444 -1.57 -27.78 -30.73
N ILE B 445 -2.67 -27.69 -31.48
CA ILE B 445 -3.62 -26.59 -31.26
C ILE B 445 -4.19 -26.59 -29.85
N PRO B 446 -4.72 -27.69 -29.31
CA PRO B 446 -5.34 -27.61 -27.98
C PRO B 446 -4.39 -27.14 -26.90
N GLU B 447 -3.13 -27.57 -26.95
CA GLU B 447 -2.16 -27.14 -25.95
C GLU B 447 -1.95 -25.64 -26.02
N ALA B 448 -1.84 -25.12 -27.24
CA ALA B 448 -1.68 -23.67 -27.40
C ALA B 448 -2.87 -22.93 -26.83
N ILE B 449 -4.08 -23.43 -27.10
CA ILE B 449 -5.28 -22.80 -26.55
C ILE B 449 -5.19 -22.75 -25.04
N ALA B 450 -4.87 -23.88 -24.43
CA ALA B 450 -4.82 -23.95 -22.98
C ALA B 450 -3.78 -22.99 -22.44
N SER B 451 -2.62 -22.95 -23.06
CA SER B 451 -1.55 -22.10 -22.56
C SER B 451 -1.90 -20.63 -22.70
N TYR B 452 -2.49 -20.23 -23.82
CA TYR B 452 -2.86 -18.83 -23.99
C TYR B 452 -3.91 -18.41 -22.97
N ARG B 453 -4.90 -19.27 -22.74
CA ARG B 453 -5.87 -18.97 -21.70
C ARG B 453 -5.19 -18.87 -20.35
N THR B 454 -4.23 -19.74 -20.09
CA THR B 454 -3.47 -19.69 -18.86
C THR B 454 -2.80 -18.33 -18.69
N ALA B 455 -2.08 -17.90 -19.73
CA ALA B 455 -1.35 -16.65 -19.64
C ALA B 455 -2.29 -15.47 -19.49
N LEU B 456 -3.39 -15.47 -20.26
CA LEU B 456 -4.33 -14.36 -20.18
C LEU B 456 -4.96 -14.28 -18.80
N LYS B 457 -5.29 -15.43 -18.21
CA LYS B 457 -5.82 -15.42 -16.85
C LYS B 457 -4.76 -14.97 -15.86
N LEU B 458 -3.48 -15.14 -16.20
CA LEU B 458 -2.43 -14.60 -15.34
C LEU B 458 -2.05 -13.18 -15.75
N LYS B 459 -2.19 -12.86 -17.03
CA LYS B 459 -1.87 -11.52 -17.53
C LYS B 459 -3.09 -10.92 -18.20
N PRO B 460 -3.90 -10.16 -17.47
CA PRO B 460 -5.02 -9.48 -18.12
C PRO B 460 -4.60 -8.50 -19.19
N ASP B 461 -3.44 -7.86 -19.03
CA ASP B 461 -3.04 -6.74 -19.86
C ASP B 461 -2.32 -7.14 -21.14
N PHE B 462 -2.03 -8.41 -21.34
CA PHE B 462 -1.13 -8.79 -22.42
C PHE B 462 -1.87 -8.80 -23.76
N PRO B 463 -1.52 -7.93 -24.70
CA PRO B 463 -2.23 -7.90 -25.98
C PRO B 463 -1.81 -8.99 -26.94
N ASP B 464 -0.51 -9.29 -27.00
CA ASP B 464 0.00 -10.23 -27.99
C ASP B 464 -0.61 -11.60 -27.80
N ALA B 465 -0.68 -12.06 -26.55
CA ALA B 465 -1.34 -13.32 -26.27
C ALA B 465 -2.79 -13.27 -26.73
N TYR B 466 -3.44 -12.13 -26.51
CA TYR B 466 -4.82 -11.99 -26.97
C TYR B 466 -4.91 -12.17 -28.47
N CYS B 467 -4.00 -11.56 -29.23
CA CYS B 467 -4.08 -11.63 -30.68
C CYS B 467 -3.86 -13.06 -31.18
N ASN B 468 -2.79 -13.70 -30.72
CA ASN B 468 -2.55 -15.06 -31.18
C ASN B 468 -3.67 -16.00 -30.75
N LEU B 469 -4.16 -15.83 -29.52
CA LEU B 469 -5.27 -16.65 -29.07
C LEU B 469 -6.48 -16.44 -29.96
N ALA B 470 -6.71 -15.19 -30.38
CA ALA B 470 -7.82 -14.90 -31.26
C ALA B 470 -7.68 -15.66 -32.57
N HIS B 471 -6.49 -15.63 -33.16
CA HIS B 471 -6.31 -16.35 -34.42
C HIS B 471 -6.52 -17.84 -34.21
N CYS B 472 -6.03 -18.39 -33.11
CA CYS B 472 -6.22 -19.82 -32.87
C CYS B 472 -7.69 -20.16 -32.76
N LEU B 473 -8.44 -19.35 -32.02
CA LEU B 473 -9.88 -19.59 -31.91
C LEU B 473 -10.52 -19.56 -33.29
N GLN B 474 -10.13 -18.60 -34.12
CA GLN B 474 -10.68 -18.56 -35.46
C GLN B 474 -10.32 -19.80 -36.27
N ILE B 475 -9.18 -20.43 -35.97
CA ILE B 475 -8.90 -21.71 -36.60
C ILE B 475 -9.91 -22.76 -36.16
N VAL B 476 -10.29 -22.75 -34.89
CA VAL B 476 -11.11 -23.81 -34.33
C VAL B 476 -12.61 -23.44 -34.29
N CYS B 477 -13.01 -22.42 -35.04
CA CYS B 477 -14.43 -22.11 -35.24
C CYS B 477 -15.21 -21.80 -33.97
N ASP B 478 -14.54 -21.77 -32.82
CA ASP B 478 -15.25 -21.40 -31.60
C ASP B 478 -15.54 -19.90 -31.60
N TRP B 479 -16.74 -19.52 -32.03
CA TRP B 479 -17.09 -18.12 -32.22
C TRP B 479 -17.77 -17.50 -31.01
N THR B 480 -17.51 -18.02 -29.82
CA THR B 480 -18.03 -17.41 -28.61
C THR B 480 -17.59 -15.96 -28.53
N ASP B 481 -18.53 -15.07 -28.23
CA ASP B 481 -18.25 -13.65 -28.06
C ASP B 481 -17.60 -13.06 -29.31
N TYR B 482 -18.12 -13.46 -30.47
CA TYR B 482 -17.42 -13.23 -31.73
C TYR B 482 -17.16 -11.75 -31.99
N ASP B 483 -18.23 -10.99 -32.22
CA ASP B 483 -18.06 -9.57 -32.53
C ASP B 483 -17.37 -8.84 -31.40
N GLU B 484 -17.59 -9.27 -30.16
CA GLU B 484 -16.90 -8.69 -29.02
C GLU B 484 -15.39 -8.83 -29.20
N ARG B 485 -14.94 -10.02 -29.60
CA ARG B 485 -13.52 -10.21 -29.82
C ARG B 485 -13.00 -9.28 -30.90
N MET B 486 -13.71 -9.20 -32.04
CA MET B 486 -13.19 -8.33 -33.10
C MET B 486 -13.14 -6.88 -32.67
N LYS B 487 -14.16 -6.39 -31.97
CA LYS B 487 -14.13 -4.98 -31.60
C LYS B 487 -12.99 -4.69 -30.65
N LYS B 488 -12.80 -5.56 -29.65
CA LYS B 488 -11.71 -5.33 -28.71
C LYS B 488 -10.36 -5.36 -29.41
N LEU B 489 -10.14 -6.34 -30.29
CA LEU B 489 -8.84 -6.43 -30.94
C LEU B 489 -8.64 -5.32 -31.97
N VAL B 490 -9.72 -4.84 -32.58
CA VAL B 490 -9.61 -3.69 -33.45
C VAL B 490 -9.13 -2.48 -32.67
N SER B 491 -9.68 -2.30 -31.46
CA SER B 491 -9.17 -1.26 -30.59
C SER B 491 -7.70 -1.48 -30.28
N ILE B 492 -7.33 -2.72 -30.00
CA ILE B 492 -5.95 -3.01 -29.60
C ILE B 492 -4.98 -2.69 -30.73
N VAL B 493 -5.33 -3.07 -31.96
CA VAL B 493 -4.41 -2.82 -33.06
C VAL B 493 -4.30 -1.33 -33.34
N ALA B 494 -5.41 -0.59 -33.26
CA ALA B 494 -5.33 0.85 -33.42
C ALA B 494 -4.43 1.45 -32.36
N ASP B 495 -4.65 1.08 -31.09
CA ASP B 495 -3.86 1.60 -29.99
C ASP B 495 -2.40 1.23 -30.13
N GLN B 496 -2.13 -0.04 -30.48
CA GLN B 496 -0.75 -0.49 -30.64
C GLN B 496 -0.06 0.30 -31.73
N LEU B 497 -0.74 0.50 -32.85
CA LEU B 497 -0.14 1.21 -33.97
C LEU B 497 0.19 2.65 -33.60
N GLU B 498 -0.66 3.29 -32.79
CA GLU B 498 -0.34 4.64 -32.34
C GLU B 498 0.90 4.64 -31.45
N LYS B 499 1.16 3.54 -30.75
CA LYS B 499 2.33 3.47 -29.89
C LYS B 499 3.61 3.31 -30.70
N ASN B 500 3.49 3.41 -32.02
CA ASN B 500 4.63 3.31 -32.93
C ASN B 500 5.40 2.00 -32.76
N ARG B 501 4.68 0.90 -32.66
CA ARG B 501 5.26 -0.42 -32.55
C ARG B 501 4.68 -1.33 -33.63
N LEU B 502 5.37 -2.43 -33.90
CA LEU B 502 4.85 -3.37 -34.87
C LEU B 502 3.58 -4.01 -34.32
N PRO B 503 2.54 -4.16 -35.14
CA PRO B 503 1.28 -4.71 -34.64
C PRO B 503 1.45 -6.16 -34.23
N SER B 504 0.63 -6.58 -33.26
CA SER B 504 0.66 -7.98 -32.88
C SER B 504 0.13 -8.87 -33.99
N VAL B 505 -0.88 -8.40 -34.72
CA VAL B 505 -1.50 -9.20 -35.75
C VAL B 505 -0.53 -9.43 -36.89
N HIS B 506 -0.37 -10.67 -37.28
CA HIS B 506 0.47 -10.99 -38.43
C HIS B 506 -0.14 -10.40 -39.70
N PRO B 507 0.70 -9.95 -40.64
CA PRO B 507 0.17 -9.37 -41.87
C PRO B 507 -0.73 -10.30 -42.65
N HIS B 508 -0.42 -11.60 -42.66
CA HIS B 508 -1.28 -12.54 -43.38
C HIS B 508 -2.61 -12.70 -42.69
N HIS B 509 -2.61 -12.70 -41.36
CA HIS B 509 -3.84 -12.93 -40.62
C HIS B 509 -4.85 -11.80 -40.77
N SER B 510 -4.43 -10.67 -41.32
CA SER B 510 -5.32 -9.51 -41.31
C SER B 510 -6.60 -9.77 -42.08
N MET B 511 -6.48 -10.36 -43.26
CA MET B 511 -7.62 -10.48 -44.17
C MET B 511 -8.71 -11.38 -43.61
N LEU B 512 -8.51 -11.91 -42.41
CA LEU B 512 -9.60 -12.55 -41.69
C LEU B 512 -10.39 -11.54 -40.86
N TYR B 513 -9.76 -10.78 -40.13
CA TYR B 513 -10.52 -9.82 -39.37
C TYR B 513 -11.00 -8.69 -40.28
N PRO B 514 -12.16 -8.12 -40.01
CA PRO B 514 -12.62 -6.95 -40.77
C PRO B 514 -11.99 -5.67 -40.25
N LEU B 515 -11.09 -5.10 -41.04
CA LEU B 515 -10.40 -3.86 -40.69
C LEU B 515 -10.48 -2.88 -41.84
N SER B 516 -10.18 -1.61 -41.53
CA SER B 516 -10.15 -0.59 -42.56
C SER B 516 -8.97 -0.81 -43.49
N HIS B 517 -9.12 -0.33 -44.73
CA HIS B 517 -8.01 -0.39 -45.67
C HIS B 517 -6.78 0.31 -45.12
N GLY B 518 -6.98 1.42 -44.42
CA GLY B 518 -5.86 2.13 -43.84
C GLY B 518 -5.08 1.27 -42.86
N PHE B 519 -5.79 0.56 -41.99
CA PHE B 519 -5.12 -0.28 -41.00
C PHE B 519 -4.30 -1.37 -41.67
N ARG B 520 -4.90 -2.08 -42.63
CA ARG B 520 -4.20 -3.17 -43.26
C ARG B 520 -2.97 -2.68 -43.99
N LYS B 521 -3.11 -1.58 -44.73
CA LYS B 521 -1.94 -0.99 -45.34
C LYS B 521 -0.89 -0.70 -44.28
N ALA B 522 -1.29 0.02 -43.23
CA ALA B 522 -0.33 0.48 -42.23
C ALA B 522 0.45 -0.67 -41.64
N ILE B 523 -0.22 -1.78 -41.34
CA ILE B 523 0.48 -2.95 -40.83
C ILE B 523 1.45 -3.48 -41.87
N ALA B 524 1.04 -3.49 -43.15
CA ALA B 524 1.95 -3.94 -44.19
C ALA B 524 3.22 -3.11 -44.22
N GLU B 525 3.09 -1.77 -44.21
CA GLU B 525 4.30 -0.96 -44.15
C GLU B 525 5.06 -1.14 -42.85
N ARG B 526 4.38 -1.44 -41.74
CA ARG B 526 5.13 -1.67 -40.50
C ARG B 526 6.09 -2.83 -40.67
N HIS B 527 5.60 -3.95 -41.18
CA HIS B 527 6.48 -5.09 -41.39
C HIS B 527 7.52 -4.81 -42.49
N GLY B 528 7.10 -4.11 -43.54
CA GLY B 528 8.05 -3.82 -44.62
C GLY B 528 9.18 -2.92 -44.17
N ASN B 529 8.85 -1.84 -43.47
CA ASN B 529 9.90 -0.99 -42.95
C ASN B 529 10.73 -1.71 -41.92
N LEU B 530 10.13 -2.66 -41.19
CA LEU B 530 10.91 -3.50 -40.30
C LEU B 530 12.00 -4.25 -41.08
N CYS B 531 11.62 -4.86 -42.20
CA CYS B 531 12.59 -5.60 -43.01
C CYS B 531 13.71 -4.67 -43.47
N LEU B 532 13.35 -3.52 -44.02
CA LEU B 532 14.39 -2.61 -44.49
C LEU B 532 15.20 -2.05 -43.32
N ASP B 533 14.63 -2.05 -42.11
CA ASP B 533 15.41 -1.66 -40.94
C ASP B 533 16.55 -2.63 -40.69
N LYS B 534 16.30 -3.93 -40.83
CA LYS B 534 17.41 -4.86 -40.72
C LYS B 534 18.43 -4.62 -41.83
N ILE B 535 17.96 -4.42 -43.06
CA ILE B 535 18.90 -4.36 -44.17
C ILE B 535 19.73 -3.09 -44.12
N ASN B 536 19.19 -2.02 -43.54
CA ASN B 536 19.83 -0.71 -43.61
C ASN B 536 21.16 -0.69 -42.86
N VAL B 537 21.20 -1.28 -41.68
CA VAL B 537 22.34 -1.12 -40.78
C VAL B 537 23.60 -1.74 -41.38
N LEU B 538 23.44 -2.69 -42.30
CA LEU B 538 24.61 -3.38 -42.86
C LEU B 538 25.45 -2.46 -43.75
N HIS B 539 24.86 -1.37 -44.24
CA HIS B 539 25.57 -0.41 -45.09
C HIS B 539 26.21 -1.07 -46.30
N LYS B 540 25.53 -2.06 -46.87
CA LYS B 540 26.04 -2.68 -48.07
C LYS B 540 25.98 -1.70 -49.23
N PRO B 541 27.02 -1.64 -50.06
CA PRO B 541 27.05 -0.66 -51.15
C PRO B 541 25.92 -0.87 -52.13
N PRO B 542 25.31 0.22 -52.62
CA PRO B 542 24.24 0.07 -53.61
C PRO B 542 24.75 -0.44 -54.94
N TYR B 543 23.85 -1.03 -55.71
CA TYR B 543 24.17 -1.57 -57.02
C TYR B 543 23.90 -0.55 -58.12
N GLU B 544 24.86 -0.41 -59.03
CA GLU B 544 24.68 0.38 -60.24
C GLU B 544 24.33 -0.56 -61.39
N HIS B 545 23.17 -1.18 -61.24
CA HIS B 545 22.60 -2.12 -62.19
C HIS B 545 21.92 -1.50 -63.41
N PRO B 546 21.17 -0.40 -63.27
CA PRO B 546 20.08 -0.14 -64.22
C PRO B 546 20.57 0.21 -65.62
N LYS B 547 19.59 0.29 -66.53
CA LYS B 547 19.80 0.68 -67.92
C LYS B 547 20.79 -0.25 -68.61
N ASP B 548 20.43 -1.53 -68.65
CA ASP B 548 21.18 -2.55 -69.38
C ASP B 548 20.23 -3.26 -70.35
N LEU B 549 20.02 -2.63 -71.51
CA LEU B 549 19.22 -3.20 -72.58
C LEU B 549 19.96 -3.26 -73.90
N LYS B 550 21.15 -2.66 -73.98
CA LYS B 550 21.94 -2.64 -75.20
C LYS B 550 22.87 -3.85 -75.26
N LEU B 551 23.71 -4.01 -74.22
CA LEU B 551 24.50 -5.23 -74.12
C LEU B 551 23.62 -6.45 -73.92
N SER B 552 22.40 -6.25 -73.42
CA SER B 552 21.42 -7.33 -73.37
C SER B 552 21.05 -7.83 -74.75
N ASP B 553 21.34 -7.06 -75.79
CA ASP B 553 21.11 -7.48 -77.18
C ASP B 553 19.64 -7.76 -77.44
N GLY B 554 18.77 -6.99 -76.77
CA GLY B 554 17.35 -7.06 -77.02
C GLY B 554 16.61 -8.14 -76.30
N ARG B 555 17.29 -8.99 -75.54
CA ARG B 555 16.65 -10.04 -74.76
C ARG B 555 16.61 -9.61 -73.29
N LEU B 556 15.45 -9.71 -72.68
CA LEU B 556 15.29 -9.27 -71.31
C LEU B 556 15.60 -10.43 -70.35
N ARG B 557 15.71 -10.10 -69.08
CA ARG B 557 16.01 -11.07 -68.04
C ARG B 557 14.93 -10.99 -66.98
N VAL B 558 14.38 -12.14 -66.61
CA VAL B 558 13.29 -12.23 -65.64
C VAL B 558 13.72 -13.17 -64.51
N GLY B 559 13.42 -12.78 -63.30
CA GLY B 559 13.80 -13.56 -62.13
C GLY B 559 12.62 -13.89 -61.26
N TYR B 560 12.57 -15.14 -60.80
CA TYR B 560 11.55 -15.62 -59.89
C TYR B 560 12.22 -16.20 -58.65
N VAL B 561 11.68 -15.89 -57.49
CA VAL B 561 12.14 -16.50 -56.25
C VAL B 561 10.96 -17.19 -55.59
N SER B 562 11.26 -18.27 -54.90
CA SER B 562 10.20 -19.06 -54.28
C SER B 562 10.81 -20.02 -53.27
N SER B 563 10.35 -19.94 -52.04
CA SER B 563 10.57 -21.03 -51.10
C SER B 563 9.55 -22.14 -51.29
N ASP B 564 8.93 -22.22 -52.47
CA ASP B 564 7.91 -23.21 -52.74
C ASP B 564 8.04 -23.81 -54.14
N PHE B 565 9.20 -23.72 -54.77
CA PHE B 565 9.51 -24.62 -55.88
C PHE B 565 9.52 -26.05 -55.37
N GLY B 566 8.61 -26.87 -55.89
CA GLY B 566 8.51 -28.25 -55.46
C GLY B 566 7.08 -28.71 -55.35
N ASN B 567 6.74 -29.41 -54.26
CA ASN B 567 5.37 -29.86 -54.05
C ASN B 567 4.66 -28.82 -53.20
N HIS B 568 4.05 -27.84 -53.86
CA HIS B 568 3.30 -26.81 -53.15
C HIS B 568 2.27 -26.21 -54.09
N PRO B 569 1.12 -25.79 -53.58
CA PRO B 569 0.07 -25.27 -54.46
C PRO B 569 0.56 -24.20 -55.42
N THR B 570 1.41 -23.29 -54.95
CA THR B 570 1.98 -22.28 -55.83
C THR B 570 2.69 -22.94 -56.99
N SER B 571 3.55 -23.91 -56.71
CA SER B 571 4.17 -24.68 -57.79
C SER B 571 3.12 -25.39 -58.61
N HIS B 572 2.14 -26.00 -57.95
CA HIS B 572 1.04 -26.67 -58.63
C HIS B 572 0.28 -25.73 -59.55
N LEU B 573 0.59 -24.44 -59.49
CA LEU B 573 -0.15 -23.44 -60.22
C LEU B 573 0.67 -22.77 -61.31
N MET B 574 1.95 -22.54 -61.07
CA MET B 574 2.80 -21.85 -62.02
C MET B 574 3.80 -22.76 -62.72
N GLN B 575 3.69 -24.07 -62.50
CA GLN B 575 4.80 -24.97 -62.83
C GLN B 575 5.19 -24.90 -64.30
N SER B 576 4.22 -24.75 -65.19
CA SER B 576 4.52 -24.85 -66.61
C SER B 576 4.89 -23.52 -67.25
N ILE B 577 4.87 -22.42 -66.49
CA ILE B 577 5.11 -21.11 -67.09
C ILE B 577 6.46 -21.02 -67.79
N PRO B 578 7.57 -21.49 -67.21
CA PRO B 578 8.84 -21.41 -67.94
C PRO B 578 8.84 -22.17 -69.25
N GLY B 579 7.89 -23.09 -69.44
CA GLY B 579 7.90 -23.95 -70.61
C GLY B 579 7.79 -23.22 -71.94
N MET B 580 7.05 -22.12 -71.98
CA MET B 580 6.84 -21.40 -73.24
C MET B 580 7.30 -19.95 -73.18
N HIS B 581 8.22 -19.64 -72.26
CA HIS B 581 8.81 -18.30 -72.25
C HIS B 581 9.63 -18.09 -73.52
N ASN B 582 9.51 -16.90 -74.11
CA ASN B 582 10.21 -16.61 -75.35
C ASN B 582 11.68 -16.33 -75.08
N PRO B 583 12.60 -17.13 -75.63
CA PRO B 583 14.02 -16.86 -75.41
C PRO B 583 14.55 -15.68 -76.20
N ASP B 584 13.82 -15.24 -77.23
CA ASP B 584 14.35 -14.23 -78.15
C ASP B 584 14.56 -12.90 -77.44
N LYS B 585 13.53 -12.41 -76.76
CA LYS B 585 13.59 -11.12 -76.10
C LYS B 585 13.52 -11.25 -74.59
N PHE B 586 13.62 -12.46 -74.06
CA PHE B 586 13.54 -12.70 -72.63
C PHE B 586 14.38 -13.92 -72.30
N GLU B 587 15.07 -13.88 -71.16
CA GLU B 587 15.76 -15.05 -70.64
C GLU B 587 15.37 -15.22 -69.18
N VAL B 588 15.04 -16.45 -68.80
CA VAL B 588 14.44 -16.73 -67.50
C VAL B 588 15.52 -17.26 -66.57
N PHE B 589 15.38 -16.92 -65.29
CA PHE B 589 16.33 -17.36 -64.26
C PHE B 589 15.51 -17.85 -63.07
N CYS B 590 15.74 -19.08 -62.65
CA CYS B 590 15.06 -19.63 -61.49
C CYS B 590 15.94 -19.55 -60.26
N TYR B 591 15.32 -19.34 -59.10
CA TYR B 591 16.05 -19.16 -57.84
C TYR B 591 15.25 -19.85 -56.74
N ALA B 592 15.59 -21.10 -56.47
CA ALA B 592 14.89 -21.88 -55.44
C ALA B 592 15.47 -21.52 -54.08
N LEU B 593 14.68 -20.79 -53.29
CA LEU B 593 15.13 -20.45 -51.94
C LEU B 593 15.27 -21.69 -51.07
N SER B 594 14.30 -22.60 -51.17
CA SER B 594 14.29 -23.77 -50.31
C SER B 594 15.25 -24.83 -50.82
N PRO B 595 15.74 -25.69 -49.94
CA PRO B 595 16.55 -26.83 -50.38
C PRO B 595 15.71 -27.78 -51.21
N ASP B 596 16.38 -28.49 -52.11
CA ASP B 596 15.67 -29.40 -53.00
C ASP B 596 15.06 -30.55 -52.22
N ASP B 597 13.96 -31.07 -52.77
CA ASP B 597 13.34 -32.27 -52.21
C ASP B 597 13.04 -33.30 -53.30
N GLY B 598 13.64 -33.16 -54.48
CA GLY B 598 13.49 -34.16 -55.51
C GLY B 598 12.08 -34.33 -56.02
N THR B 599 11.29 -33.27 -56.03
CA THR B 599 9.96 -33.36 -56.60
C THR B 599 10.04 -33.38 -58.12
N ASN B 600 9.17 -34.17 -58.74
CA ASN B 600 9.05 -34.12 -60.19
C ASN B 600 8.74 -32.72 -60.67
N PHE B 601 8.01 -31.95 -59.86
CA PHE B 601 7.84 -30.53 -60.13
C PHE B 601 9.19 -29.86 -60.31
N ARG B 602 10.03 -29.92 -59.26
CA ARG B 602 11.35 -29.32 -59.34
C ARG B 602 12.14 -29.91 -60.50
N VAL B 603 11.95 -31.20 -60.77
CA VAL B 603 12.62 -31.84 -61.90
C VAL B 603 12.30 -31.09 -63.18
N LYS B 604 11.01 -30.83 -63.40
CA LYS B 604 10.61 -30.04 -64.57
C LYS B 604 11.20 -28.63 -64.48
N VAL B 605 11.25 -28.09 -63.26
CA VAL B 605 11.69 -26.70 -63.08
C VAL B 605 13.07 -26.50 -63.67
N MET B 606 14.03 -27.34 -63.31
CA MET B 606 15.31 -27.15 -63.98
C MET B 606 15.35 -27.85 -65.33
N ALA B 607 14.34 -28.65 -65.67
CA ALA B 607 14.32 -29.28 -66.98
C ALA B 607 14.22 -28.24 -68.08
N GLU B 608 13.26 -27.33 -67.97
CA GLU B 608 13.07 -26.31 -69.01
C GLU B 608 13.60 -24.94 -68.60
N ALA B 609 14.34 -24.86 -67.50
CA ALA B 609 14.88 -23.57 -67.07
C ALA B 609 16.00 -23.12 -68.00
N ASN B 610 15.95 -21.84 -68.39
CA ASN B 610 17.11 -21.24 -69.03
C ASN B 610 18.28 -21.18 -68.08
N HIS B 611 18.03 -20.81 -66.82
CA HIS B 611 19.07 -20.75 -65.80
C HIS B 611 18.41 -21.12 -64.47
N PHE B 612 18.66 -22.33 -64.00
CA PHE B 612 18.24 -22.72 -62.66
C PHE B 612 19.36 -22.41 -61.69
N ILE B 613 19.03 -21.72 -60.60
CA ILE B 613 20.01 -21.30 -59.62
C ILE B 613 19.49 -21.68 -58.24
N ASP B 614 20.32 -22.34 -57.45
CA ASP B 614 19.96 -22.68 -56.09
C ASP B 614 20.52 -21.64 -55.13
N LEU B 615 19.81 -21.44 -54.02
CA LEU B 615 20.24 -20.49 -53.01
C LEU B 615 20.25 -21.08 -51.61
N SER B 616 19.80 -22.33 -51.44
CA SER B 616 19.86 -22.97 -50.13
C SER B 616 21.29 -23.12 -49.65
N GLN B 617 22.26 -23.08 -50.55
CA GLN B 617 23.67 -23.06 -50.18
C GLN B 617 24.15 -21.67 -49.82
N ILE B 618 23.30 -20.65 -49.98
CA ILE B 618 23.70 -19.26 -49.76
C ILE B 618 22.89 -18.69 -48.60
N PRO B 619 23.39 -18.78 -47.37
CA PRO B 619 22.76 -18.01 -46.29
C PRO B 619 23.06 -16.54 -46.38
N CYS B 620 24.12 -16.17 -47.08
CA CYS B 620 24.51 -14.77 -47.19
C CYS B 620 23.49 -13.99 -48.01
N ASN B 621 22.88 -12.99 -47.38
CA ASN B 621 22.07 -12.05 -48.14
C ASN B 621 22.94 -11.29 -49.14
N GLY B 622 24.14 -10.91 -48.72
CA GLY B 622 25.00 -10.11 -49.57
C GLY B 622 25.30 -10.78 -50.89
N LYS B 623 26.05 -11.88 -50.87
CA LYS B 623 26.54 -12.46 -52.11
C LYS B 623 25.37 -12.92 -52.99
N ALA B 624 24.24 -13.27 -52.39
CA ALA B 624 23.07 -13.58 -53.19
C ALA B 624 22.59 -12.35 -53.96
N ALA B 625 22.43 -11.22 -53.26
CA ALA B 625 22.01 -10.00 -53.92
C ALA B 625 23.05 -9.56 -54.96
N ASP B 626 24.33 -9.68 -54.61
CA ASP B 626 25.38 -9.36 -55.57
C ASP B 626 25.28 -10.25 -56.79
N ARG B 627 25.09 -11.55 -56.58
CA ARG B 627 24.94 -12.48 -57.69
C ARG B 627 23.83 -12.04 -58.62
N ILE B 628 22.71 -11.59 -58.04
CA ILE B 628 21.66 -10.99 -58.85
C ILE B 628 22.18 -9.78 -59.60
N HIS B 629 23.01 -8.97 -58.94
CA HIS B 629 23.53 -7.77 -59.59
C HIS B 629 24.36 -8.11 -60.82
N GLN B 630 25.24 -9.12 -60.71
CA GLN B 630 26.00 -9.51 -61.90
C GLN B 630 25.07 -10.11 -62.95
N ASP B 631 24.05 -10.85 -62.51
CA ASP B 631 23.09 -11.37 -63.46
C ASP B 631 22.36 -10.24 -64.18
N GLY B 632 22.24 -9.08 -63.56
CA GLY B 632 21.65 -7.92 -64.21
C GLY B 632 20.23 -8.13 -64.67
N ILE B 633 19.43 -8.83 -63.88
CA ILE B 633 18.08 -9.18 -64.29
C ILE B 633 17.23 -7.91 -64.35
N HIS B 634 16.61 -7.68 -65.52
CA HIS B 634 15.79 -6.49 -65.69
C HIS B 634 14.53 -6.55 -64.84
N ILE B 635 13.83 -7.67 -64.87
CA ILE B 635 12.55 -7.81 -64.18
C ILE B 635 12.68 -8.90 -63.12
N LEU B 636 12.31 -8.56 -61.89
CA LEU B 636 12.37 -9.49 -60.79
C LEU B 636 10.96 -9.63 -60.20
N VAL B 637 10.54 -10.88 -60.04
CA VAL B 637 9.16 -11.19 -59.65
C VAL B 637 9.19 -12.09 -58.43
N ASN B 638 8.33 -11.81 -57.47
CA ASN B 638 8.25 -12.58 -56.24
C ASN B 638 7.03 -13.48 -56.23
N MET B 639 7.20 -14.64 -55.60
CA MET B 639 6.07 -15.50 -55.27
C MET B 639 5.71 -15.46 -53.79
N ASN B 640 6.68 -15.23 -52.91
CA ASN B 640 6.42 -15.49 -51.50
C ASN B 640 5.68 -14.34 -50.82
N GLY B 641 6.32 -13.18 -50.75
CA GLY B 641 5.76 -12.16 -49.91
C GLY B 641 5.78 -12.63 -48.45
N TYR B 642 5.07 -11.89 -47.61
CA TYR B 642 5.00 -12.29 -46.22
C TYR B 642 4.21 -13.58 -46.12
N THR B 643 4.92 -14.69 -45.99
CA THR B 643 4.32 -16.00 -45.75
C THR B 643 5.27 -16.74 -44.83
N LYS B 644 4.91 -17.98 -44.52
CA LYS B 644 5.82 -18.84 -43.80
C LYS B 644 6.99 -19.22 -44.71
N GLY B 645 8.21 -19.05 -44.21
CA GLY B 645 9.37 -19.45 -44.98
C GLY B 645 9.64 -18.59 -46.19
N ALA B 646 10.08 -17.35 -45.96
CA ALA B 646 10.51 -16.48 -47.04
C ALA B 646 11.57 -15.53 -46.50
N ARG B 647 12.34 -14.95 -47.41
CA ARG B 647 13.36 -13.97 -47.04
C ARG B 647 13.23 -12.78 -48.00
N ASN B 648 12.39 -11.83 -47.63
CA ASN B 648 12.08 -10.70 -48.50
C ASN B 648 13.16 -9.65 -48.51
N GLU B 649 14.04 -9.64 -47.49
CA GLU B 649 15.11 -8.64 -47.45
C GLU B 649 15.94 -8.70 -48.71
N LEU B 650 16.06 -9.89 -49.30
CA LEU B 650 16.72 -10.05 -50.59
C LEU B 650 16.13 -9.10 -51.62
N PHE B 651 14.82 -8.87 -51.52
CA PHE B 651 14.22 -7.85 -52.36
C PHE B 651 14.28 -6.46 -51.73
N ALA B 652 14.42 -6.38 -50.41
CA ALA B 652 14.50 -5.08 -49.76
C ALA B 652 15.72 -4.30 -50.22
N LEU B 653 16.80 -5.00 -50.57
CA LEU B 653 17.97 -4.31 -51.08
C LEU B 653 17.79 -3.79 -52.50
N ARG B 654 16.66 -4.11 -53.13
CA ARG B 654 16.33 -3.76 -54.52
C ARG B 654 17.55 -3.83 -55.45
N PRO B 655 18.15 -5.00 -55.61
CA PRO B 655 19.25 -5.10 -56.59
C PRO B 655 18.78 -4.85 -58.01
N ALA B 656 17.79 -5.61 -58.47
CA ALA B 656 17.31 -5.45 -59.83
C ALA B 656 16.56 -4.13 -59.98
N PRO B 657 16.51 -3.58 -61.20
CA PRO B 657 15.80 -2.31 -61.40
C PRO B 657 14.32 -2.36 -61.08
N ILE B 658 13.64 -3.47 -61.32
CA ILE B 658 12.20 -3.56 -61.12
C ILE B 658 11.87 -4.84 -60.34
N GLN B 659 11.06 -4.70 -59.29
CA GLN B 659 10.64 -5.80 -58.45
C GLN B 659 9.12 -5.76 -58.28
N ALA B 660 8.46 -6.90 -58.44
CA ALA B 660 7.01 -6.93 -58.53
C ALA B 660 6.43 -8.04 -57.65
N MET B 661 5.20 -7.82 -57.19
CA MET B 661 4.37 -8.85 -56.58
C MET B 661 3.53 -9.54 -57.63
N TRP B 662 3.38 -10.85 -57.48
CA TRP B 662 2.55 -11.60 -58.42
C TRP B 662 2.26 -12.99 -57.89
N LEU B 663 1.00 -13.40 -58.04
CA LEU B 663 0.56 -14.75 -57.74
C LEU B 663 0.89 -15.13 -56.30
N GLY B 664 0.77 -14.17 -55.41
CA GLY B 664 1.00 -14.40 -54.00
C GLY B 664 -0.23 -13.99 -53.22
N TYR B 665 -0.12 -13.98 -51.90
CA TYR B 665 -1.24 -13.53 -51.11
C TYR B 665 -1.58 -12.09 -51.46
N PRO B 666 -2.85 -11.78 -51.57
CA PRO B 666 -3.29 -10.41 -51.86
C PRO B 666 -2.97 -9.52 -50.67
N GLY B 667 -2.98 -8.22 -50.93
CA GLY B 667 -2.60 -7.24 -49.94
C GLY B 667 -1.16 -6.83 -50.15
N THR B 668 -0.96 -5.66 -50.73
CA THR B 668 0.39 -5.23 -51.06
C THR B 668 1.23 -5.06 -49.81
N SER B 669 2.51 -5.39 -49.94
CA SER B 669 3.40 -5.39 -48.79
C SER B 669 3.58 -4.01 -48.19
N GLY B 670 3.25 -2.96 -48.95
CA GLY B 670 3.59 -1.62 -48.52
C GLY B 670 5.09 -1.41 -48.39
N ALA B 671 5.86 -2.08 -49.24
CA ALA B 671 7.32 -1.97 -49.15
C ALA B 671 7.85 -0.67 -49.69
N LEU B 672 7.14 -0.04 -50.62
CA LEU B 672 7.52 1.23 -51.23
C LEU B 672 8.68 1.05 -52.19
N PHE B 673 9.27 -0.15 -52.22
CA PHE B 673 10.21 -0.51 -53.26
C PHE B 673 9.67 -1.61 -54.16
N MET B 674 8.51 -2.16 -53.84
CA MET B 674 7.79 -2.93 -54.83
C MET B 674 7.24 -2.00 -55.90
N ASP B 675 7.03 -2.55 -57.09
CA ASP B 675 6.78 -1.72 -58.25
C ASP B 675 5.42 -1.97 -58.89
N TYR B 676 5.07 -3.22 -59.19
CA TYR B 676 3.85 -3.51 -59.94
C TYR B 676 3.16 -4.73 -59.35
N ILE B 677 1.91 -4.53 -58.92
CA ILE B 677 1.01 -5.66 -58.67
C ILE B 677 0.54 -6.20 -60.01
N ILE B 678 -0.17 -7.31 -59.98
CA ILE B 678 -0.80 -7.86 -61.17
C ILE B 678 -2.29 -8.01 -60.88
N THR B 679 -3.12 -7.59 -61.81
CA THR B 679 -4.58 -7.73 -61.68
C THR B 679 -5.20 -7.53 -63.06
N ASP B 680 -6.52 -7.36 -63.09
CA ASP B 680 -7.24 -7.10 -64.33
C ASP B 680 -7.96 -5.76 -64.22
N GLN B 681 -8.80 -5.48 -65.21
CA GLN B 681 -9.59 -4.26 -65.19
C GLN B 681 -10.56 -4.24 -64.00
N GLU B 682 -11.17 -5.38 -63.69
CA GLU B 682 -12.30 -5.34 -62.77
C GLU B 682 -11.97 -5.75 -61.34
N THR B 683 -11.07 -6.70 -61.14
CA THR B 683 -10.82 -7.19 -59.79
C THR B 683 -10.30 -6.08 -58.89
N SER B 684 -9.38 -5.26 -59.41
CA SER B 684 -8.77 -4.18 -58.67
C SER B 684 -8.99 -2.91 -59.47
N PRO B 685 -10.18 -2.32 -59.39
CA PRO B 685 -10.42 -1.05 -60.06
C PRO B 685 -9.73 0.09 -59.33
N ALA B 686 -9.65 1.23 -60.01
CA ALA B 686 -8.84 2.35 -59.53
C ALA B 686 -9.36 2.95 -58.23
N GLU B 687 -10.59 2.62 -57.83
CA GLU B 687 -11.16 3.23 -56.63
C GLU B 687 -10.33 2.89 -55.40
N VAL B 688 -9.89 1.63 -55.28
CA VAL B 688 -9.20 1.17 -54.09
C VAL B 688 -7.70 1.40 -54.19
N ALA B 689 -7.24 2.11 -55.22
CA ALA B 689 -5.81 2.30 -55.40
C ALA B 689 -5.19 3.16 -54.30
N GLU B 690 -5.99 3.64 -53.35
CA GLU B 690 -5.46 4.43 -52.25
C GLU B 690 -4.75 3.60 -51.20
N GLN B 691 -5.03 2.30 -51.11
CA GLN B 691 -4.50 1.48 -50.02
C GLN B 691 -3.38 0.55 -50.48
N TYR B 692 -2.89 0.70 -51.71
CA TYR B 692 -1.82 -0.13 -52.21
C TYR B 692 -0.61 0.77 -52.47
N SER B 693 0.49 0.48 -51.78
CA SER B 693 1.64 1.37 -51.83
C SER B 693 2.18 1.50 -53.24
N GLU B 694 2.14 0.42 -54.00
CA GLU B 694 2.73 0.35 -55.32
C GLU B 694 1.66 0.26 -56.40
N LYS B 695 2.12 0.18 -57.65
CA LYS B 695 1.29 0.42 -58.82
C LYS B 695 0.48 -0.80 -59.22
N LEU B 696 -0.18 -0.68 -60.37
CA LEU B 696 -1.14 -1.64 -60.87
C LEU B 696 -0.74 -2.09 -62.27
N ALA B 697 -1.08 -3.33 -62.60
CA ALA B 697 -0.90 -3.88 -63.94
C ALA B 697 -2.15 -4.69 -64.27
N TYR B 698 -2.72 -4.44 -65.45
CA TYR B 698 -4.01 -4.99 -65.79
C TYR B 698 -3.88 -6.12 -66.81
N MET B 699 -4.55 -7.21 -66.54
CA MET B 699 -4.68 -8.33 -67.44
C MET B 699 -5.88 -8.16 -68.35
N PRO B 700 -5.83 -8.74 -69.55
CA PRO B 700 -7.02 -8.75 -70.41
C PRO B 700 -8.22 -9.41 -69.74
N HIS B 701 -7.99 -10.48 -69.00
CA HIS B 701 -9.06 -11.21 -68.34
C HIS B 701 -8.89 -11.27 -66.84
N THR B 702 -7.76 -11.78 -66.34
CA THR B 702 -7.56 -11.97 -64.92
C THR B 702 -6.09 -12.25 -64.66
N PHE B 703 -5.68 -12.05 -63.42
CA PHE B 703 -4.30 -12.29 -63.06
C PHE B 703 -4.07 -13.70 -62.54
N PHE B 704 -5.13 -14.48 -62.39
CA PHE B 704 -5.02 -15.79 -61.76
C PHE B 704 -5.15 -16.81 -62.87
N ILE B 705 -4.06 -17.52 -63.15
CA ILE B 705 -3.93 -18.35 -64.34
C ILE B 705 -4.11 -19.82 -63.99
N GLY B 706 -4.87 -20.54 -64.81
CA GLY B 706 -5.09 -21.94 -64.56
C GLY B 706 -3.88 -22.79 -64.88
N ASP B 707 -3.83 -23.96 -64.24
CA ASP B 707 -2.73 -24.91 -64.40
C ASP B 707 -3.16 -26.35 -64.57
N HIS B 708 -4.43 -26.69 -64.32
CA HIS B 708 -4.84 -28.09 -64.21
C HIS B 708 -4.72 -28.82 -65.53
N ALA B 709 -5.11 -28.17 -66.64
CA ALA B 709 -5.14 -28.83 -67.92
C ALA B 709 -3.78 -29.42 -68.28
N ASN B 710 -2.70 -28.78 -67.83
CA ASN B 710 -1.38 -29.34 -68.08
C ASN B 710 -1.20 -30.66 -67.33
N MET B 711 -1.54 -30.68 -66.05
CA MET B 711 -1.29 -31.86 -65.23
C MET B 711 -2.44 -32.86 -65.24
N PHE B 712 -3.66 -32.41 -65.48
CA PHE B 712 -4.81 -33.31 -65.56
C PHE B 712 -5.64 -32.99 -66.80
N PRO B 713 -5.12 -33.30 -67.98
CA PRO B 713 -5.96 -33.29 -69.18
C PRO B 713 -6.77 -34.57 -69.34
N HIS B 714 -6.57 -35.56 -68.47
CA HIS B 714 -7.32 -36.80 -68.59
C HIS B 714 -8.80 -36.61 -68.30
N LEU B 715 -9.13 -35.66 -67.45
CA LEU B 715 -10.54 -35.43 -67.16
C LEU B 715 -11.23 -34.65 -68.23
N LYS B 716 -10.60 -34.49 -69.39
CA LYS B 716 -11.25 -33.83 -70.51
C LYS B 716 -12.51 -34.55 -70.95
N LYS B 717 -12.61 -35.84 -70.65
CA LYS B 717 -13.78 -36.63 -70.99
C LYS B 717 -14.15 -37.49 -69.79
N LYS B 718 -15.42 -37.85 -69.70
CA LYS B 718 -15.96 -38.53 -68.54
C LYS B 718 -16.85 -39.68 -68.99
N ALA B 719 -17.47 -40.35 -68.01
CA ALA B 719 -18.48 -41.36 -68.27
C ALA B 719 -19.28 -41.55 -66.98
N VAL B 720 -20.57 -41.81 -67.14
CA VAL B 720 -21.49 -41.93 -66.02
C VAL B 720 -22.26 -43.23 -66.13
N ILE B 721 -22.46 -43.90 -65.00
CA ILE B 721 -23.22 -45.16 -64.97
C ILE B 721 -24.70 -44.83 -64.82
N ASP B 722 -25.55 -45.82 -65.08
CA ASP B 722 -26.98 -45.63 -64.88
C ASP B 722 -27.31 -45.51 -63.40
N PHE B 723 -28.31 -44.70 -63.10
CA PHE B 723 -28.79 -44.48 -61.74
C PHE B 723 -29.70 -45.63 -61.32
N LYS B 724 -30.12 -45.60 -60.06
CA LYS B 724 -31.11 -46.57 -59.59
C LYS B 724 -32.40 -46.46 -60.41
N SER B 725 -32.85 -45.25 -60.67
CA SER B 725 -33.98 -45.03 -61.55
C SER B 725 -33.51 -44.83 -62.99
N ASN B 726 -34.43 -45.03 -63.92
CA ASN B 726 -34.15 -44.93 -65.35
C ASN B 726 -35.10 -43.94 -65.98
N GLY B 727 -34.78 -43.54 -67.21
CA GLY B 727 -35.53 -42.55 -67.95
C GLY B 727 -35.02 -41.14 -67.74
N HIS B 728 -34.77 -40.77 -66.49
CA HIS B 728 -34.18 -39.48 -66.15
C HIS B 728 -32.66 -39.59 -66.10
N ILE B 729 -32.00 -38.46 -66.27
CA ILE B 729 -30.55 -38.39 -66.33
C ILE B 729 -30.00 -38.07 -64.95
N TYR B 730 -28.98 -38.81 -64.52
CA TYR B 730 -28.36 -38.62 -63.21
C TYR B 730 -26.85 -38.78 -63.39
N ASP B 731 -26.19 -37.67 -63.74
CA ASP B 731 -24.75 -37.73 -63.98
C ASP B 731 -23.97 -37.76 -62.68
N ASN B 732 -24.47 -37.11 -61.63
CA ASN B 732 -23.68 -36.76 -60.46
C ASN B 732 -23.90 -37.71 -59.29
N ARG B 733 -24.09 -39.00 -59.55
CA ARG B 733 -24.12 -39.98 -58.48
C ARG B 733 -22.96 -40.97 -58.55
N ILE B 734 -22.80 -41.65 -59.68
CA ILE B 734 -21.69 -42.56 -59.92
C ILE B 734 -21.20 -42.36 -61.35
N VAL B 735 -19.90 -42.11 -61.50
CA VAL B 735 -19.33 -41.76 -62.80
C VAL B 735 -18.15 -42.68 -63.08
N LEU B 736 -17.64 -42.55 -64.30
CA LEU B 736 -16.46 -43.28 -64.75
C LEU B 736 -15.49 -42.31 -65.39
N ASN B 737 -14.21 -42.46 -65.05
CA ASN B 737 -13.14 -41.70 -65.66
C ASN B 737 -11.93 -42.61 -65.86
N GLY B 738 -10.94 -42.09 -66.59
CA GLY B 738 -9.75 -42.84 -66.90
C GLY B 738 -9.08 -42.33 -68.16
N ILE B 739 -7.75 -42.39 -68.21
CA ILE B 739 -7.01 -41.92 -69.38
C ILE B 739 -7.41 -42.69 -70.62
N ASP B 740 -7.92 -43.91 -70.43
CA ASP B 740 -8.33 -44.78 -71.51
C ASP B 740 -9.82 -45.09 -71.48
N LEU B 741 -10.63 -44.22 -70.89
CA LEU B 741 -12.08 -44.48 -70.86
C LEU B 741 -12.65 -44.49 -72.27
N LYS B 742 -12.16 -43.62 -73.14
CA LYS B 742 -12.59 -43.63 -74.54
C LYS B 742 -12.15 -44.93 -75.22
N ALA B 743 -10.96 -45.42 -74.89
CA ALA B 743 -10.47 -46.68 -75.42
C ALA B 743 -11.26 -47.84 -74.83
N PHE B 744 -12.01 -47.58 -73.77
CA PHE B 744 -12.92 -48.57 -73.21
C PHE B 744 -14.33 -48.48 -73.78
N LEU B 745 -14.71 -47.32 -74.31
CA LEU B 745 -16.07 -47.15 -74.82
C LEU B 745 -16.34 -48.11 -75.97
N ASP B 746 -15.39 -48.25 -76.89
CA ASP B 746 -15.57 -49.14 -78.03
C ASP B 746 -15.75 -50.58 -77.56
N SER B 747 -15.09 -50.96 -76.47
CA SER B 747 -15.24 -52.30 -75.91
C SER B 747 -16.67 -52.58 -75.46
N LEU B 748 -17.42 -51.54 -75.11
CA LEU B 748 -18.79 -51.73 -74.68
C LEU B 748 -19.65 -52.26 -75.83
N PRO B 749 -20.46 -53.28 -75.61
CA PRO B 749 -21.33 -53.79 -76.69
C PRO B 749 -22.32 -52.74 -77.16
N ASP B 750 -23.11 -52.20 -76.23
CA ASP B 750 -24.11 -51.19 -76.58
C ASP B 750 -24.49 -50.46 -75.30
N VAL B 751 -24.16 -49.17 -75.24
CA VAL B 751 -24.58 -48.29 -74.15
C VAL B 751 -25.12 -47.01 -74.75
N LYS B 752 -25.92 -46.31 -73.95
CA LYS B 752 -26.56 -45.09 -74.41
C LYS B 752 -25.60 -43.91 -74.32
N ILE B 753 -25.58 -43.08 -75.35
CA ILE B 753 -24.77 -41.88 -75.39
C ILE B 753 -25.71 -40.71 -75.68
N VAL B 754 -26.17 -40.04 -74.64
CA VAL B 754 -27.11 -38.94 -74.78
C VAL B 754 -26.34 -37.64 -74.90
N LYS B 755 -26.79 -36.76 -75.80
CA LYS B 755 -26.17 -35.44 -75.93
C LYS B 755 -26.57 -34.56 -74.76
N MET B 756 -25.79 -34.59 -73.69
CA MET B 756 -26.03 -33.67 -72.58
C MET B 756 -25.91 -32.23 -73.07
N LYS B 757 -26.87 -31.39 -72.71
CA LYS B 757 -26.98 -30.05 -73.27
C LYS B 757 -26.91 -29.01 -72.18
N CYS B 758 -26.04 -28.03 -72.37
CA CYS B 758 -26.12 -26.74 -71.72
C CYS B 758 -27.24 -25.97 -72.40
N PRO B 759 -27.51 -24.71 -72.00
CA PRO B 759 -28.45 -23.93 -72.82
C PRO B 759 -27.88 -23.73 -74.20
N ASP B 760 -28.45 -24.43 -75.18
CA ASP B 760 -27.91 -24.44 -76.54
C ASP B 760 -28.89 -23.83 -77.54
N GLY B 761 -30.10 -24.36 -77.65
CA GLY B 761 -31.03 -23.90 -78.65
C GLY B 761 -30.81 -24.50 -80.03
N GLY B 762 -29.79 -25.34 -80.22
CA GLY B 762 -29.57 -26.01 -81.48
C GLY B 762 -28.40 -25.51 -82.30
N ASP B 763 -27.61 -24.57 -81.79
CA ASP B 763 -26.45 -24.06 -82.52
C ASP B 763 -25.17 -24.42 -81.77
N ASN B 764 -24.13 -24.78 -82.54
CA ASN B 764 -22.81 -25.16 -82.06
C ASN B 764 -22.82 -26.47 -81.29
N ALA B 765 -23.99 -27.09 -81.10
CA ALA B 765 -24.05 -28.40 -80.46
C ALA B 765 -24.00 -29.52 -81.48
N ASP B 766 -24.04 -29.19 -82.76
CA ASP B 766 -24.00 -30.18 -83.85
C ASP B 766 -22.57 -30.45 -84.30
N SER B 767 -21.70 -30.73 -83.34
CA SER B 767 -20.33 -31.14 -83.61
C SER B 767 -20.23 -32.64 -83.41
N SER B 768 -19.00 -33.16 -83.46
CA SER B 768 -18.79 -34.56 -83.08
C SER B 768 -19.25 -34.80 -81.65
N ASN B 769 -19.14 -33.79 -80.80
CA ASN B 769 -19.68 -33.81 -79.44
C ASN B 769 -19.15 -35.00 -78.63
N THR B 770 -17.87 -35.30 -78.81
CA THR B 770 -17.25 -36.35 -78.01
C THR B 770 -17.27 -36.00 -76.53
N ALA B 771 -16.89 -34.76 -76.21
CA ALA B 771 -16.97 -34.28 -74.83
C ALA B 771 -18.30 -33.64 -74.51
N LEU B 772 -19.21 -33.53 -75.49
CA LEU B 772 -20.52 -32.93 -75.28
C LEU B 772 -21.65 -33.95 -75.17
N ASN B 773 -21.38 -35.23 -75.37
CA ASN B 773 -22.38 -36.28 -75.21
C ASN B 773 -22.03 -37.09 -73.97
N MET B 774 -22.95 -37.11 -73.02
CA MET B 774 -22.71 -37.83 -71.76
C MET B 774 -22.86 -39.33 -71.99
N PRO B 775 -21.83 -40.12 -71.69
CA PRO B 775 -21.94 -41.57 -71.85
C PRO B 775 -22.67 -42.18 -70.66
N VAL B 776 -23.93 -42.54 -70.86
CA VAL B 776 -24.75 -43.15 -69.82
C VAL B 776 -24.84 -44.64 -70.10
N ILE B 777 -24.22 -45.44 -69.24
CA ILE B 777 -24.24 -46.89 -69.42
C ILE B 777 -25.46 -47.46 -68.72
N PRO B 778 -26.45 -47.98 -69.47
CA PRO B 778 -27.62 -48.58 -68.82
C PRO B 778 -27.26 -49.91 -68.20
N MET B 779 -28.25 -50.66 -67.73
CA MET B 779 -27.96 -51.98 -67.18
C MET B 779 -27.24 -52.81 -68.24
N ASN B 780 -25.95 -53.04 -68.03
CA ASN B 780 -25.14 -53.84 -68.94
C ASN B 780 -24.45 -54.92 -68.13
N THR B 781 -24.36 -56.12 -68.73
CA THR B 781 -23.94 -57.28 -67.97
C THR B 781 -22.55 -57.10 -67.39
N ILE B 782 -21.58 -56.66 -68.21
CA ILE B 782 -20.24 -56.40 -67.69
C ILE B 782 -20.26 -55.19 -66.78
N ALA B 783 -20.98 -54.14 -67.16
CA ALA B 783 -21.07 -52.95 -66.32
C ALA B 783 -21.73 -53.25 -64.99
N GLU B 784 -22.84 -54.00 -65.02
CA GLU B 784 -23.49 -54.38 -63.77
C GLU B 784 -22.55 -55.23 -62.92
N ALA B 785 -21.85 -56.18 -63.54
CA ALA B 785 -20.94 -57.03 -62.79
C ALA B 785 -19.89 -56.20 -62.07
N VAL B 786 -19.21 -55.31 -62.79
CA VAL B 786 -18.18 -54.50 -62.15
C VAL B 786 -18.79 -53.62 -61.08
N ILE B 787 -20.07 -53.24 -61.24
CA ILE B 787 -20.75 -52.50 -60.18
C ILE B 787 -20.75 -53.31 -58.89
N GLU B 788 -21.16 -54.57 -58.96
CA GLU B 788 -21.18 -55.36 -57.72
C GLU B 788 -19.77 -55.62 -57.19
N MET B 789 -18.80 -55.92 -58.07
CA MET B 789 -17.46 -56.13 -57.52
C MET B 789 -16.83 -54.86 -56.98
N ILE B 790 -17.42 -53.68 -57.23
CA ILE B 790 -16.98 -52.46 -56.59
C ILE B 790 -17.76 -52.16 -55.32
N ASN B 791 -19.03 -52.57 -55.26
CA ASN B 791 -19.86 -52.25 -54.09
C ASN B 791 -19.25 -52.78 -52.80
N ARG B 792 -18.62 -53.96 -52.85
CA ARG B 792 -18.17 -54.62 -51.63
C ARG B 792 -16.86 -54.08 -51.09
N GLY B 793 -16.30 -53.03 -51.70
CA GLY B 793 -15.01 -52.55 -51.28
C GLY B 793 -13.84 -53.33 -51.80
N GLN B 794 -14.04 -54.15 -52.84
CA GLN B 794 -12.94 -54.87 -53.45
C GLN B 794 -11.92 -53.90 -54.03
N ILE B 795 -10.64 -54.30 -53.99
CA ILE B 795 -9.55 -53.39 -54.33
C ILE B 795 -9.71 -52.85 -55.76
N GLN B 796 -9.78 -53.74 -56.75
CA GLN B 796 -9.99 -53.36 -58.14
C GLN B 796 -10.13 -54.61 -58.99
N ILE B 797 -10.75 -54.49 -60.15
CA ILE B 797 -10.91 -55.62 -61.06
C ILE B 797 -10.46 -55.22 -62.44
N THR B 798 -10.27 -56.19 -63.34
CA THR B 798 -9.70 -55.92 -64.65
C THR B 798 -10.46 -56.74 -65.69
N ILE B 799 -11.07 -56.06 -66.64
CA ILE B 799 -11.87 -56.68 -67.69
C ILE B 799 -11.43 -56.12 -69.03
N ASN B 800 -11.29 -57.00 -70.02
CA ASN B 800 -10.92 -56.63 -71.39
C ASN B 800 -9.57 -55.93 -71.43
N GLY B 801 -8.68 -56.28 -70.52
CA GLY B 801 -7.37 -55.66 -70.47
C GLY B 801 -7.33 -54.29 -69.86
N PHE B 802 -8.45 -53.82 -69.31
CA PHE B 802 -8.53 -52.51 -68.69
C PHE B 802 -8.65 -52.68 -67.18
N SER B 803 -7.72 -52.09 -66.44
CA SER B 803 -7.77 -52.15 -64.98
C SER B 803 -8.87 -51.21 -64.50
N ILE B 804 -9.92 -51.79 -63.92
CA ILE B 804 -11.08 -51.05 -63.44
C ILE B 804 -10.85 -50.74 -61.97
N SER B 805 -10.80 -49.44 -61.65
CA SER B 805 -10.40 -49.00 -60.32
C SER B 805 -11.37 -47.96 -59.79
N ASN B 806 -11.34 -47.79 -58.47
CA ASN B 806 -12.09 -46.76 -57.77
C ASN B 806 -11.12 -45.68 -57.31
N GLY B 807 -11.63 -44.44 -57.23
CA GLY B 807 -10.77 -43.33 -56.85
C GLY B 807 -10.17 -43.49 -55.47
N LEU B 808 -10.83 -44.21 -54.58
CA LEU B 808 -10.38 -44.29 -53.19
C LEU B 808 -9.07 -45.03 -53.04
N ALA B 809 -8.80 -46.03 -53.89
CA ALA B 809 -7.60 -46.84 -53.75
C ALA B 809 -6.56 -46.53 -54.82
N THR B 810 -6.69 -45.42 -55.53
CA THR B 810 -5.71 -45.08 -56.55
C THR B 810 -4.34 -44.85 -55.94
N THR B 811 -4.29 -44.29 -54.73
CA THR B 811 -3.00 -44.08 -54.07
C THR B 811 -2.36 -45.41 -53.70
N GLN B 812 -3.15 -46.38 -53.28
CA GLN B 812 -2.61 -47.71 -52.99
C GLN B 812 -2.14 -48.40 -54.27
N ILE B 813 -2.86 -48.18 -55.37
CA ILE B 813 -2.42 -48.73 -56.65
C ILE B 813 -1.10 -48.12 -57.07
N ASN B 814 -1.03 -46.79 -57.08
CA ASN B 814 0.24 -46.08 -57.26
C ASN B 814 0.03 -44.67 -56.73
N ASN B 815 0.69 -44.36 -55.61
CA ASN B 815 0.58 -43.01 -55.05
C ASN B 815 0.99 -41.95 -56.07
N LYS B 816 1.96 -42.27 -56.92
CA LYS B 816 2.48 -41.27 -57.85
C LYS B 816 1.40 -40.82 -58.83
N ALA B 817 0.49 -41.71 -59.19
CA ALA B 817 -0.59 -41.33 -60.09
C ALA B 817 -1.46 -40.23 -59.48
N ALA B 818 -1.70 -40.29 -58.17
CA ALA B 818 -2.55 -39.32 -57.52
C ALA B 818 -1.81 -38.08 -57.04
N THR B 819 -0.50 -38.17 -56.83
CA THR B 819 0.28 -37.01 -56.42
C THR B 819 0.33 -35.92 -57.48
N GLY B 820 -0.30 -36.12 -58.63
CA GLY B 820 -0.30 -35.10 -59.66
C GLY B 820 0.92 -35.16 -60.56
N GLU B 821 2.07 -35.53 -59.99
CA GLU B 821 3.28 -35.62 -60.78
C GLU B 821 3.20 -36.67 -61.86
N GLU B 822 2.38 -37.71 -61.67
CA GLU B 822 2.29 -38.82 -62.60
C GLU B 822 0.85 -38.97 -63.08
N VAL B 823 0.70 -39.15 -64.39
CA VAL B 823 -0.62 -39.31 -64.99
C VAL B 823 -1.18 -40.68 -64.61
N PRO B 824 -2.44 -40.77 -64.20
CA PRO B 824 -3.03 -42.09 -63.93
C PRO B 824 -3.21 -42.89 -65.20
N ARG B 825 -3.29 -44.21 -65.04
CA ARG B 825 -3.39 -45.14 -66.15
C ARG B 825 -4.70 -45.90 -66.21
N THR B 826 -5.26 -46.26 -65.06
CA THR B 826 -6.40 -47.18 -65.01
C THR B 826 -7.68 -46.44 -65.34
N ILE B 827 -8.81 -47.11 -65.11
CA ILE B 827 -10.13 -46.51 -65.25
C ILE B 827 -10.73 -46.34 -63.86
N ILE B 828 -11.27 -45.16 -63.60
CA ILE B 828 -11.67 -44.77 -62.25
C ILE B 828 -13.17 -44.60 -62.18
N VAL B 829 -13.77 -45.15 -61.13
CA VAL B 829 -15.18 -45.02 -60.83
C VAL B 829 -15.31 -44.41 -59.44
N THR B 830 -16.38 -43.65 -59.24
CA THR B 830 -16.64 -43.01 -57.97
C THR B 830 -18.14 -43.05 -57.67
N THR B 831 -18.48 -43.10 -56.39
CA THR B 831 -19.85 -43.28 -55.95
C THR B 831 -20.20 -42.28 -54.87
N ARG B 832 -21.44 -41.77 -54.90
CA ARG B 832 -21.90 -40.90 -53.83
C ARG B 832 -21.90 -41.64 -52.49
N SER B 833 -22.52 -42.81 -52.45
CA SER B 833 -22.53 -43.59 -51.22
C SER B 833 -21.15 -44.11 -50.86
N GLN B 834 -20.18 -44.04 -51.78
CA GLN B 834 -18.80 -44.36 -51.43
C GLN B 834 -18.31 -43.46 -50.31
N TYR B 835 -18.90 -42.28 -50.17
CA TYR B 835 -18.73 -41.44 -49.00
C TYR B 835 -19.99 -41.37 -48.16
N GLY B 836 -20.90 -42.33 -48.33
CA GLY B 836 -22.13 -42.36 -47.58
C GLY B 836 -23.14 -41.32 -48.01
N LEU B 837 -22.98 -40.74 -49.18
CA LEU B 837 -23.87 -39.66 -49.59
C LEU B 837 -25.16 -40.22 -50.14
N PRO B 838 -26.31 -39.79 -49.62
CA PRO B 838 -27.58 -40.19 -50.21
C PRO B 838 -27.68 -39.72 -51.65
N GLU B 839 -28.39 -40.51 -52.46
CA GLU B 839 -28.36 -40.34 -53.91
C GLU B 839 -29.26 -39.24 -54.42
N ASP B 840 -30.17 -38.72 -53.60
CA ASP B 840 -31.14 -37.75 -54.08
C ASP B 840 -31.29 -36.58 -53.10
N ALA B 841 -30.16 -36.02 -52.69
CA ALA B 841 -30.13 -34.81 -51.89
C ALA B 841 -29.38 -33.71 -52.65
N ILE B 842 -29.90 -32.50 -52.59
CA ILE B 842 -29.22 -31.37 -53.23
C ILE B 842 -27.90 -31.11 -52.50
N VAL B 843 -26.80 -31.25 -53.21
CA VAL B 843 -25.48 -31.18 -52.61
C VAL B 843 -24.95 -29.76 -52.74
N TYR B 844 -24.95 -29.04 -51.64
CA TYR B 844 -24.22 -27.79 -51.51
C TYR B 844 -22.91 -28.06 -50.78
N CYS B 845 -21.82 -27.46 -51.26
CA CYS B 845 -20.53 -27.89 -50.78
C CYS B 845 -19.51 -26.76 -50.90
N ASN B 846 -18.35 -27.02 -50.32
CA ASN B 846 -17.13 -26.25 -50.49
C ASN B 846 -15.99 -27.08 -49.93
N PHE B 847 -14.77 -26.61 -50.13
CA PHE B 847 -13.63 -27.38 -49.66
C PHE B 847 -12.57 -26.52 -49.03
N ASN B 848 -12.81 -25.24 -48.85
CA ASN B 848 -11.79 -24.35 -48.33
C ASN B 848 -11.45 -24.74 -46.90
N GLN B 849 -10.31 -24.25 -46.45
CA GLN B 849 -9.89 -24.55 -45.10
C GLN B 849 -10.96 -24.08 -44.13
N LEU B 850 -11.02 -24.75 -42.98
CA LEU B 850 -12.16 -24.57 -42.10
C LEU B 850 -12.23 -23.14 -41.59
N TYR B 851 -11.09 -22.57 -41.20
CA TYR B 851 -11.12 -21.32 -40.46
C TYR B 851 -11.73 -20.16 -41.24
N LYS B 852 -11.85 -20.26 -42.55
CA LYS B 852 -12.43 -19.18 -43.34
C LYS B 852 -13.95 -19.25 -43.37
N ILE B 853 -14.55 -19.39 -42.19
CA ILE B 853 -16.00 -19.43 -42.01
C ILE B 853 -16.35 -18.64 -40.76
N ASP B 854 -17.43 -17.86 -40.83
CA ASP B 854 -17.84 -17.12 -39.63
C ASP B 854 -19.26 -17.49 -39.25
N PRO B 855 -19.75 -17.05 -38.09
CA PRO B 855 -21.17 -17.26 -37.78
C PRO B 855 -22.11 -16.68 -38.82
N SER B 856 -21.79 -15.50 -39.35
CA SER B 856 -22.75 -14.80 -40.20
C SER B 856 -23.01 -15.54 -41.50
N THR B 857 -21.95 -15.90 -42.20
CA THR B 857 -22.14 -16.72 -43.37
C THR B 857 -22.78 -18.05 -43.00
N LEU B 858 -22.48 -18.56 -41.80
CA LEU B 858 -23.13 -19.78 -41.38
C LEU B 858 -24.63 -19.61 -41.30
N GLN B 859 -25.09 -18.43 -40.88
CA GLN B 859 -26.51 -18.11 -40.98
C GLN B 859 -26.96 -18.15 -42.43
N MET B 860 -26.09 -17.72 -43.35
CA MET B 860 -26.48 -17.75 -44.76
C MET B 860 -26.74 -19.18 -45.23
N TRP B 861 -25.79 -20.10 -45.00
CA TRP B 861 -26.09 -21.48 -45.34
C TRP B 861 -27.29 -21.99 -44.55
N ALA B 862 -27.46 -21.53 -43.32
CA ALA B 862 -28.62 -21.96 -42.55
C ALA B 862 -29.90 -21.67 -43.30
N ASN B 863 -30.04 -20.44 -43.79
CA ASN B 863 -31.25 -20.05 -44.50
C ASN B 863 -31.45 -20.88 -45.75
N ILE B 864 -30.41 -20.96 -46.60
CA ILE B 864 -30.60 -21.67 -47.86
C ILE B 864 -30.88 -23.15 -47.62
N LEU B 865 -30.14 -23.78 -46.70
CA LEU B 865 -30.35 -25.20 -46.47
C LEU B 865 -31.74 -25.47 -45.92
N LYS B 866 -32.24 -24.57 -45.07
CA LYS B 866 -33.61 -24.72 -44.59
C LYS B 866 -34.61 -24.64 -45.73
N ARG B 867 -34.40 -23.72 -46.66
CA ARG B 867 -35.44 -23.58 -47.67
C ARG B 867 -35.38 -24.65 -48.74
N VAL B 868 -34.65 -25.75 -48.59
CA VAL B 868 -34.72 -26.87 -49.51
C VAL B 868 -34.83 -28.15 -48.68
N PRO B 869 -35.85 -28.97 -48.89
CA PRO B 869 -36.01 -30.18 -48.06
C PRO B 869 -34.92 -31.20 -48.26
N ASN B 870 -34.72 -31.64 -49.51
CA ASN B 870 -33.73 -32.67 -49.83
C ASN B 870 -32.39 -32.03 -50.15
N SER B 871 -31.85 -31.35 -49.14
CA SER B 871 -30.60 -30.60 -49.27
C SER B 871 -29.57 -31.14 -48.30
N VAL B 872 -28.31 -31.15 -48.73
CA VAL B 872 -27.20 -31.59 -47.88
C VAL B 872 -26.04 -30.62 -48.08
N LEU B 873 -25.35 -30.30 -46.98
CA LEU B 873 -24.17 -29.46 -47.02
C LEU B 873 -22.94 -30.33 -46.81
N TRP B 874 -22.01 -30.23 -47.74
CA TRP B 874 -20.81 -31.05 -47.73
C TRP B 874 -19.63 -30.20 -47.28
N LEU B 875 -18.82 -30.73 -46.36
CA LEU B 875 -17.71 -30.01 -45.78
C LEU B 875 -16.50 -30.93 -45.70
N LEU B 876 -15.45 -30.45 -45.02
CA LEU B 876 -14.30 -31.26 -44.68
C LEU B 876 -13.91 -31.02 -43.23
N ARG B 877 -13.47 -32.09 -42.56
CA ARG B 877 -12.99 -32.01 -41.18
C ARG B 877 -11.50 -31.65 -41.19
N PHE B 878 -11.24 -30.44 -41.67
CA PHE B 878 -9.88 -29.96 -41.95
C PHE B 878 -9.66 -28.64 -41.24
N PRO B 879 -9.22 -28.66 -39.97
CA PRO B 879 -8.90 -29.83 -39.16
C PRO B 879 -10.15 -30.46 -38.59
N ALA B 880 -10.01 -31.66 -38.02
CA ALA B 880 -11.17 -32.38 -37.51
C ALA B 880 -11.63 -31.86 -36.15
N VAL B 881 -10.79 -31.10 -35.45
CA VAL B 881 -11.14 -30.63 -34.12
C VAL B 881 -12.27 -29.62 -34.12
N GLY B 882 -12.70 -29.16 -35.30
CA GLY B 882 -13.76 -28.17 -35.37
C GLY B 882 -15.14 -28.75 -35.57
N GLU B 883 -15.24 -30.03 -35.93
CA GLU B 883 -16.53 -30.65 -36.17
C GLU B 883 -17.49 -30.52 -34.98
N PRO B 884 -17.11 -30.79 -33.74
CA PRO B 884 -18.07 -30.62 -32.65
C PRO B 884 -18.60 -29.20 -32.54
N ASN B 885 -17.73 -28.21 -32.76
CA ASN B 885 -18.13 -26.82 -32.55
C ASN B 885 -19.12 -26.37 -33.62
N ILE B 886 -18.86 -26.74 -34.87
CA ILE B 886 -19.82 -26.42 -35.92
C ILE B 886 -21.11 -27.20 -35.72
N GLN B 887 -21.00 -28.44 -35.23
CA GLN B 887 -22.19 -29.24 -34.97
C GLN B 887 -23.10 -28.52 -33.98
N GLN B 888 -22.51 -27.95 -32.93
CA GLN B 888 -23.28 -27.22 -31.93
C GLN B 888 -24.13 -26.14 -32.58
N TYR B 889 -23.51 -25.28 -33.38
CA TYR B 889 -24.25 -24.19 -34.00
C TYR B 889 -25.18 -24.68 -35.10
N ALA B 890 -24.95 -25.89 -35.63
CA ALA B 890 -25.82 -26.41 -36.68
C ALA B 890 -27.25 -26.57 -36.17
N GLN B 891 -27.42 -27.19 -35.01
CA GLN B 891 -28.73 -27.27 -34.39
C GLN B 891 -29.06 -26.03 -33.56
N ASN B 892 -28.08 -25.22 -33.20
CA ASN B 892 -28.39 -23.99 -32.49
C ASN B 892 -29.26 -23.08 -33.34
N MET B 893 -28.97 -23.00 -34.63
CA MET B 893 -29.90 -22.42 -35.59
C MET B 893 -30.84 -23.47 -36.17
N GLY B 894 -30.87 -24.66 -35.59
CA GLY B 894 -31.92 -25.61 -35.89
C GLY B 894 -31.73 -26.44 -37.13
N LEU B 895 -30.64 -27.20 -37.19
CA LEU B 895 -30.48 -28.15 -38.27
C LEU B 895 -30.16 -29.53 -37.71
N PRO B 896 -30.60 -30.58 -38.37
CA PRO B 896 -30.28 -31.94 -37.92
C PRO B 896 -28.83 -32.28 -38.18
N GLN B 897 -28.34 -33.28 -37.44
CA GLN B 897 -26.99 -33.79 -37.60
C GLN B 897 -26.89 -34.82 -38.71
N ASN B 898 -27.84 -34.85 -39.63
CA ASN B 898 -27.72 -35.66 -40.83
C ASN B 898 -27.83 -34.85 -42.12
N ARG B 899 -28.21 -33.58 -42.06
CA ARG B 899 -28.30 -32.76 -43.25
C ARG B 899 -26.95 -32.23 -43.70
N ILE B 900 -25.90 -32.41 -42.91
CA ILE B 900 -24.55 -31.97 -43.25
C ILE B 900 -23.60 -33.14 -43.11
N ILE B 901 -22.81 -33.39 -44.14
CA ILE B 901 -21.89 -34.51 -44.17
C ILE B 901 -20.50 -33.99 -44.51
N PHE B 902 -19.50 -34.42 -43.74
CA PHE B 902 -18.14 -33.93 -43.92
C PHE B 902 -17.18 -35.11 -44.06
N SER B 903 -16.38 -35.07 -45.12
CA SER B 903 -15.48 -36.16 -45.48
C SER B 903 -14.12 -35.92 -44.83
N PRO B 904 -13.18 -36.86 -44.95
CA PRO B 904 -11.81 -36.59 -44.49
C PRO B 904 -10.95 -36.00 -45.59
N VAL B 905 -9.72 -35.64 -45.25
CA VAL B 905 -8.81 -35.01 -46.19
C VAL B 905 -8.39 -36.03 -47.24
N ALA B 906 -8.38 -35.61 -48.50
CA ALA B 906 -7.94 -36.50 -49.56
C ALA B 906 -6.87 -35.81 -50.41
N PRO B 907 -5.81 -36.52 -50.78
CA PRO B 907 -4.78 -35.93 -51.64
C PRO B 907 -5.34 -35.39 -52.95
N LYS B 908 -4.46 -34.70 -53.67
CA LYS B 908 -4.88 -33.68 -54.63
C LYS B 908 -5.80 -34.25 -55.70
N GLU B 909 -5.39 -35.34 -56.35
CA GLU B 909 -6.12 -35.82 -57.52
C GLU B 909 -7.54 -36.21 -57.15
N GLU B 910 -7.71 -37.06 -56.14
CA GLU B 910 -9.05 -37.43 -55.73
C GLU B 910 -9.73 -36.30 -54.97
N HIS B 911 -8.94 -35.40 -54.38
CA HIS B 911 -9.52 -34.19 -53.80
C HIS B 911 -10.32 -33.43 -54.84
N VAL B 912 -9.73 -33.21 -56.01
CA VAL B 912 -10.46 -32.52 -57.06
C VAL B 912 -11.47 -33.44 -57.72
N ARG B 913 -11.25 -34.75 -57.70
CA ARG B 913 -12.20 -35.64 -58.37
C ARG B 913 -13.50 -35.77 -57.58
N ARG B 914 -13.43 -35.90 -56.27
CA ARG B 914 -14.64 -36.15 -55.50
C ARG B 914 -15.60 -34.97 -55.55
N GLY B 915 -15.14 -33.82 -56.02
CA GLY B 915 -16.06 -32.72 -56.22
C GLY B 915 -17.05 -32.97 -57.34
N GLN B 916 -16.69 -33.80 -58.31
CA GLN B 916 -17.56 -34.02 -59.46
C GLN B 916 -18.88 -34.66 -59.05
N LEU B 917 -18.91 -35.37 -57.93
CA LEU B 917 -20.14 -35.98 -57.46
C LEU B 917 -21.10 -34.96 -56.89
N ALA B 918 -20.57 -33.83 -56.41
CA ALA B 918 -21.40 -32.83 -55.76
C ALA B 918 -22.29 -32.11 -56.77
N ASP B 919 -23.26 -31.36 -56.24
CA ASP B 919 -24.21 -30.65 -57.09
C ASP B 919 -23.76 -29.21 -57.34
N VAL B 920 -23.63 -28.42 -56.29
CA VAL B 920 -23.30 -27.01 -56.43
C VAL B 920 -22.40 -26.61 -55.27
N CYS B 921 -21.25 -26.01 -55.57
CA CYS B 921 -20.41 -25.52 -54.51
C CYS B 921 -20.80 -24.09 -54.13
N LEU B 922 -20.40 -23.68 -52.94
CA LEU B 922 -20.75 -22.35 -52.45
C LEU B 922 -19.50 -21.68 -51.92
N ASP B 923 -19.46 -20.35 -52.01
CA ASP B 923 -18.26 -19.60 -51.65
C ASP B 923 -18.32 -19.12 -50.21
N THR B 924 -17.13 -18.86 -49.65
CA THR B 924 -17.04 -18.21 -48.36
C THR B 924 -16.82 -16.72 -48.59
N PRO B 925 -17.78 -15.87 -48.25
CA PRO B 925 -17.65 -14.44 -48.54
C PRO B 925 -16.57 -13.73 -47.75
N LEU B 926 -16.10 -14.28 -46.63
CA LEU B 926 -15.08 -13.56 -45.87
C LEU B 926 -13.78 -13.43 -46.65
N CYS B 927 -13.33 -14.52 -47.28
CA CYS B 927 -12.19 -14.47 -48.20
C CYS B 927 -12.14 -15.74 -49.05
N ASN B 928 -12.18 -15.57 -50.37
CA ASN B 928 -12.46 -16.68 -51.25
C ASN B 928 -11.30 -17.67 -51.29
N GLY B 929 -11.63 -18.89 -51.72
CA GLY B 929 -10.62 -19.90 -51.92
C GLY B 929 -9.85 -19.69 -53.21
N HIS B 930 -8.59 -19.29 -53.07
CA HIS B 930 -7.83 -18.85 -54.22
C HIS B 930 -7.70 -19.97 -55.25
N THR B 931 -7.30 -21.15 -54.80
CA THR B 931 -7.04 -22.25 -55.72
C THR B 931 -8.22 -23.18 -55.82
N THR B 932 -8.92 -23.39 -54.71
CA THR B 932 -9.97 -24.39 -54.66
C THR B 932 -11.09 -24.06 -55.63
N GLY B 933 -11.48 -22.79 -55.70
CA GLY B 933 -12.50 -22.40 -56.65
C GLY B 933 -12.11 -22.78 -58.06
N MET B 934 -10.83 -22.61 -58.39
CA MET B 934 -10.36 -23.06 -59.69
C MET B 934 -10.56 -24.57 -59.84
N ASP B 935 -10.32 -25.32 -58.77
CA ASP B 935 -10.49 -26.77 -58.85
C ASP B 935 -11.91 -27.12 -59.25
N VAL B 936 -12.88 -26.58 -58.51
CA VAL B 936 -14.26 -26.97 -58.75
C VAL B 936 -14.71 -26.45 -60.11
N LEU B 937 -14.22 -25.27 -60.52
CA LEU B 937 -14.54 -24.78 -61.84
C LEU B 937 -14.04 -25.73 -62.91
N TRP B 938 -12.81 -26.20 -62.77
CA TRP B 938 -12.28 -27.16 -63.73
C TRP B 938 -13.10 -28.44 -63.74
N ALA B 939 -13.57 -28.86 -62.57
CA ALA B 939 -14.38 -30.06 -62.47
C ALA B 939 -15.71 -29.93 -63.20
N GLY B 940 -16.11 -28.72 -63.57
CA GLY B 940 -17.36 -28.54 -64.25
C GLY B 940 -18.55 -28.28 -63.36
N THR B 941 -18.41 -28.45 -62.05
CA THR B 941 -19.51 -28.11 -61.15
C THR B 941 -19.67 -26.60 -61.11
N PRO B 942 -20.90 -26.10 -60.94
CA PRO B 942 -21.09 -24.65 -60.90
C PRO B 942 -20.55 -24.03 -59.62
N MET B 943 -20.42 -22.71 -59.67
CA MET B 943 -19.89 -21.95 -58.57
C MET B 943 -20.59 -20.60 -58.54
N VAL B 944 -20.82 -20.09 -57.33
CA VAL B 944 -21.54 -18.84 -57.15
C VAL B 944 -20.93 -18.07 -55.98
N THR B 945 -20.82 -16.76 -56.14
CA THR B 945 -20.17 -15.94 -55.13
C THR B 945 -20.68 -14.51 -55.22
N MET B 946 -20.35 -13.74 -54.18
CA MET B 946 -20.60 -12.32 -54.14
C MET B 946 -19.29 -11.60 -53.85
N PRO B 947 -18.93 -10.59 -54.65
CA PRO B 947 -17.68 -9.89 -54.40
C PRO B 947 -17.71 -9.21 -53.04
N GLY B 948 -16.58 -9.26 -52.35
CA GLY B 948 -16.45 -8.50 -51.13
C GLY B 948 -15.94 -7.12 -51.46
N GLU B 949 -14.94 -6.67 -50.71
CA GLU B 949 -14.38 -5.34 -50.93
C GLU B 949 -12.86 -5.37 -50.90
N THR B 950 -12.27 -6.46 -50.42
CA THR B 950 -10.83 -6.60 -50.49
C THR B 950 -10.45 -7.38 -51.73
N LEU B 951 -9.18 -7.27 -52.12
CA LEU B 951 -8.70 -8.00 -53.29
C LEU B 951 -8.93 -9.49 -53.12
N ALA B 952 -8.56 -10.01 -51.94
CA ALA B 952 -8.83 -11.40 -51.61
C ALA B 952 -10.30 -11.72 -51.81
N SER B 953 -11.16 -10.89 -51.23
CA SER B 953 -12.60 -11.12 -51.38
C SER B 953 -13.01 -11.03 -52.83
N ARG B 954 -12.46 -10.07 -53.57
CA ARG B 954 -12.87 -9.87 -54.94
C ARG B 954 -12.41 -10.98 -55.87
N VAL B 955 -11.55 -11.88 -55.40
CA VAL B 955 -10.96 -12.87 -56.30
C VAL B 955 -12.03 -13.68 -57.01
N ALA B 956 -13.03 -14.15 -56.25
CA ALA B 956 -13.87 -15.24 -56.74
C ALA B 956 -14.60 -14.88 -58.03
N ALA B 957 -15.09 -13.66 -58.12
CA ALA B 957 -15.83 -13.27 -59.32
C ALA B 957 -14.91 -13.21 -60.52
N SER B 958 -13.60 -13.12 -60.30
CA SER B 958 -12.68 -12.96 -61.42
C SER B 958 -12.75 -14.15 -62.36
N GLN B 959 -12.73 -15.35 -61.80
CA GLN B 959 -12.76 -16.55 -62.63
C GLN B 959 -14.06 -16.63 -63.41
N LEU B 960 -15.17 -16.33 -62.75
CA LEU B 960 -16.45 -16.37 -63.41
C LEU B 960 -16.52 -15.37 -64.55
N THR B 961 -16.01 -14.16 -64.31
CA THR B 961 -15.97 -13.16 -65.36
C THR B 961 -15.13 -13.63 -66.53
N CYS B 962 -13.99 -14.26 -66.25
CA CYS B 962 -13.21 -14.87 -67.33
C CYS B 962 -13.99 -15.94 -68.04
N LEU B 963 -14.89 -16.62 -67.32
CA LEU B 963 -15.79 -17.58 -67.94
C LEU B 963 -17.01 -16.93 -68.55
N GLY B 964 -17.27 -15.67 -68.25
CA GLY B 964 -18.40 -14.98 -68.85
C GLY B 964 -19.74 -15.57 -68.45
N CYS B 965 -19.93 -15.82 -67.16
CA CYS B 965 -21.21 -16.23 -66.61
C CYS B 965 -21.56 -15.27 -65.49
N LEU B 966 -22.10 -14.11 -65.86
CA LEU B 966 -22.28 -13.02 -64.90
C LEU B 966 -23.39 -13.32 -63.90
N GLU B 967 -24.41 -14.07 -64.32
CA GLU B 967 -25.55 -14.30 -63.44
C GLU B 967 -25.15 -15.06 -62.19
N LEU B 968 -24.05 -15.80 -62.23
CA LEU B 968 -23.58 -16.55 -61.08
C LEU B 968 -22.92 -15.66 -60.05
N ILE B 969 -23.00 -14.35 -60.21
CA ILE B 969 -22.42 -13.40 -59.28
C ILE B 969 -23.54 -12.64 -58.61
N ALA B 970 -23.47 -12.53 -57.29
CA ALA B 970 -24.44 -11.77 -56.52
C ALA B 970 -23.89 -10.37 -56.23
N LYS B 971 -24.78 -9.52 -55.71
CA LYS B 971 -24.39 -8.20 -55.25
C LYS B 971 -24.73 -7.95 -53.79
N ASN B 972 -25.64 -8.72 -53.21
CA ASN B 972 -25.94 -8.63 -51.79
C ASN B 972 -26.19 -10.02 -51.25
N ARG B 973 -26.15 -10.12 -49.92
CA ARG B 973 -26.28 -11.41 -49.26
C ARG B 973 -27.63 -12.05 -49.59
N GLN B 974 -28.68 -11.24 -49.65
CA GLN B 974 -29.99 -11.73 -50.05
C GLN B 974 -29.96 -12.26 -51.48
N GLU B 975 -29.25 -11.56 -52.37
CA GLU B 975 -29.10 -12.07 -53.73
C GLU B 975 -28.45 -13.44 -53.72
N TYR B 976 -27.46 -13.63 -52.85
CA TYR B 976 -26.79 -14.92 -52.77
C TYR B 976 -27.79 -16.00 -52.39
N GLU B 977 -28.61 -15.73 -51.37
CA GLU B 977 -29.60 -16.70 -50.96
C GLU B 977 -30.61 -16.96 -52.06
N ASP B 978 -31.07 -15.91 -52.73
CA ASP B 978 -32.08 -16.06 -53.77
C ASP B 978 -31.54 -16.86 -54.94
N ILE B 979 -30.29 -16.61 -55.32
CA ILE B 979 -29.68 -17.38 -56.41
C ILE B 979 -29.57 -18.84 -56.01
N ALA B 980 -29.14 -19.10 -54.79
CA ALA B 980 -29.02 -20.49 -54.34
C ALA B 980 -30.38 -21.18 -54.35
N VAL B 981 -31.43 -20.48 -53.88
CA VAL B 981 -32.77 -21.05 -53.90
C VAL B 981 -33.23 -21.30 -55.33
N LYS B 982 -33.04 -20.31 -56.21
CA LYS B 982 -33.50 -20.42 -57.58
C LYS B 982 -32.83 -21.57 -58.30
N LEU B 983 -31.53 -21.75 -58.11
CA LEU B 983 -30.85 -22.89 -58.70
C LEU B 983 -31.34 -24.19 -58.09
N GLY B 984 -31.32 -24.29 -56.76
CA GLY B 984 -31.68 -25.55 -56.11
C GLY B 984 -33.07 -26.02 -56.47
N THR B 985 -34.00 -25.08 -56.63
CA THR B 985 -35.34 -25.43 -57.08
C THR B 985 -35.35 -25.86 -58.55
N ASP B 986 -34.64 -25.10 -59.40
CA ASP B 986 -34.66 -25.34 -60.83
C ASP B 986 -33.63 -26.40 -61.16
N LEU B 987 -34.03 -27.67 -61.05
CA LEU B 987 -33.11 -28.77 -61.32
C LEU B 987 -32.71 -28.82 -62.80
N GLU B 988 -33.67 -28.53 -63.70
CA GLU B 988 -33.35 -28.54 -65.12
C GLU B 988 -32.28 -27.52 -65.47
N TYR B 989 -32.43 -26.30 -64.95
CA TYR B 989 -31.42 -25.29 -65.21
C TYR B 989 -30.09 -25.65 -64.54
N LEU B 990 -30.14 -26.31 -63.38
CA LEU B 990 -28.91 -26.81 -62.79
C LEU B 990 -28.20 -27.77 -63.72
N LYS B 991 -28.95 -28.68 -64.34
CA LYS B 991 -28.37 -29.60 -65.31
C LYS B 991 -27.65 -28.83 -66.39
N LYS B 992 -28.31 -27.84 -66.98
CA LYS B 992 -27.67 -27.11 -68.06
C LYS B 992 -26.63 -26.13 -67.54
N VAL B 993 -26.62 -25.85 -66.24
CA VAL B 993 -25.56 -25.05 -65.65
C VAL B 993 -24.27 -25.86 -65.62
N ARG B 994 -24.34 -27.07 -65.06
CA ARG B 994 -23.21 -27.98 -65.17
C ARG B 994 -22.80 -28.14 -66.63
N GLY B 995 -23.80 -28.19 -67.52
CA GLY B 995 -23.51 -28.15 -68.94
C GLY B 995 -22.61 -27.00 -69.31
N LYS B 996 -23.11 -25.76 -69.19
CA LYS B 996 -22.38 -24.63 -69.77
C LYS B 996 -21.03 -24.42 -69.08
N VAL B 997 -20.91 -24.80 -67.81
CA VAL B 997 -19.59 -24.78 -67.20
C VAL B 997 -18.68 -25.75 -67.92
N TRP B 998 -19.17 -26.96 -68.21
CA TRP B 998 -18.38 -27.93 -68.95
C TRP B 998 -18.09 -27.46 -70.37
N LYS B 999 -19.08 -26.84 -71.01
CA LYS B 999 -18.93 -26.37 -72.38
C LYS B 999 -17.94 -25.23 -72.49
N GLN B 1000 -17.92 -24.34 -71.50
CA GLN B 1000 -16.96 -23.23 -71.52
C GLN B 1000 -15.57 -23.69 -71.15
N ARG B 1001 -15.44 -24.60 -70.18
CA ARG B 1001 -14.11 -24.94 -69.66
C ARG B 1001 -13.19 -25.43 -70.76
N ILE B 1002 -13.73 -26.04 -71.81
CA ILE B 1002 -12.89 -26.46 -72.92
C ILE B 1002 -12.60 -25.28 -73.84
N SER B 1003 -13.54 -24.35 -73.96
CA SER B 1003 -13.39 -23.19 -74.82
C SER B 1003 -12.93 -21.94 -74.07
N SER B 1004 -12.77 -22.03 -72.76
CA SER B 1004 -12.48 -20.83 -71.97
C SER B 1004 -11.06 -20.33 -72.23
N PRO B 1005 -10.85 -19.01 -72.14
CA PRO B 1005 -9.49 -18.48 -72.18
C PRO B 1005 -8.71 -18.69 -70.90
N LEU B 1006 -9.29 -19.36 -69.91
CA LEU B 1006 -8.63 -19.59 -68.64
C LEU B 1006 -7.46 -20.56 -68.76
N PHE B 1007 -7.31 -21.23 -69.90
CA PHE B 1007 -6.34 -22.30 -70.02
C PHE B 1007 -5.34 -22.11 -71.15
N ASN B 1008 -5.51 -21.07 -71.97
CA ASN B 1008 -4.56 -20.81 -73.05
C ASN B 1008 -3.27 -20.24 -72.48
N THR B 1009 -2.56 -21.13 -71.76
CA THR B 1009 -1.30 -20.74 -71.14
C THR B 1009 -0.33 -20.18 -72.17
N LYS B 1010 -0.44 -20.65 -73.41
CA LYS B 1010 0.30 -20.03 -74.50
C LYS B 1010 0.01 -18.54 -74.54
N GLN B 1011 -1.27 -18.20 -74.56
CA GLN B 1011 -1.68 -16.80 -74.63
C GLN B 1011 -1.32 -16.06 -73.36
N TYR B 1012 -1.46 -16.74 -72.22
CA TYR B 1012 -1.14 -16.09 -70.95
C TYR B 1012 0.32 -15.67 -70.92
N THR B 1013 1.22 -16.58 -71.30
CA THR B 1013 2.63 -16.22 -71.36
C THR B 1013 2.86 -15.14 -72.42
N MET B 1014 2.16 -15.23 -73.54
CA MET B 1014 2.28 -14.22 -74.59
C MET B 1014 2.00 -12.83 -74.05
N GLU B 1015 0.81 -12.62 -73.51
CA GLU B 1015 0.43 -11.31 -72.99
C GLU B 1015 1.35 -10.92 -71.84
N LEU B 1016 1.77 -11.90 -71.04
CA LEU B 1016 2.62 -11.59 -69.90
C LEU B 1016 3.94 -10.99 -70.36
N GLU B 1017 4.62 -11.67 -71.30
CA GLU B 1017 5.89 -11.18 -71.80
C GLU B 1017 5.73 -9.84 -72.49
N ARG B 1018 4.67 -9.70 -73.29
CA ARG B 1018 4.42 -8.44 -73.96
C ARG B 1018 4.26 -7.30 -72.96
N LEU B 1019 3.56 -7.58 -71.86
CA LEU B 1019 3.41 -6.57 -70.83
C LEU B 1019 4.74 -6.24 -70.17
N TYR B 1020 5.60 -7.24 -69.95
CA TYR B 1020 6.93 -6.95 -69.44
C TYR B 1020 7.64 -5.97 -70.36
N LEU B 1021 7.59 -6.23 -71.66
CA LEU B 1021 8.34 -5.42 -72.60
C LEU B 1021 7.81 -3.99 -72.62
N GLN B 1022 6.48 -3.83 -72.51
CA GLN B 1022 5.92 -2.49 -72.39
C GLN B 1022 6.43 -1.80 -71.14
N MET B 1023 6.47 -2.53 -70.03
CA MET B 1023 6.97 -1.98 -68.79
C MET B 1023 8.41 -1.53 -68.93
N TRP B 1024 9.24 -2.38 -69.55
CA TRP B 1024 10.65 -2.08 -69.67
C TRP B 1024 10.89 -0.93 -70.64
N GLU B 1025 10.08 -0.84 -71.69
CA GLU B 1025 10.23 0.26 -72.62
C GLU B 1025 9.82 1.58 -71.99
N HIS B 1026 8.80 1.55 -71.12
CA HIS B 1026 8.51 2.75 -70.35
C HIS B 1026 9.66 3.11 -69.43
N TYR B 1027 10.29 2.09 -68.83
CA TYR B 1027 11.42 2.37 -67.95
C TYR B 1027 12.64 2.85 -68.73
N ALA B 1028 12.76 2.44 -70.00
CA ALA B 1028 13.87 2.91 -70.81
C ALA B 1028 13.84 4.42 -70.94
N ALA B 1029 12.65 5.02 -70.90
CA ALA B 1029 12.53 6.47 -70.79
C ALA B 1029 12.93 6.97 -69.41
N GLY B 1030 13.14 6.08 -68.45
CA GLY B 1030 13.47 6.50 -67.11
C GLY B 1030 12.31 7.03 -66.32
N ASN B 1031 11.09 6.92 -66.84
CA ASN B 1031 9.93 7.50 -66.19
C ASN B 1031 9.56 6.71 -64.94
N LYS B 1032 8.95 7.42 -63.99
CA LYS B 1032 8.56 6.81 -62.74
C LYS B 1032 7.47 5.77 -62.97
N PRO B 1033 7.42 4.72 -62.15
CA PRO B 1033 6.37 3.70 -62.31
C PRO B 1033 4.99 4.32 -62.16
N ASP B 1034 4.05 3.83 -62.96
CA ASP B 1034 2.70 4.37 -62.94
C ASP B 1034 1.73 3.27 -63.31
N HIS B 1035 0.45 3.57 -63.12
CA HIS B 1035 -0.60 2.57 -63.26
C HIS B 1035 -0.80 2.22 -64.73
N MET B 1036 -0.07 1.21 -65.21
CA MET B 1036 -0.08 0.90 -66.63
C MET B 1036 -1.36 0.22 -67.06
N ILE B 1037 -2.45 0.95 -67.02
CA ILE B 1037 -3.75 0.48 -67.50
C ILE B 1037 -3.73 0.44 -69.02
N LYS B 1038 -4.58 -0.42 -69.58
CA LYS B 1038 -4.79 -0.57 -71.03
C LYS B 1038 -3.45 -0.81 -71.70
N PRO B 1039 -2.92 -2.05 -71.66
CA PRO B 1039 -1.66 -2.39 -72.30
C PRO B 1039 -1.73 -2.34 -73.82
#